data_5XUO
# 
_entry.id   5XUO 
# 
_audit_conform.dict_name       mmcif_pdbx.dic 
_audit_conform.dict_version    5.387 
_audit_conform.dict_location   http://mmcif.pdb.org/dictionaries/ascii/mmcif_pdbx.dic 
# 
loop_
_database_2.database_id 
_database_2.database_code 
_database_2.pdbx_database_accession 
_database_2.pdbx_DOI 
PDB   5XUO         pdb_00005xuo 10.2210/pdb5xuo/pdb 
WWPDB D_1300003878 ?            ?                   
# 
loop_
_pdbx_audit_revision_history.ordinal 
_pdbx_audit_revision_history.data_content_type 
_pdbx_audit_revision_history.major_revision 
_pdbx_audit_revision_history.minor_revision 
_pdbx_audit_revision_history.revision_date 
1 'Structure model' 1 0 2018-05-02 
2 'Structure model' 1 1 2018-05-30 
3 'Structure model' 1 2 2024-03-27 
# 
_pdbx_audit_revision_details.ordinal             1 
_pdbx_audit_revision_details.revision_ordinal    1 
_pdbx_audit_revision_details.data_content_type   'Structure model' 
_pdbx_audit_revision_details.provider            repository 
_pdbx_audit_revision_details.type                'Initial release' 
_pdbx_audit_revision_details.description         ? 
_pdbx_audit_revision_details.details             ? 
# 
loop_
_pdbx_audit_revision_group.ordinal 
_pdbx_audit_revision_group.revision_ordinal 
_pdbx_audit_revision_group.data_content_type 
_pdbx_audit_revision_group.group 
1 2 'Structure model' 'Data collection'     
2 2 'Structure model' 'Database references' 
3 3 'Structure model' 'Data collection'     
4 3 'Structure model' 'Database references' 
# 
loop_
_pdbx_audit_revision_category.ordinal 
_pdbx_audit_revision_category.revision_ordinal 
_pdbx_audit_revision_category.data_content_type 
_pdbx_audit_revision_category.category 
1 2 'Structure model' citation        
2 2 'Structure model' citation_author 
3 3 'Structure model' chem_comp_atom  
4 3 'Structure model' chem_comp_bond  
5 3 'Structure model' database_2      
# 
loop_
_pdbx_audit_revision_item.ordinal 
_pdbx_audit_revision_item.revision_ordinal 
_pdbx_audit_revision_item.data_content_type 
_pdbx_audit_revision_item.item 
1  2 'Structure model' '_citation.country'                   
2  2 'Structure model' '_citation.journal_abbrev'            
3  2 'Structure model' '_citation.journal_id_CSD'            
4  2 'Structure model' '_citation.journal_id_ISSN'           
5  2 'Structure model' '_citation.journal_volume'            
6  2 'Structure model' '_citation.page_first'                
7  2 'Structure model' '_citation.page_last'                 
8  2 'Structure model' '_citation.pdbx_database_id_DOI'      
9  2 'Structure model' '_citation.pdbx_database_id_PubMed'   
10 2 'Structure model' '_citation.title'                     
11 2 'Structure model' '_citation.year'                      
12 2 'Structure model' '_citation_author.name'               
13 3 'Structure model' '_database_2.pdbx_DOI'                
14 3 'Structure model' '_database_2.pdbx_database_accession' 
# 
_pdbx_database_status.status_code                     REL 
_pdbx_database_status.status_code_sf                  REL 
_pdbx_database_status.status_code_mr                  ? 
_pdbx_database_status.entry_id                        5XUO 
_pdbx_database_status.recvd_initial_deposition_date   2017-06-24 
_pdbx_database_status.SG_entry                        N 
_pdbx_database_status.deposit_site                    PDBJ 
_pdbx_database_status.process_site                    PDBJ 
_pdbx_database_status.status_code_cs                  ? 
_pdbx_database_status.methods_development_category    ? 
_pdbx_database_status.pdb_format_compatible           Y 
_pdbx_database_status.status_code_nmr_data            ? 
# 
loop_
_audit_author.name 
_audit_author.pdbx_ordinal 
_audit_author.identifier_ORCID 
'Yu, M.J.'  1 ? 
'Gu, Y.J.'  2 ? 
'Dou, C.'   3 ? 
'Cheng, W.' 4 ? 
# 
_citation.abstract                  ? 
_citation.abstract_id_CAS           ? 
_citation.book_id_ISBN              ? 
_citation.book_publisher            ? 
_citation.book_publisher_city       ? 
_citation.book_title                ? 
_citation.coordinate_linkage        ? 
_citation.country                   US 
_citation.database_id_Medline       ? 
_citation.details                   ? 
_citation.id                        primary 
_citation.journal_abbrev            PeerJ 
_citation.journal_id_ASTM           ? 
_citation.journal_id_CSD            ? 
_citation.journal_id_ISSN           2167-8359 
_citation.journal_full              ? 
_citation.journal_issue             ? 
_citation.journal_volume            6 
_citation.language                  ? 
_citation.page_first                e4728 
_citation.page_last                 e4728 
_citation.title                     
'Crystallization and structure analysis of the core motif of the Pks13 acyltransferase domain fromMycobacterium tuberculosis' 
_citation.year                      2018 
_citation.database_id_CSD           ? 
_citation.pdbx_database_id_DOI      10.7717/peerj.4728 
_citation.pdbx_database_id_PubMed   29761048 
_citation.unpublished_flag          ? 
# 
loop_
_citation_author.citation_id 
_citation_author.name 
_citation_author.ordinal 
_citation_author.identifier_ORCID 
primary 'Yu, M.'    1 ? 
primary 'Dou, C.'   2 ? 
primary 'Gu, Y.'    3 ? 
primary 'Cheng, W.' 4 ? 
# 
loop_
_entity.id 
_entity.type 
_entity.src_method 
_entity.pdbx_description 
_entity.formula_weight 
_entity.pdbx_number_of_molecules 
_entity.pdbx_ec 
_entity.pdbx_mutation 
_entity.pdbx_fragment 
_entity.details 
1 polymer man 'Polyketide synthase Pks13' 11949.538 1 ? ? ? ? 
2 water   nat water                       18.015    4 ? ? ? ? 
# 
_entity_poly.entity_id                      1 
_entity_poly.type                           'polypeptide(L)' 
_entity_poly.nstd_linkage                   no 
_entity_poly.nstd_monomer                   no 
_entity_poly.pdbx_seq_one_letter_code       
;AGFGAQHRKMGKSLYLRNEVFAAWIEKVDALVQDELGYSVLELILDDAQDYGIETTQVTIFAIQIALGELLRHHGAKPAA
VIGQSLGEAASAYFAGGLSLRDATRAICSRS
;
_entity_poly.pdbx_seq_one_letter_code_can   
;AGFGAQHRKMGKSLYLRNEVFAAWIEKVDALVQDELGYSVLELILDDAQDYGIETTQVTIFAIQIALGELLRHHGAKPAA
VIGQSLGEAASAYFAGGLSLRDATRAICSRS
;
_entity_poly.pdbx_strand_id                 A 
_entity_poly.pdbx_target_identifier         ? 
# 
_pdbx_entity_nonpoly.entity_id   2 
_pdbx_entity_nonpoly.name        water 
_pdbx_entity_nonpoly.comp_id     HOH 
# 
loop_
_entity_poly_seq.entity_id 
_entity_poly_seq.num 
_entity_poly_seq.mon_id 
_entity_poly_seq.hetero 
1 1   ALA n 
1 2   GLY n 
1 3   PHE n 
1 4   GLY n 
1 5   ALA n 
1 6   GLN n 
1 7   HIS n 
1 8   ARG n 
1 9   LYS n 
1 10  MET n 
1 11  GLY n 
1 12  LYS n 
1 13  SER n 
1 14  LEU n 
1 15  TYR n 
1 16  LEU n 
1 17  ARG n 
1 18  ASN n 
1 19  GLU n 
1 20  VAL n 
1 21  PHE n 
1 22  ALA n 
1 23  ALA n 
1 24  TRP n 
1 25  ILE n 
1 26  GLU n 
1 27  LYS n 
1 28  VAL n 
1 29  ASP n 
1 30  ALA n 
1 31  LEU n 
1 32  VAL n 
1 33  GLN n 
1 34  ASP n 
1 35  GLU n 
1 36  LEU n 
1 37  GLY n 
1 38  TYR n 
1 39  SER n 
1 40  VAL n 
1 41  LEU n 
1 42  GLU n 
1 43  LEU n 
1 44  ILE n 
1 45  LEU n 
1 46  ASP n 
1 47  ASP n 
1 48  ALA n 
1 49  GLN n 
1 50  ASP n 
1 51  TYR n 
1 52  GLY n 
1 53  ILE n 
1 54  GLU n 
1 55  THR n 
1 56  THR n 
1 57  GLN n 
1 58  VAL n 
1 59  THR n 
1 60  ILE n 
1 61  PHE n 
1 62  ALA n 
1 63  ILE n 
1 64  GLN n 
1 65  ILE n 
1 66  ALA n 
1 67  LEU n 
1 68  GLY n 
1 69  GLU n 
1 70  LEU n 
1 71  LEU n 
1 72  ARG n 
1 73  HIS n 
1 74  HIS n 
1 75  GLY n 
1 76  ALA n 
1 77  LYS n 
1 78  PRO n 
1 79  ALA n 
1 80  ALA n 
1 81  VAL n 
1 82  ILE n 
1 83  GLY n 
1 84  GLN n 
1 85  SER n 
1 86  LEU n 
1 87  GLY n 
1 88  GLU n 
1 89  ALA n 
1 90  ALA n 
1 91  SER n 
1 92  ALA n 
1 93  TYR n 
1 94  PHE n 
1 95  ALA n 
1 96  GLY n 
1 97  GLY n 
1 98  LEU n 
1 99  SER n 
1 100 LEU n 
1 101 ARG n 
1 102 ASP n 
1 103 ALA n 
1 104 THR n 
1 105 ARG n 
1 106 ALA n 
1 107 ILE n 
1 108 CYS n 
1 109 SER n 
1 110 ARG n 
1 111 SER n 
# 
_entity_src_gen.entity_id                          1 
_entity_src_gen.pdbx_src_id                        1 
_entity_src_gen.pdbx_alt_source_flag               sample 
_entity_src_gen.pdbx_seq_type                      'Biological sequence' 
_entity_src_gen.pdbx_beg_seq_num                   1 
_entity_src_gen.pdbx_end_seq_num                   111 
_entity_src_gen.gene_src_common_name               ? 
_entity_src_gen.gene_src_genus                     ? 
_entity_src_gen.pdbx_gene_src_gene                 'pks13, Rv3800c' 
_entity_src_gen.gene_src_species                   ? 
_entity_src_gen.gene_src_strain                    H37Rv 
_entity_src_gen.gene_src_tissue                    ? 
_entity_src_gen.gene_src_tissue_fraction           ? 
_entity_src_gen.gene_src_details                   ? 
_entity_src_gen.pdbx_gene_src_fragment             ? 
_entity_src_gen.pdbx_gene_src_scientific_name      'Mycobacterium tuberculosis H37Rv' 
_entity_src_gen.pdbx_gene_src_ncbi_taxonomy_id     83332 
_entity_src_gen.pdbx_gene_src_variant              ? 
_entity_src_gen.pdbx_gene_src_cell_line            ? 
_entity_src_gen.pdbx_gene_src_atcc                 ? 
_entity_src_gen.pdbx_gene_src_organ                ? 
_entity_src_gen.pdbx_gene_src_organelle            ? 
_entity_src_gen.pdbx_gene_src_cell                 ? 
_entity_src_gen.pdbx_gene_src_cellular_location    ? 
_entity_src_gen.host_org_common_name               ? 
_entity_src_gen.pdbx_host_org_scientific_name      'Escherichia coli DH1' 
_entity_src_gen.pdbx_host_org_ncbi_taxonomy_id     536056 
_entity_src_gen.host_org_genus                     ? 
_entity_src_gen.pdbx_host_org_gene                 ? 
_entity_src_gen.pdbx_host_org_organ                ? 
_entity_src_gen.host_org_species                   ? 
_entity_src_gen.pdbx_host_org_tissue               ? 
_entity_src_gen.pdbx_host_org_tissue_fraction      ? 
_entity_src_gen.pdbx_host_org_strain               ? 
_entity_src_gen.pdbx_host_org_variant              ? 
_entity_src_gen.pdbx_host_org_cell_line            ? 
_entity_src_gen.pdbx_host_org_atcc                 ? 
_entity_src_gen.pdbx_host_org_culture_collection   ? 
_entity_src_gen.pdbx_host_org_cell                 ? 
_entity_src_gen.pdbx_host_org_organelle            ? 
_entity_src_gen.pdbx_host_org_cellular_location    ? 
_entity_src_gen.pdbx_host_org_vector_type          ? 
_entity_src_gen.pdbx_host_org_vector               ? 
_entity_src_gen.host_org_details                   ? 
_entity_src_gen.expression_system_id               ? 
_entity_src_gen.plasmid_name                       ? 
_entity_src_gen.plasmid_details                    ? 
_entity_src_gen.pdbx_description                   ? 
# 
loop_
_chem_comp.id 
_chem_comp.type 
_chem_comp.mon_nstd_flag 
_chem_comp.name 
_chem_comp.pdbx_synonyms 
_chem_comp.formula 
_chem_comp.formula_weight 
ALA 'L-peptide linking' y ALANINE         ? 'C3 H7 N O2'     89.093  
ARG 'L-peptide linking' y ARGININE        ? 'C6 H15 N4 O2 1' 175.209 
ASN 'L-peptide linking' y ASPARAGINE      ? 'C4 H8 N2 O3'    132.118 
ASP 'L-peptide linking' y 'ASPARTIC ACID' ? 'C4 H7 N O4'     133.103 
CYS 'L-peptide linking' y CYSTEINE        ? 'C3 H7 N O2 S'   121.158 
GLN 'L-peptide linking' y GLUTAMINE       ? 'C5 H10 N2 O3'   146.144 
GLU 'L-peptide linking' y 'GLUTAMIC ACID' ? 'C5 H9 N O4'     147.129 
GLY 'peptide linking'   y GLYCINE         ? 'C2 H5 N O2'     75.067  
HIS 'L-peptide linking' y HISTIDINE       ? 'C6 H10 N3 O2 1' 156.162 
HOH non-polymer         . WATER           ? 'H2 O'           18.015  
ILE 'L-peptide linking' y ISOLEUCINE      ? 'C6 H13 N O2'    131.173 
LEU 'L-peptide linking' y LEUCINE         ? 'C6 H13 N O2'    131.173 
LYS 'L-peptide linking' y LYSINE          ? 'C6 H15 N2 O2 1' 147.195 
MET 'L-peptide linking' y METHIONINE      ? 'C5 H11 N O2 S'  149.211 
PHE 'L-peptide linking' y PHENYLALANINE   ? 'C9 H11 N O2'    165.189 
PRO 'L-peptide linking' y PROLINE         ? 'C5 H9 N O2'     115.130 
SER 'L-peptide linking' y SERINE          ? 'C3 H7 N O3'     105.093 
THR 'L-peptide linking' y THREONINE       ? 'C4 H9 N O3'     119.119 
TRP 'L-peptide linking' y TRYPTOPHAN      ? 'C11 H12 N2 O2'  204.225 
TYR 'L-peptide linking' y TYROSINE        ? 'C9 H11 N O3'    181.189 
VAL 'L-peptide linking' y VALINE          ? 'C5 H11 N O2'    117.146 
# 
loop_
_pdbx_poly_seq_scheme.asym_id 
_pdbx_poly_seq_scheme.entity_id 
_pdbx_poly_seq_scheme.seq_id 
_pdbx_poly_seq_scheme.mon_id 
_pdbx_poly_seq_scheme.ndb_seq_num 
_pdbx_poly_seq_scheme.pdb_seq_num 
_pdbx_poly_seq_scheme.auth_seq_num 
_pdbx_poly_seq_scheme.pdb_mon_id 
_pdbx_poly_seq_scheme.auth_mon_id 
_pdbx_poly_seq_scheme.pdb_strand_id 
_pdbx_poly_seq_scheme.pdb_ins_code 
_pdbx_poly_seq_scheme.hetero 
A 1 1   ALA 1   717 717 ALA ALA A . n 
A 1 2   GLY 2   718 718 GLY GLY A . n 
A 1 3   PHE 3   719 719 PHE PHE A . n 
A 1 4   GLY 4   720 720 GLY GLY A . n 
A 1 5   ALA 5   721 721 ALA ALA A . n 
A 1 6   GLN 6   722 722 GLN GLN A . n 
A 1 7   HIS 7   723 723 HIS HIS A . n 
A 1 8   ARG 8   724 724 ARG ARG A . n 
A 1 9   LYS 9   725 725 LYS LYS A . n 
A 1 10  MET 10  726 726 MET MET A . n 
A 1 11  GLY 11  727 727 GLY GLY A . n 
A 1 12  LYS 12  728 728 LYS LYS A . n 
A 1 13  SER 13  729 729 SER SER A . n 
A 1 14  LEU 14  730 730 LEU LEU A . n 
A 1 15  TYR 15  731 731 TYR TYR A . n 
A 1 16  LEU 16  732 732 LEU LEU A . n 
A 1 17  ARG 17  733 733 ARG ARG A . n 
A 1 18  ASN 18  734 734 ASN ASN A . n 
A 1 19  GLU 19  735 735 GLU GLU A . n 
A 1 20  VAL 20  736 736 VAL VAL A . n 
A 1 21  PHE 21  737 737 PHE PHE A . n 
A 1 22  ALA 22  738 738 ALA ALA A . n 
A 1 23  ALA 23  739 739 ALA ALA A . n 
A 1 24  TRP 24  740 740 TRP TRP A . n 
A 1 25  ILE 25  741 741 ILE ILE A . n 
A 1 26  GLU 26  742 742 GLU GLU A . n 
A 1 27  LYS 27  743 743 LYS LYS A . n 
A 1 28  VAL 28  744 744 VAL VAL A . n 
A 1 29  ASP 29  745 745 ASP ASP A . n 
A 1 30  ALA 30  746 746 ALA ALA A . n 
A 1 31  LEU 31  747 747 LEU LEU A . n 
A 1 32  VAL 32  748 748 VAL VAL A . n 
A 1 33  GLN 33  749 749 GLN GLN A . n 
A 1 34  ASP 34  750 750 ASP ASP A . n 
A 1 35  GLU 35  751 751 GLU GLU A . n 
A 1 36  LEU 36  752 752 LEU LEU A . n 
A 1 37  GLY 37  753 753 GLY GLY A . n 
A 1 38  TYR 38  754 754 TYR TYR A . n 
A 1 39  SER 39  755 755 SER SER A . n 
A 1 40  VAL 40  756 756 VAL VAL A . n 
A 1 41  LEU 41  757 757 LEU LEU A . n 
A 1 42  GLU 42  758 758 GLU GLU A . n 
A 1 43  LEU 43  759 759 LEU LEU A . n 
A 1 44  ILE 44  760 760 ILE ILE A . n 
A 1 45  LEU 45  761 761 LEU LEU A . n 
A 1 46  ASP 46  762 762 ASP ASP A . n 
A 1 47  ASP 47  763 763 ASP ASP A . n 
A 1 48  ALA 48  764 764 ALA ALA A . n 
A 1 49  GLN 49  765 765 GLN GLN A . n 
A 1 50  ASP 50  766 766 ASP ASP A . n 
A 1 51  TYR 51  767 767 TYR TYR A . n 
A 1 52  GLY 52  768 768 GLY GLY A . n 
A 1 53  ILE 53  769 769 ILE ILE A . n 
A 1 54  GLU 54  770 770 GLU GLU A . n 
A 1 55  THR 55  771 771 THR THR A . n 
A 1 56  THR 56  772 772 THR THR A . n 
A 1 57  GLN 57  773 773 GLN GLN A . n 
A 1 58  VAL 58  774 774 VAL VAL A . n 
A 1 59  THR 59  775 775 THR THR A . n 
A 1 60  ILE 60  776 776 ILE ILE A . n 
A 1 61  PHE 61  777 777 PHE PHE A . n 
A 1 62  ALA 62  778 778 ALA ALA A . n 
A 1 63  ILE 63  779 779 ILE ILE A . n 
A 1 64  GLN 64  780 780 GLN GLN A . n 
A 1 65  ILE 65  781 781 ILE ILE A . n 
A 1 66  ALA 66  782 782 ALA ALA A . n 
A 1 67  LEU 67  783 783 LEU LEU A . n 
A 1 68  GLY 68  784 784 GLY GLY A . n 
A 1 69  GLU 69  785 785 GLU GLU A . n 
A 1 70  LEU 70  786 786 LEU LEU A . n 
A 1 71  LEU 71  787 787 LEU LEU A . n 
A 1 72  ARG 72  788 788 ARG ARG A . n 
A 1 73  HIS 73  789 789 HIS HIS A . n 
A 1 74  HIS 74  790 790 HIS HIS A . n 
A 1 75  GLY 75  791 791 GLY GLY A . n 
A 1 76  ALA 76  792 792 ALA ALA A . n 
A 1 77  LYS 77  793 793 LYS LYS A . n 
A 1 78  PRO 78  794 794 PRO PRO A . n 
A 1 79  ALA 79  795 795 ALA ALA A . n 
A 1 80  ALA 80  796 796 ALA ALA A . n 
A 1 81  VAL 81  797 797 VAL VAL A . n 
A 1 82  ILE 82  798 798 ILE ILE A . n 
A 1 83  GLY 83  799 799 GLY GLY A . n 
A 1 84  GLN 84  800 800 GLN GLN A . n 
A 1 85  SER 85  801 801 SER SER A . n 
A 1 86  LEU 86  802 802 LEU LEU A . n 
A 1 87  GLY 87  803 803 GLY GLY A . n 
A 1 88  GLU 88  804 804 GLU GLU A . n 
A 1 89  ALA 89  805 805 ALA ALA A . n 
A 1 90  ALA 90  806 806 ALA ALA A . n 
A 1 91  SER 91  807 807 SER SER A . n 
A 1 92  ALA 92  808 808 ALA ALA A . n 
A 1 93  TYR 93  809 809 TYR TYR A . n 
A 1 94  PHE 94  810 810 PHE PHE A . n 
A 1 95  ALA 95  811 811 ALA ALA A . n 
A 1 96  GLY 96  812 812 GLY GLY A . n 
A 1 97  GLY 97  813 813 GLY GLY A . n 
A 1 98  LEU 98  814 814 LEU LEU A . n 
A 1 99  SER 99  815 815 SER SER A . n 
A 1 100 LEU 100 816 816 LEU LEU A . n 
A 1 101 ARG 101 817 817 ARG ARG A . n 
A 1 102 ASP 102 818 818 ASP ASP A . n 
A 1 103 ALA 103 819 819 ALA ALA A . n 
A 1 104 THR 104 820 820 THR THR A . n 
A 1 105 ARG 105 821 821 ARG ARG A . n 
A 1 106 ALA 106 822 822 ALA ALA A . n 
A 1 107 ILE 107 823 823 ILE ILE A . n 
A 1 108 CYS 108 824 824 CYS CYS A . n 
A 1 109 SER 109 825 825 SER SER A . n 
A 1 110 ARG 110 826 826 ARG ARG A . n 
A 1 111 SER 111 827 827 SER SER A . n 
# 
loop_
_pdbx_nonpoly_scheme.asym_id 
_pdbx_nonpoly_scheme.entity_id 
_pdbx_nonpoly_scheme.mon_id 
_pdbx_nonpoly_scheme.ndb_seq_num 
_pdbx_nonpoly_scheme.pdb_seq_num 
_pdbx_nonpoly_scheme.auth_seq_num 
_pdbx_nonpoly_scheme.pdb_mon_id 
_pdbx_nonpoly_scheme.auth_mon_id 
_pdbx_nonpoly_scheme.pdb_strand_id 
_pdbx_nonpoly_scheme.pdb_ins_code 
B 2 HOH 1 901 3 HOH HOH A . 
B 2 HOH 2 902 4 HOH HOH A . 
B 2 HOH 3 903 2 HOH HOH A . 
B 2 HOH 4 904 1 HOH HOH A . 
# 
loop_
_pdbx_unobs_or_zero_occ_atoms.id 
_pdbx_unobs_or_zero_occ_atoms.PDB_model_num 
_pdbx_unobs_or_zero_occ_atoms.polymer_flag 
_pdbx_unobs_or_zero_occ_atoms.occupancy_flag 
_pdbx_unobs_or_zero_occ_atoms.auth_asym_id 
_pdbx_unobs_or_zero_occ_atoms.auth_comp_id 
_pdbx_unobs_or_zero_occ_atoms.auth_seq_id 
_pdbx_unobs_or_zero_occ_atoms.PDB_ins_code 
_pdbx_unobs_or_zero_occ_atoms.auth_atom_id 
_pdbx_unobs_or_zero_occ_atoms.label_alt_id 
_pdbx_unobs_or_zero_occ_atoms.label_asym_id 
_pdbx_unobs_or_zero_occ_atoms.label_comp_id 
_pdbx_unobs_or_zero_occ_atoms.label_seq_id 
_pdbx_unobs_or_zero_occ_atoms.label_atom_id 
1 1 Y 1 A GLU 742 ? CG  ? A GLU 26 CG  
2 1 Y 1 A GLU 742 ? CD  ? A GLU 26 CD  
3 1 Y 1 A GLU 742 ? OE1 ? A GLU 26 OE1 
4 1 Y 1 A GLU 742 ? OE2 ? A GLU 26 OE2 
# 
loop_
_software.citation_id 
_software.classification 
_software.compiler_name 
_software.compiler_version 
_software.contact_author 
_software.contact_author_email 
_software.date 
_software.description 
_software.dependencies 
_software.hardware 
_software.language 
_software.location 
_software.mods 
_software.name 
_software.os 
_software.os_version 
_software.type 
_software.version 
_software.pdbx_ordinal 
? refinement     ? ? ? ? ? ? ? ? ? ? ? PHENIX   ? ? ? '(1.11.1_2575: ???)' 1 
? 'data scaling' ? ? ? ? ? ? ? ? ? ? ? HKL-3000 ? ? ? .                    2 
? phasing        ? ? ? ? ? ? ? ? ? ? ? PHENIX   ? ? ? v1.11.1              3 
# 
_cell.entry_id           5XUO 
_cell.length_a           94.443 
_cell.length_b           94.443 
_cell.length_c           96.975 
_cell.angle_alpha        90.00 
_cell.angle_beta         90.00 
_cell.angle_gamma        120.00 
_cell.Z_PDB              18 
_cell.pdbx_unique_axis   ? 
# 
_symmetry.entry_id                         5XUO 
_symmetry.space_group_name_H-M             'H 3 2' 
_symmetry.pdbx_full_space_group_name_H-M   ? 
_symmetry.cell_setting                     ? 
_symmetry.Int_Tables_number                155 
# 
_exptl.absorpt_coefficient_mu     ? 
_exptl.absorpt_correction_T_max   ? 
_exptl.absorpt_correction_T_min   ? 
_exptl.absorpt_correction_type    ? 
_exptl.absorpt_process_details    ? 
_exptl.entry_id                   5XUO 
_exptl.crystals_number            1 
_exptl.details                    ? 
_exptl.method                     'X-RAY DIFFRACTION' 
_exptl.method_details             ? 
# 
_exptl_crystal.colour                      ? 
_exptl_crystal.density_diffrn              ? 
_exptl_crystal.density_Matthews            3.49 
_exptl_crystal.density_method              ? 
_exptl_crystal.density_percent_sol         64.68 
_exptl_crystal.description                 ? 
_exptl_crystal.F_000                       ? 
_exptl_crystal.id                          1 
_exptl_crystal.preparation                 ? 
_exptl_crystal.size_max                    ? 
_exptl_crystal.size_mid                    ? 
_exptl_crystal.size_min                    ? 
_exptl_crystal.size_rad                    ? 
_exptl_crystal.colour_lustre               ? 
_exptl_crystal.colour_modifier             ? 
_exptl_crystal.colour_primary              ? 
_exptl_crystal.density_meas                ? 
_exptl_crystal.density_meas_esd            ? 
_exptl_crystal.density_meas_gt             ? 
_exptl_crystal.density_meas_lt             ? 
_exptl_crystal.density_meas_temp           ? 
_exptl_crystal.density_meas_temp_esd       ? 
_exptl_crystal.density_meas_temp_gt        ? 
_exptl_crystal.density_meas_temp_lt        ? 
_exptl_crystal.pdbx_crystal_image_url      ? 
_exptl_crystal.pdbx_crystal_image_format   ? 
_exptl_crystal.pdbx_mosaicity              ? 
_exptl_crystal.pdbx_mosaicity_esd          ? 
# 
_exptl_crystal_grow.apparatus       ? 
_exptl_crystal_grow.atmosphere      ? 
_exptl_crystal_grow.crystal_id      1 
_exptl_crystal_grow.details         ? 
_exptl_crystal_grow.method          'VAPOR DIFFUSION, SITTING DROP' 
_exptl_crystal_grow.method_ref      ? 
_exptl_crystal_grow.pH              ? 
_exptl_crystal_grow.pressure        ? 
_exptl_crystal_grow.pressure_esd    ? 
_exptl_crystal_grow.seeding         ? 
_exptl_crystal_grow.seeding_ref     ? 
_exptl_crystal_grow.temp            293.15 
_exptl_crystal_grow.temp_details    ? 
_exptl_crystal_grow.temp_esd        ? 
_exptl_crystal_grow.time            ? 
_exptl_crystal_grow.pdbx_details    'PEG 3350, potassium acetate' 
_exptl_crystal_grow.pdbx_pH_range   ? 
# 
_diffrn.ambient_environment    ? 
_diffrn.ambient_temp           100 
_diffrn.ambient_temp_details   ? 
_diffrn.ambient_temp_esd       ? 
_diffrn.crystal_id             1 
_diffrn.crystal_support        ? 
_diffrn.crystal_treatment      ? 
_diffrn.details                ? 
_diffrn.id                     1 
_diffrn.ambient_pressure       ? 
_diffrn.ambient_pressure_esd   ? 
_diffrn.ambient_pressure_gt    ? 
_diffrn.ambient_pressure_lt    ? 
_diffrn.ambient_temp_gt        ? 
_diffrn.ambient_temp_lt        ? 
# 
_diffrn_detector.details                      ? 
_diffrn_detector.detector                     PIXEL 
_diffrn_detector.diffrn_id                    1 
_diffrn_detector.type                         'DECTRIS PILATUS3 R 1M' 
_diffrn_detector.area_resol_mean              ? 
_diffrn_detector.dtime                        ? 
_diffrn_detector.pdbx_frames_total            ? 
_diffrn_detector.pdbx_collection_time_total   ? 
_diffrn_detector.pdbx_collection_date         2016-11-19 
# 
_diffrn_radiation.collimation                      ? 
_diffrn_radiation.diffrn_id                        1 
_diffrn_radiation.filter_edge                      ? 
_diffrn_radiation.inhomogeneity                    ? 
_diffrn_radiation.monochromator                    ? 
_diffrn_radiation.polarisn_norm                    ? 
_diffrn_radiation.polarisn_ratio                   ? 
_diffrn_radiation.probe                            ? 
_diffrn_radiation.type                             ? 
_diffrn_radiation.xray_symbol                      ? 
_diffrn_radiation.wavelength_id                    1 
_diffrn_radiation.pdbx_monochromatic_or_laue_m_l   M 
_diffrn_radiation.pdbx_wavelength_list             ? 
_diffrn_radiation.pdbx_wavelength                  ? 
_diffrn_radiation.pdbx_diffrn_protocol             'SINGLE WAVELENGTH' 
_diffrn_radiation.pdbx_analyzer                    ? 
_diffrn_radiation.pdbx_scattering_type             x-ray 
# 
_diffrn_radiation_wavelength.id           1 
_diffrn_radiation_wavelength.wavelength   0.97776 
_diffrn_radiation_wavelength.wt           1.0 
# 
_diffrn_source.current                     ? 
_diffrn_source.details                     ? 
_diffrn_source.diffrn_id                   1 
_diffrn_source.power                       ? 
_diffrn_source.size                        ? 
_diffrn_source.source                      SYNCHROTRON 
_diffrn_source.target                      ? 
_diffrn_source.type                        'SSRF BEAMLINE BL19U1' 
_diffrn_source.voltage                     ? 
_diffrn_source.take-off_angle              ? 
_diffrn_source.pdbx_wavelength_list        0.97776 
_diffrn_source.pdbx_wavelength             ? 
_diffrn_source.pdbx_synchrotron_beamline   BL19U1 
_diffrn_source.pdbx_synchrotron_site       SSRF 
# 
_reflns.B_iso_Wilson_estimate            ? 
_reflns.entry_id                         5XUO 
_reflns.data_reduction_details           ? 
_reflns.data_reduction_method            ? 
_reflns.d_resolution_high                2.586 
_reflns.d_resolution_low                 47.221 
_reflns.details                          ? 
_reflns.limit_h_max                      ? 
_reflns.limit_h_min                      ? 
_reflns.limit_k_max                      ? 
_reflns.limit_k_min                      ? 
_reflns.limit_l_max                      ? 
_reflns.limit_l_min                      ? 
_reflns.number_all                       ? 
_reflns.number_obs                       5359 
_reflns.observed_criterion               ? 
_reflns.observed_criterion_F_max         ? 
_reflns.observed_criterion_F_min         ? 
_reflns.observed_criterion_I_max         ? 
_reflns.observed_criterion_I_min         ? 
_reflns.observed_criterion_sigma_F       ? 
_reflns.observed_criterion_sigma_I       ? 
_reflns.percent_possible_obs             99.80 
_reflns.R_free_details                   ? 
_reflns.Rmerge_F_all                     ? 
_reflns.Rmerge_F_obs                     ? 
_reflns.Friedel_coverage                 ? 
_reflns.number_gt                        ? 
_reflns.threshold_expression             ? 
_reflns.pdbx_redundancy                  17.0 
_reflns.pdbx_Rmerge_I_obs                ? 
_reflns.pdbx_Rmerge_I_all                ? 
_reflns.pdbx_Rsym_value                  ? 
_reflns.pdbx_netI_over_av_sigmaI         ? 
_reflns.pdbx_netI_over_sigmaI            7.92 
_reflns.pdbx_res_netI_over_av_sigmaI_2   ? 
_reflns.pdbx_res_netI_over_sigmaI_2      ? 
_reflns.pdbx_chi_squared                 ? 
_reflns.pdbx_scaling_rejects             ? 
_reflns.pdbx_d_res_high_opt              ? 
_reflns.pdbx_d_res_low_opt               ? 
_reflns.pdbx_d_res_opt_method            ? 
_reflns.phase_calculation_details        ? 
_reflns.pdbx_Rrim_I_all                  ? 
_reflns.pdbx_Rpim_I_all                  ? 
_reflns.pdbx_d_opt                       ? 
_reflns.pdbx_number_measured_all         ? 
_reflns.pdbx_diffrn_id                   1 
_reflns.pdbx_ordinal                     1 
_reflns.pdbx_CC_half                     ? 
_reflns.pdbx_R_split                     ? 
# 
_reflns_shell.d_res_high                  2.59 
_reflns_shell.d_res_low                   3.26 
_reflns_shell.meanI_over_sigI_all         ? 
_reflns_shell.meanI_over_sigI_obs         ? 
_reflns_shell.number_measured_all         ? 
_reflns_shell.number_measured_obs         ? 
_reflns_shell.number_possible             ? 
_reflns_shell.number_unique_all           ? 
_reflns_shell.number_unique_obs           ? 
_reflns_shell.percent_possible_all        ? 
_reflns_shell.percent_possible_obs        ? 
_reflns_shell.Rmerge_F_all                ? 
_reflns_shell.Rmerge_F_obs                ? 
_reflns_shell.Rmerge_I_all                ? 
_reflns_shell.Rmerge_I_obs                ? 
_reflns_shell.meanI_over_sigI_gt          ? 
_reflns_shell.meanI_over_uI_all           ? 
_reflns_shell.meanI_over_uI_gt            ? 
_reflns_shell.number_measured_gt          ? 
_reflns_shell.number_unique_gt            ? 
_reflns_shell.percent_possible_gt         ? 
_reflns_shell.Rmerge_F_gt                 ? 
_reflns_shell.Rmerge_I_gt                 ? 
_reflns_shell.pdbx_redundancy             ? 
_reflns_shell.pdbx_Rsym_value             ? 
_reflns_shell.pdbx_chi_squared            ? 
_reflns_shell.pdbx_netI_over_sigmaI_all   ? 
_reflns_shell.pdbx_netI_over_sigmaI_obs   ? 
_reflns_shell.pdbx_Rrim_I_all             ? 
_reflns_shell.pdbx_Rpim_I_all             ? 
_reflns_shell.pdbx_rejects                ? 
_reflns_shell.pdbx_ordinal                1 
_reflns_shell.pdbx_diffrn_id              1 
_reflns_shell.pdbx_CC_half                ? 
_reflns_shell.pdbx_R_split                ? 
# 
_refine.pdbx_refine_id                           'X-RAY DIFFRACTION' 
_refine.entry_id                                 5XUO 
_refine.pdbx_diffrn_id                           1 
_refine.pdbx_TLS_residual_ADP_flag               ? 
_refine.ls_number_reflns_obs                     5359 
_refine.ls_number_reflns_all                     ? 
_refine.pdbx_ls_sigma_I                          ? 
_refine.pdbx_ls_sigma_F                          1.38 
_refine.pdbx_data_cutoff_high_absF               ? 
_refine.pdbx_data_cutoff_low_absF                ? 
_refine.pdbx_data_cutoff_high_rms_absF           ? 
_refine.ls_d_res_low                             47.221 
_refine.ls_d_res_high                            2.586 
_refine.ls_percent_reflns_obs                    99.80 
_refine.ls_R_factor_obs                          0.2382 
_refine.ls_R_factor_all                          ? 
_refine.ls_R_factor_R_work                       0.2369 
_refine.ls_R_factor_R_free                       0.2605 
_refine.ls_R_factor_R_free_error                 ? 
_refine.ls_R_factor_R_free_error_details         ? 
_refine.ls_percent_reflns_R_free                 5.15 
_refine.ls_number_reflns_R_free                  276 
_refine.ls_number_parameters                     ? 
_refine.ls_number_restraints                     ? 
_refine.occupancy_min                            ? 
_refine.occupancy_max                            ? 
_refine.correlation_coeff_Fo_to_Fc               ? 
_refine.correlation_coeff_Fo_to_Fc_free          ? 
_refine.B_iso_mean                               ? 
_refine.aniso_B[1][1]                            ? 
_refine.aniso_B[2][2]                            ? 
_refine.aniso_B[3][3]                            ? 
_refine.aniso_B[1][2]                            ? 
_refine.aniso_B[1][3]                            ? 
_refine.aniso_B[2][3]                            ? 
_refine.solvent_model_details                    'FLAT BULK SOLVENT MODEL' 
_refine.solvent_model_param_ksol                 ? 
_refine.solvent_model_param_bsol                 ? 
_refine.pdbx_solvent_vdw_probe_radii             1.11 
_refine.pdbx_solvent_ion_probe_radii             ? 
_refine.pdbx_solvent_shrinkage_radii             0.90 
_refine.pdbx_ls_cross_valid_method               'FREE R-VALUE' 
_refine.details                                  ? 
_refine.pdbx_starting_model                      ? 
_refine.pdbx_method_to_determine_struct          'MOLECULAR REPLACEMENT' 
_refine.pdbx_isotropic_thermal_model             ? 
_refine.pdbx_stereochemistry_target_values       ML 
_refine.pdbx_stereochem_target_val_spec_case     ? 
_refine.pdbx_R_Free_selection_details            ? 
_refine.pdbx_overall_ESU_R                       ? 
_refine.pdbx_overall_ESU_R_Free                  ? 
_refine.overall_SU_ML                            0.39 
_refine.pdbx_overall_phase_error                 25.39 
_refine.overall_SU_B                             ? 
_refine.overall_SU_R_Cruickshank_DPI             ? 
_refine.pdbx_overall_SU_R_free_Cruickshank_DPI   ? 
_refine.pdbx_overall_SU_R_Blow_DPI               ? 
_refine.pdbx_overall_SU_R_free_Blow_DPI          ? 
# 
_refine_hist.pdbx_refine_id                   'X-RAY DIFFRACTION' 
_refine_hist.cycle_id                         LAST 
_refine_hist.pdbx_number_atoms_protein        837 
_refine_hist.pdbx_number_atoms_nucleic_acid   0 
_refine_hist.pdbx_number_atoms_ligand         0 
_refine_hist.number_atoms_solvent             4 
_refine_hist.number_atoms_total               841 
_refine_hist.d_res_high                       2.586 
_refine_hist.d_res_low                        47.221 
# 
loop_
_refine_ls_restr.type 
_refine_ls_restr.dev_ideal 
_refine_ls_restr.dev_ideal_target 
_refine_ls_restr.weight 
_refine_ls_restr.number 
_refine_ls_restr.pdbx_refine_id 
_refine_ls_restr.pdbx_restraint_function 
f_bond_d           0.003  ? ? 850  'X-RAY DIFFRACTION' ? 
f_angle_d          0.540  ? ? 1148 'X-RAY DIFFRACTION' ? 
f_dihedral_angle_d 11.561 ? ? 500  'X-RAY DIFFRACTION' ? 
f_chiral_restr     0.033  ? ? 131  'X-RAY DIFFRACTION' ? 
f_plane_restr      0.002  ? ? 148  'X-RAY DIFFRACTION' ? 
# 
loop_
_refine_ls_shell.pdbx_refine_id 
_refine_ls_shell.pdbx_total_number_of_bins_used 
_refine_ls_shell.d_res_high 
_refine_ls_shell.d_res_low 
_refine_ls_shell.number_reflns_R_work 
_refine_ls_shell.R_factor_R_work 
_refine_ls_shell.percent_reflns_obs 
_refine_ls_shell.R_factor_R_free 
_refine_ls_shell.R_factor_R_free_error 
_refine_ls_shell.percent_reflns_R_free 
_refine_ls_shell.number_reflns_R_free 
_refine_ls_shell.number_reflns_all 
_refine_ls_shell.R_factor_all 
_refine_ls_shell.R_factor_obs 
_refine_ls_shell.number_reflns_obs 
'X-RAY DIFFRACTION' . 2.5856 3.2575  2496 0.3218 100.00 0.3990 . . 136 . . . . 
'X-RAY DIFFRACTION' . 3.2575 47.2294 2587 0.2127 100.00 0.2242 . . 140 . . . . 
# 
_struct.entry_id                     5XUO 
_struct.title                        'Pks13 AT domain fragment from Mycobacterium tuberculosis' 
_struct.pdbx_model_details           ? 
_struct.pdbx_formula_weight          ? 
_struct.pdbx_formula_weight_method   ? 
_struct.pdbx_model_type_details      ? 
_struct.pdbx_CASP_flag               N 
# 
_struct_keywords.entry_id        5XUO 
_struct_keywords.text            'fragment, TRANSFERASE' 
_struct_keywords.pdbx_keywords   TRANSFERASE 
# 
loop_
_struct_asym.id 
_struct_asym.pdbx_blank_PDB_chainid_flag 
_struct_asym.pdbx_modified 
_struct_asym.entity_id 
_struct_asym.details 
A N N 1 ? 
B N N 2 ? 
# 
_struct_ref.id                         1 
_struct_ref.db_name                    UNP 
_struct_ref.db_code                    I6X8D2_MYCTU 
_struct_ref.pdbx_db_accession          I6X8D2 
_struct_ref.pdbx_db_isoform            ? 
_struct_ref.entity_id                  1 
_struct_ref.pdbx_seq_one_letter_code   
;AGFGAQHRKMGKSLYLRNEVFAAWIEKVDALVQDELGYSVLELILDDAQDYGIETTQVTIFAIQIALGELLRHHGAKPAA
VIGQSLGEAASAYFAGGLSLRDATRAICSRS
;
_struct_ref.pdbx_align_begin           717 
# 
_struct_ref_seq.align_id                      1 
_struct_ref_seq.ref_id                        1 
_struct_ref_seq.pdbx_PDB_id_code              5XUO 
_struct_ref_seq.pdbx_strand_id                A 
_struct_ref_seq.seq_align_beg                 1 
_struct_ref_seq.pdbx_seq_align_beg_ins_code   ? 
_struct_ref_seq.seq_align_end                 111 
_struct_ref_seq.pdbx_seq_align_end_ins_code   ? 
_struct_ref_seq.pdbx_db_accession             I6X8D2 
_struct_ref_seq.db_align_beg                  717 
_struct_ref_seq.pdbx_db_align_beg_ins_code    ? 
_struct_ref_seq.db_align_end                  827 
_struct_ref_seq.pdbx_db_align_end_ins_code    ? 
_struct_ref_seq.pdbx_auth_seq_align_beg       717 
_struct_ref_seq.pdbx_auth_seq_align_end       827 
# 
loop_
_pdbx_struct_assembly.id 
_pdbx_struct_assembly.details 
_pdbx_struct_assembly.method_details 
_pdbx_struct_assembly.oligomeric_details 
_pdbx_struct_assembly.oligomeric_count 
1 author_defined_assembly   ?    monomeric 1 
2 software_defined_assembly PISA dimeric   2 
# 
loop_
_pdbx_struct_assembly_prop.biol_id 
_pdbx_struct_assembly_prop.type 
_pdbx_struct_assembly_prop.value 
_pdbx_struct_assembly_prop.details 
1 'ABSA (A^2)' 0     ? 
1 MORE         0     ? 
1 'SSA (A^2)'  6040  ? 
2 'ABSA (A^2)' 1760  ? 
2 MORE         -13   ? 
2 'SSA (A^2)'  10310 ? 
# 
loop_
_pdbx_struct_assembly_gen.assembly_id 
_pdbx_struct_assembly_gen.oper_expression 
_pdbx_struct_assembly_gen.asym_id_list 
1 1   A,B 
2 1,2 A,B 
# 
_pdbx_struct_assembly_auth_evidence.id                     1 
_pdbx_struct_assembly_auth_evidence.assembly_id            1 
_pdbx_struct_assembly_auth_evidence.experimental_support   'mass spectrometry' 
_pdbx_struct_assembly_auth_evidence.details                ? 
# 
loop_
_pdbx_struct_oper_list.id 
_pdbx_struct_oper_list.type 
_pdbx_struct_oper_list.name 
_pdbx_struct_oper_list.symmetry_operation 
_pdbx_struct_oper_list.matrix[1][1] 
_pdbx_struct_oper_list.matrix[1][2] 
_pdbx_struct_oper_list.matrix[1][3] 
_pdbx_struct_oper_list.vector[1] 
_pdbx_struct_oper_list.matrix[2][1] 
_pdbx_struct_oper_list.matrix[2][2] 
_pdbx_struct_oper_list.matrix[2][3] 
_pdbx_struct_oper_list.vector[2] 
_pdbx_struct_oper_list.matrix[3][1] 
_pdbx_struct_oper_list.matrix[3][2] 
_pdbx_struct_oper_list.matrix[3][3] 
_pdbx_struct_oper_list.vector[3] 
1 'identity operation'         1_555 x,y,z    1.0000000000  0.0000000000  0.0000000000  0.0000000000   0.0000000000  1.0000000000  0.0000000000 0.0000000000   0.0000000000  0.0000000000 1.0000000000 0.0000000000  
2 'crystal symmetry operation' 4_556 y,x,-z+1 -0.5750309856 -0.4009191991 -0.7131641896 -19.8902125356 -0.4009191991 -0.6217695908 0.6728048542 -15.3604818256 -0.7131641896 0.6728048542 0.1968005764 -3.2172282050 
# 
loop_
_struct_conf.conf_type_id 
_struct_conf.id 
_struct_conf.pdbx_PDB_helix_id 
_struct_conf.beg_label_comp_id 
_struct_conf.beg_label_asym_id 
_struct_conf.beg_label_seq_id 
_struct_conf.pdbx_beg_PDB_ins_code 
_struct_conf.end_label_comp_id 
_struct_conf.end_label_asym_id 
_struct_conf.end_label_seq_id 
_struct_conf.pdbx_end_PDB_ins_code 
_struct_conf.beg_auth_comp_id 
_struct_conf.beg_auth_asym_id 
_struct_conf.beg_auth_seq_id 
_struct_conf.end_auth_comp_id 
_struct_conf.end_auth_asym_id 
_struct_conf.end_auth_seq_id 
_struct_conf.pdbx_PDB_helix_class 
_struct_conf.details 
_struct_conf.pdbx_PDB_helix_length 
HELX_P HELX_P1 AA1 GLY A 4  ? ARG A 17  ? GLY A 720 ARG A 733 1 ? 14 
HELX_P HELX_P2 AA2 ASN A 18 ? LEU A 36  ? ASN A 734 LEU A 752 1 ? 19 
HELX_P HELX_P3 AA3 SER A 39 ? ASP A 46  ? SER A 755 ASP A 762 1 ? 8  
HELX_P HELX_P4 AA4 GLY A 52 ? HIS A 74  ? GLY A 768 HIS A 790 1 ? 23 
HELX_P HELX_P5 AA5 LYS A 77 ? VAL A 81  ? LYS A 793 VAL A 797 5 ? 5  
HELX_P HELX_P6 AA6 ILE A 82 ? LEU A 86  ? ILE A 798 LEU A 802 5 ? 5  
HELX_P HELX_P7 AA7 GLY A 87 ? ALA A 95  ? GLY A 803 ALA A 811 1 ? 9  
HELX_P HELX_P8 AA8 SER A 99 ? CYS A 108 ? SER A 815 CYS A 824 1 ? 10 
# 
_struct_conf_type.id          HELX_P 
_struct_conf_type.criteria    ? 
_struct_conf_type.reference   ? 
# 
_struct_mon_prot_cis.pdbx_id                1 
_struct_mon_prot_cis.label_comp_id          SER 
_struct_mon_prot_cis.label_seq_id           109 
_struct_mon_prot_cis.label_asym_id          A 
_struct_mon_prot_cis.label_alt_id           . 
_struct_mon_prot_cis.pdbx_PDB_ins_code      ? 
_struct_mon_prot_cis.auth_comp_id           SER 
_struct_mon_prot_cis.auth_seq_id            825 
_struct_mon_prot_cis.auth_asym_id           A 
_struct_mon_prot_cis.pdbx_label_comp_id_2   ARG 
_struct_mon_prot_cis.pdbx_label_seq_id_2    110 
_struct_mon_prot_cis.pdbx_label_asym_id_2   A 
_struct_mon_prot_cis.pdbx_PDB_ins_code_2    ? 
_struct_mon_prot_cis.pdbx_auth_comp_id_2    ARG 
_struct_mon_prot_cis.pdbx_auth_seq_id_2     826 
_struct_mon_prot_cis.pdbx_auth_asym_id_2    A 
_struct_mon_prot_cis.pdbx_PDB_model_num     1 
_struct_mon_prot_cis.pdbx_omega_angle       -1.02 
# 
_pdbx_validate_close_contact.id               1 
_pdbx_validate_close_contact.PDB_model_num    1 
_pdbx_validate_close_contact.auth_atom_id_1   O 
_pdbx_validate_close_contact.auth_asym_id_1   A 
_pdbx_validate_close_contact.auth_comp_id_1   GLY 
_pdbx_validate_close_contact.auth_seq_id_1    791 
_pdbx_validate_close_contact.PDB_ins_code_1   ? 
_pdbx_validate_close_contact.label_alt_id_1   ? 
_pdbx_validate_close_contact.auth_atom_id_2   O 
_pdbx_validate_close_contact.auth_asym_id_2   A 
_pdbx_validate_close_contact.auth_comp_id_2   HOH 
_pdbx_validate_close_contact.auth_seq_id_2    901 
_pdbx_validate_close_contact.PDB_ins_code_2   ? 
_pdbx_validate_close_contact.label_alt_id_2   ? 
_pdbx_validate_close_contact.dist             2.05 
# 
loop_
_pdbx_validate_torsion.id 
_pdbx_validate_torsion.PDB_model_num 
_pdbx_validate_torsion.auth_comp_id 
_pdbx_validate_torsion.auth_asym_id 
_pdbx_validate_torsion.auth_seq_id 
_pdbx_validate_torsion.PDB_ins_code 
_pdbx_validate_torsion.label_alt_id 
_pdbx_validate_torsion.phi 
_pdbx_validate_torsion.psi 
1 1 ASP A 762 ? ? -68.58 84.75  
2 1 ASP A 763 ? ? -67.28 59.08  
3 1 SER A 825 ? ? 168.25 123.48 
4 1 ARG A 826 ? ? 85.51  -4.48  
# 
loop_
_chem_comp_atom.comp_id 
_chem_comp_atom.atom_id 
_chem_comp_atom.type_symbol 
_chem_comp_atom.pdbx_aromatic_flag 
_chem_comp_atom.pdbx_stereo_config 
_chem_comp_atom.pdbx_ordinal 
ALA N    N N N 1   
ALA CA   C N S 2   
ALA C    C N N 3   
ALA O    O N N 4   
ALA CB   C N N 5   
ALA OXT  O N N 6   
ALA H    H N N 7   
ALA H2   H N N 8   
ALA HA   H N N 9   
ALA HB1  H N N 10  
ALA HB2  H N N 11  
ALA HB3  H N N 12  
ALA HXT  H N N 13  
ARG N    N N N 14  
ARG CA   C N S 15  
ARG C    C N N 16  
ARG O    O N N 17  
ARG CB   C N N 18  
ARG CG   C N N 19  
ARG CD   C N N 20  
ARG NE   N N N 21  
ARG CZ   C N N 22  
ARG NH1  N N N 23  
ARG NH2  N N N 24  
ARG OXT  O N N 25  
ARG H    H N N 26  
ARG H2   H N N 27  
ARG HA   H N N 28  
ARG HB2  H N N 29  
ARG HB3  H N N 30  
ARG HG2  H N N 31  
ARG HG3  H N N 32  
ARG HD2  H N N 33  
ARG HD3  H N N 34  
ARG HE   H N N 35  
ARG HH11 H N N 36  
ARG HH12 H N N 37  
ARG HH21 H N N 38  
ARG HH22 H N N 39  
ARG HXT  H N N 40  
ASN N    N N N 41  
ASN CA   C N S 42  
ASN C    C N N 43  
ASN O    O N N 44  
ASN CB   C N N 45  
ASN CG   C N N 46  
ASN OD1  O N N 47  
ASN ND2  N N N 48  
ASN OXT  O N N 49  
ASN H    H N N 50  
ASN H2   H N N 51  
ASN HA   H N N 52  
ASN HB2  H N N 53  
ASN HB3  H N N 54  
ASN HD21 H N N 55  
ASN HD22 H N N 56  
ASN HXT  H N N 57  
ASP N    N N N 58  
ASP CA   C N S 59  
ASP C    C N N 60  
ASP O    O N N 61  
ASP CB   C N N 62  
ASP CG   C N N 63  
ASP OD1  O N N 64  
ASP OD2  O N N 65  
ASP OXT  O N N 66  
ASP H    H N N 67  
ASP H2   H N N 68  
ASP HA   H N N 69  
ASP HB2  H N N 70  
ASP HB3  H N N 71  
ASP HD2  H N N 72  
ASP HXT  H N N 73  
CYS N    N N N 74  
CYS CA   C N R 75  
CYS C    C N N 76  
CYS O    O N N 77  
CYS CB   C N N 78  
CYS SG   S N N 79  
CYS OXT  O N N 80  
CYS H    H N N 81  
CYS H2   H N N 82  
CYS HA   H N N 83  
CYS HB2  H N N 84  
CYS HB3  H N N 85  
CYS HG   H N N 86  
CYS HXT  H N N 87  
GLN N    N N N 88  
GLN CA   C N S 89  
GLN C    C N N 90  
GLN O    O N N 91  
GLN CB   C N N 92  
GLN CG   C N N 93  
GLN CD   C N N 94  
GLN OE1  O N N 95  
GLN NE2  N N N 96  
GLN OXT  O N N 97  
GLN H    H N N 98  
GLN H2   H N N 99  
GLN HA   H N N 100 
GLN HB2  H N N 101 
GLN HB3  H N N 102 
GLN HG2  H N N 103 
GLN HG3  H N N 104 
GLN HE21 H N N 105 
GLN HE22 H N N 106 
GLN HXT  H N N 107 
GLU N    N N N 108 
GLU CA   C N S 109 
GLU C    C N N 110 
GLU O    O N N 111 
GLU CB   C N N 112 
GLU CG   C N N 113 
GLU CD   C N N 114 
GLU OE1  O N N 115 
GLU OE2  O N N 116 
GLU OXT  O N N 117 
GLU H    H N N 118 
GLU H2   H N N 119 
GLU HA   H N N 120 
GLU HB2  H N N 121 
GLU HB3  H N N 122 
GLU HG2  H N N 123 
GLU HG3  H N N 124 
GLU HE2  H N N 125 
GLU HXT  H N N 126 
GLY N    N N N 127 
GLY CA   C N N 128 
GLY C    C N N 129 
GLY O    O N N 130 
GLY OXT  O N N 131 
GLY H    H N N 132 
GLY H2   H N N 133 
GLY HA2  H N N 134 
GLY HA3  H N N 135 
GLY HXT  H N N 136 
HIS N    N N N 137 
HIS CA   C N S 138 
HIS C    C N N 139 
HIS O    O N N 140 
HIS CB   C N N 141 
HIS CG   C Y N 142 
HIS ND1  N Y N 143 
HIS CD2  C Y N 144 
HIS CE1  C Y N 145 
HIS NE2  N Y N 146 
HIS OXT  O N N 147 
HIS H    H N N 148 
HIS H2   H N N 149 
HIS HA   H N N 150 
HIS HB2  H N N 151 
HIS HB3  H N N 152 
HIS HD1  H N N 153 
HIS HD2  H N N 154 
HIS HE1  H N N 155 
HIS HE2  H N N 156 
HIS HXT  H N N 157 
HOH O    O N N 158 
HOH H1   H N N 159 
HOH H2   H N N 160 
ILE N    N N N 161 
ILE CA   C N S 162 
ILE C    C N N 163 
ILE O    O N N 164 
ILE CB   C N S 165 
ILE CG1  C N N 166 
ILE CG2  C N N 167 
ILE CD1  C N N 168 
ILE OXT  O N N 169 
ILE H    H N N 170 
ILE H2   H N N 171 
ILE HA   H N N 172 
ILE HB   H N N 173 
ILE HG12 H N N 174 
ILE HG13 H N N 175 
ILE HG21 H N N 176 
ILE HG22 H N N 177 
ILE HG23 H N N 178 
ILE HD11 H N N 179 
ILE HD12 H N N 180 
ILE HD13 H N N 181 
ILE HXT  H N N 182 
LEU N    N N N 183 
LEU CA   C N S 184 
LEU C    C N N 185 
LEU O    O N N 186 
LEU CB   C N N 187 
LEU CG   C N N 188 
LEU CD1  C N N 189 
LEU CD2  C N N 190 
LEU OXT  O N N 191 
LEU H    H N N 192 
LEU H2   H N N 193 
LEU HA   H N N 194 
LEU HB2  H N N 195 
LEU HB3  H N N 196 
LEU HG   H N N 197 
LEU HD11 H N N 198 
LEU HD12 H N N 199 
LEU HD13 H N N 200 
LEU HD21 H N N 201 
LEU HD22 H N N 202 
LEU HD23 H N N 203 
LEU HXT  H N N 204 
LYS N    N N N 205 
LYS CA   C N S 206 
LYS C    C N N 207 
LYS O    O N N 208 
LYS CB   C N N 209 
LYS CG   C N N 210 
LYS CD   C N N 211 
LYS CE   C N N 212 
LYS NZ   N N N 213 
LYS OXT  O N N 214 
LYS H    H N N 215 
LYS H2   H N N 216 
LYS HA   H N N 217 
LYS HB2  H N N 218 
LYS HB3  H N N 219 
LYS HG2  H N N 220 
LYS HG3  H N N 221 
LYS HD2  H N N 222 
LYS HD3  H N N 223 
LYS HE2  H N N 224 
LYS HE3  H N N 225 
LYS HZ1  H N N 226 
LYS HZ2  H N N 227 
LYS HZ3  H N N 228 
LYS HXT  H N N 229 
MET N    N N N 230 
MET CA   C N S 231 
MET C    C N N 232 
MET O    O N N 233 
MET CB   C N N 234 
MET CG   C N N 235 
MET SD   S N N 236 
MET CE   C N N 237 
MET OXT  O N N 238 
MET H    H N N 239 
MET H2   H N N 240 
MET HA   H N N 241 
MET HB2  H N N 242 
MET HB3  H N N 243 
MET HG2  H N N 244 
MET HG3  H N N 245 
MET HE1  H N N 246 
MET HE2  H N N 247 
MET HE3  H N N 248 
MET HXT  H N N 249 
PHE N    N N N 250 
PHE CA   C N S 251 
PHE C    C N N 252 
PHE O    O N N 253 
PHE CB   C N N 254 
PHE CG   C Y N 255 
PHE CD1  C Y N 256 
PHE CD2  C Y N 257 
PHE CE1  C Y N 258 
PHE CE2  C Y N 259 
PHE CZ   C Y N 260 
PHE OXT  O N N 261 
PHE H    H N N 262 
PHE H2   H N N 263 
PHE HA   H N N 264 
PHE HB2  H N N 265 
PHE HB3  H N N 266 
PHE HD1  H N N 267 
PHE HD2  H N N 268 
PHE HE1  H N N 269 
PHE HE2  H N N 270 
PHE HZ   H N N 271 
PHE HXT  H N N 272 
PRO N    N N N 273 
PRO CA   C N S 274 
PRO C    C N N 275 
PRO O    O N N 276 
PRO CB   C N N 277 
PRO CG   C N N 278 
PRO CD   C N N 279 
PRO OXT  O N N 280 
PRO H    H N N 281 
PRO HA   H N N 282 
PRO HB2  H N N 283 
PRO HB3  H N N 284 
PRO HG2  H N N 285 
PRO HG3  H N N 286 
PRO HD2  H N N 287 
PRO HD3  H N N 288 
PRO HXT  H N N 289 
SER N    N N N 290 
SER CA   C N S 291 
SER C    C N N 292 
SER O    O N N 293 
SER CB   C N N 294 
SER OG   O N N 295 
SER OXT  O N N 296 
SER H    H N N 297 
SER H2   H N N 298 
SER HA   H N N 299 
SER HB2  H N N 300 
SER HB3  H N N 301 
SER HG   H N N 302 
SER HXT  H N N 303 
THR N    N N N 304 
THR CA   C N S 305 
THR C    C N N 306 
THR O    O N N 307 
THR CB   C N R 308 
THR OG1  O N N 309 
THR CG2  C N N 310 
THR OXT  O N N 311 
THR H    H N N 312 
THR H2   H N N 313 
THR HA   H N N 314 
THR HB   H N N 315 
THR HG1  H N N 316 
THR HG21 H N N 317 
THR HG22 H N N 318 
THR HG23 H N N 319 
THR HXT  H N N 320 
TRP N    N N N 321 
TRP CA   C N S 322 
TRP C    C N N 323 
TRP O    O N N 324 
TRP CB   C N N 325 
TRP CG   C Y N 326 
TRP CD1  C Y N 327 
TRP CD2  C Y N 328 
TRP NE1  N Y N 329 
TRP CE2  C Y N 330 
TRP CE3  C Y N 331 
TRP CZ2  C Y N 332 
TRP CZ3  C Y N 333 
TRP CH2  C Y N 334 
TRP OXT  O N N 335 
TRP H    H N N 336 
TRP H2   H N N 337 
TRP HA   H N N 338 
TRP HB2  H N N 339 
TRP HB3  H N N 340 
TRP HD1  H N N 341 
TRP HE1  H N N 342 
TRP HE3  H N N 343 
TRP HZ2  H N N 344 
TRP HZ3  H N N 345 
TRP HH2  H N N 346 
TRP HXT  H N N 347 
TYR N    N N N 348 
TYR CA   C N S 349 
TYR C    C N N 350 
TYR O    O N N 351 
TYR CB   C N N 352 
TYR CG   C Y N 353 
TYR CD1  C Y N 354 
TYR CD2  C Y N 355 
TYR CE1  C Y N 356 
TYR CE2  C Y N 357 
TYR CZ   C Y N 358 
TYR OH   O N N 359 
TYR OXT  O N N 360 
TYR H    H N N 361 
TYR H2   H N N 362 
TYR HA   H N N 363 
TYR HB2  H N N 364 
TYR HB3  H N N 365 
TYR HD1  H N N 366 
TYR HD2  H N N 367 
TYR HE1  H N N 368 
TYR HE2  H N N 369 
TYR HH   H N N 370 
TYR HXT  H N N 371 
VAL N    N N N 372 
VAL CA   C N S 373 
VAL C    C N N 374 
VAL O    O N N 375 
VAL CB   C N N 376 
VAL CG1  C N N 377 
VAL CG2  C N N 378 
VAL OXT  O N N 379 
VAL H    H N N 380 
VAL H2   H N N 381 
VAL HA   H N N 382 
VAL HB   H N N 383 
VAL HG11 H N N 384 
VAL HG12 H N N 385 
VAL HG13 H N N 386 
VAL HG21 H N N 387 
VAL HG22 H N N 388 
VAL HG23 H N N 389 
VAL HXT  H N N 390 
# 
loop_
_chem_comp_bond.comp_id 
_chem_comp_bond.atom_id_1 
_chem_comp_bond.atom_id_2 
_chem_comp_bond.value_order 
_chem_comp_bond.pdbx_aromatic_flag 
_chem_comp_bond.pdbx_stereo_config 
_chem_comp_bond.pdbx_ordinal 
ALA N   CA   sing N N 1   
ALA N   H    sing N N 2   
ALA N   H2   sing N N 3   
ALA CA  C    sing N N 4   
ALA CA  CB   sing N N 5   
ALA CA  HA   sing N N 6   
ALA C   O    doub N N 7   
ALA C   OXT  sing N N 8   
ALA CB  HB1  sing N N 9   
ALA CB  HB2  sing N N 10  
ALA CB  HB3  sing N N 11  
ALA OXT HXT  sing N N 12  
ARG N   CA   sing N N 13  
ARG N   H    sing N N 14  
ARG N   H2   sing N N 15  
ARG CA  C    sing N N 16  
ARG CA  CB   sing N N 17  
ARG CA  HA   sing N N 18  
ARG C   O    doub N N 19  
ARG C   OXT  sing N N 20  
ARG CB  CG   sing N N 21  
ARG CB  HB2  sing N N 22  
ARG CB  HB3  sing N N 23  
ARG CG  CD   sing N N 24  
ARG CG  HG2  sing N N 25  
ARG CG  HG3  sing N N 26  
ARG CD  NE   sing N N 27  
ARG CD  HD2  sing N N 28  
ARG CD  HD3  sing N N 29  
ARG NE  CZ   sing N N 30  
ARG NE  HE   sing N N 31  
ARG CZ  NH1  sing N N 32  
ARG CZ  NH2  doub N N 33  
ARG NH1 HH11 sing N N 34  
ARG NH1 HH12 sing N N 35  
ARG NH2 HH21 sing N N 36  
ARG NH2 HH22 sing N N 37  
ARG OXT HXT  sing N N 38  
ASN N   CA   sing N N 39  
ASN N   H    sing N N 40  
ASN N   H2   sing N N 41  
ASN CA  C    sing N N 42  
ASN CA  CB   sing N N 43  
ASN CA  HA   sing N N 44  
ASN C   O    doub N N 45  
ASN C   OXT  sing N N 46  
ASN CB  CG   sing N N 47  
ASN CB  HB2  sing N N 48  
ASN CB  HB3  sing N N 49  
ASN CG  OD1  doub N N 50  
ASN CG  ND2  sing N N 51  
ASN ND2 HD21 sing N N 52  
ASN ND2 HD22 sing N N 53  
ASN OXT HXT  sing N N 54  
ASP N   CA   sing N N 55  
ASP N   H    sing N N 56  
ASP N   H2   sing N N 57  
ASP CA  C    sing N N 58  
ASP CA  CB   sing N N 59  
ASP CA  HA   sing N N 60  
ASP C   O    doub N N 61  
ASP C   OXT  sing N N 62  
ASP CB  CG   sing N N 63  
ASP CB  HB2  sing N N 64  
ASP CB  HB3  sing N N 65  
ASP CG  OD1  doub N N 66  
ASP CG  OD2  sing N N 67  
ASP OD2 HD2  sing N N 68  
ASP OXT HXT  sing N N 69  
CYS N   CA   sing N N 70  
CYS N   H    sing N N 71  
CYS N   H2   sing N N 72  
CYS CA  C    sing N N 73  
CYS CA  CB   sing N N 74  
CYS CA  HA   sing N N 75  
CYS C   O    doub N N 76  
CYS C   OXT  sing N N 77  
CYS CB  SG   sing N N 78  
CYS CB  HB2  sing N N 79  
CYS CB  HB3  sing N N 80  
CYS SG  HG   sing N N 81  
CYS OXT HXT  sing N N 82  
GLN N   CA   sing N N 83  
GLN N   H    sing N N 84  
GLN N   H2   sing N N 85  
GLN CA  C    sing N N 86  
GLN CA  CB   sing N N 87  
GLN CA  HA   sing N N 88  
GLN C   O    doub N N 89  
GLN C   OXT  sing N N 90  
GLN CB  CG   sing N N 91  
GLN CB  HB2  sing N N 92  
GLN CB  HB3  sing N N 93  
GLN CG  CD   sing N N 94  
GLN CG  HG2  sing N N 95  
GLN CG  HG3  sing N N 96  
GLN CD  OE1  doub N N 97  
GLN CD  NE2  sing N N 98  
GLN NE2 HE21 sing N N 99  
GLN NE2 HE22 sing N N 100 
GLN OXT HXT  sing N N 101 
GLU N   CA   sing N N 102 
GLU N   H    sing N N 103 
GLU N   H2   sing N N 104 
GLU CA  C    sing N N 105 
GLU CA  CB   sing N N 106 
GLU CA  HA   sing N N 107 
GLU C   O    doub N N 108 
GLU C   OXT  sing N N 109 
GLU CB  CG   sing N N 110 
GLU CB  HB2  sing N N 111 
GLU CB  HB3  sing N N 112 
GLU CG  CD   sing N N 113 
GLU CG  HG2  sing N N 114 
GLU CG  HG3  sing N N 115 
GLU CD  OE1  doub N N 116 
GLU CD  OE2  sing N N 117 
GLU OE2 HE2  sing N N 118 
GLU OXT HXT  sing N N 119 
GLY N   CA   sing N N 120 
GLY N   H    sing N N 121 
GLY N   H2   sing N N 122 
GLY CA  C    sing N N 123 
GLY CA  HA2  sing N N 124 
GLY CA  HA3  sing N N 125 
GLY C   O    doub N N 126 
GLY C   OXT  sing N N 127 
GLY OXT HXT  sing N N 128 
HIS N   CA   sing N N 129 
HIS N   H    sing N N 130 
HIS N   H2   sing N N 131 
HIS CA  C    sing N N 132 
HIS CA  CB   sing N N 133 
HIS CA  HA   sing N N 134 
HIS C   O    doub N N 135 
HIS C   OXT  sing N N 136 
HIS CB  CG   sing N N 137 
HIS CB  HB2  sing N N 138 
HIS CB  HB3  sing N N 139 
HIS CG  ND1  sing Y N 140 
HIS CG  CD2  doub Y N 141 
HIS ND1 CE1  doub Y N 142 
HIS ND1 HD1  sing N N 143 
HIS CD2 NE2  sing Y N 144 
HIS CD2 HD2  sing N N 145 
HIS CE1 NE2  sing Y N 146 
HIS CE1 HE1  sing N N 147 
HIS NE2 HE2  sing N N 148 
HIS OXT HXT  sing N N 149 
HOH O   H1   sing N N 150 
HOH O   H2   sing N N 151 
ILE N   CA   sing N N 152 
ILE N   H    sing N N 153 
ILE N   H2   sing N N 154 
ILE CA  C    sing N N 155 
ILE CA  CB   sing N N 156 
ILE CA  HA   sing N N 157 
ILE C   O    doub N N 158 
ILE C   OXT  sing N N 159 
ILE CB  CG1  sing N N 160 
ILE CB  CG2  sing N N 161 
ILE CB  HB   sing N N 162 
ILE CG1 CD1  sing N N 163 
ILE CG1 HG12 sing N N 164 
ILE CG1 HG13 sing N N 165 
ILE CG2 HG21 sing N N 166 
ILE CG2 HG22 sing N N 167 
ILE CG2 HG23 sing N N 168 
ILE CD1 HD11 sing N N 169 
ILE CD1 HD12 sing N N 170 
ILE CD1 HD13 sing N N 171 
ILE OXT HXT  sing N N 172 
LEU N   CA   sing N N 173 
LEU N   H    sing N N 174 
LEU N   H2   sing N N 175 
LEU CA  C    sing N N 176 
LEU CA  CB   sing N N 177 
LEU CA  HA   sing N N 178 
LEU C   O    doub N N 179 
LEU C   OXT  sing N N 180 
LEU CB  CG   sing N N 181 
LEU CB  HB2  sing N N 182 
LEU CB  HB3  sing N N 183 
LEU CG  CD1  sing N N 184 
LEU CG  CD2  sing N N 185 
LEU CG  HG   sing N N 186 
LEU CD1 HD11 sing N N 187 
LEU CD1 HD12 sing N N 188 
LEU CD1 HD13 sing N N 189 
LEU CD2 HD21 sing N N 190 
LEU CD2 HD22 sing N N 191 
LEU CD2 HD23 sing N N 192 
LEU OXT HXT  sing N N 193 
LYS N   CA   sing N N 194 
LYS N   H    sing N N 195 
LYS N   H2   sing N N 196 
LYS CA  C    sing N N 197 
LYS CA  CB   sing N N 198 
LYS CA  HA   sing N N 199 
LYS C   O    doub N N 200 
LYS C   OXT  sing N N 201 
LYS CB  CG   sing N N 202 
LYS CB  HB2  sing N N 203 
LYS CB  HB3  sing N N 204 
LYS CG  CD   sing N N 205 
LYS CG  HG2  sing N N 206 
LYS CG  HG3  sing N N 207 
LYS CD  CE   sing N N 208 
LYS CD  HD2  sing N N 209 
LYS CD  HD3  sing N N 210 
LYS CE  NZ   sing N N 211 
LYS CE  HE2  sing N N 212 
LYS CE  HE3  sing N N 213 
LYS NZ  HZ1  sing N N 214 
LYS NZ  HZ2  sing N N 215 
LYS NZ  HZ3  sing N N 216 
LYS OXT HXT  sing N N 217 
MET N   CA   sing N N 218 
MET N   H    sing N N 219 
MET N   H2   sing N N 220 
MET CA  C    sing N N 221 
MET CA  CB   sing N N 222 
MET CA  HA   sing N N 223 
MET C   O    doub N N 224 
MET C   OXT  sing N N 225 
MET CB  CG   sing N N 226 
MET CB  HB2  sing N N 227 
MET CB  HB3  sing N N 228 
MET CG  SD   sing N N 229 
MET CG  HG2  sing N N 230 
MET CG  HG3  sing N N 231 
MET SD  CE   sing N N 232 
MET CE  HE1  sing N N 233 
MET CE  HE2  sing N N 234 
MET CE  HE3  sing N N 235 
MET OXT HXT  sing N N 236 
PHE N   CA   sing N N 237 
PHE N   H    sing N N 238 
PHE N   H2   sing N N 239 
PHE CA  C    sing N N 240 
PHE CA  CB   sing N N 241 
PHE CA  HA   sing N N 242 
PHE C   O    doub N N 243 
PHE C   OXT  sing N N 244 
PHE CB  CG   sing N N 245 
PHE CB  HB2  sing N N 246 
PHE CB  HB3  sing N N 247 
PHE CG  CD1  doub Y N 248 
PHE CG  CD2  sing Y N 249 
PHE CD1 CE1  sing Y N 250 
PHE CD1 HD1  sing N N 251 
PHE CD2 CE2  doub Y N 252 
PHE CD2 HD2  sing N N 253 
PHE CE1 CZ   doub Y N 254 
PHE CE1 HE1  sing N N 255 
PHE CE2 CZ   sing Y N 256 
PHE CE2 HE2  sing N N 257 
PHE CZ  HZ   sing N N 258 
PHE OXT HXT  sing N N 259 
PRO N   CA   sing N N 260 
PRO N   CD   sing N N 261 
PRO N   H    sing N N 262 
PRO CA  C    sing N N 263 
PRO CA  CB   sing N N 264 
PRO CA  HA   sing N N 265 
PRO C   O    doub N N 266 
PRO C   OXT  sing N N 267 
PRO CB  CG   sing N N 268 
PRO CB  HB2  sing N N 269 
PRO CB  HB3  sing N N 270 
PRO CG  CD   sing N N 271 
PRO CG  HG2  sing N N 272 
PRO CG  HG3  sing N N 273 
PRO CD  HD2  sing N N 274 
PRO CD  HD3  sing N N 275 
PRO OXT HXT  sing N N 276 
SER N   CA   sing N N 277 
SER N   H    sing N N 278 
SER N   H2   sing N N 279 
SER CA  C    sing N N 280 
SER CA  CB   sing N N 281 
SER CA  HA   sing N N 282 
SER C   O    doub N N 283 
SER C   OXT  sing N N 284 
SER CB  OG   sing N N 285 
SER CB  HB2  sing N N 286 
SER CB  HB3  sing N N 287 
SER OG  HG   sing N N 288 
SER OXT HXT  sing N N 289 
THR N   CA   sing N N 290 
THR N   H    sing N N 291 
THR N   H2   sing N N 292 
THR CA  C    sing N N 293 
THR CA  CB   sing N N 294 
THR CA  HA   sing N N 295 
THR C   O    doub N N 296 
THR C   OXT  sing N N 297 
THR CB  OG1  sing N N 298 
THR CB  CG2  sing N N 299 
THR CB  HB   sing N N 300 
THR OG1 HG1  sing N N 301 
THR CG2 HG21 sing N N 302 
THR CG2 HG22 sing N N 303 
THR CG2 HG23 sing N N 304 
THR OXT HXT  sing N N 305 
TRP N   CA   sing N N 306 
TRP N   H    sing N N 307 
TRP N   H2   sing N N 308 
TRP CA  C    sing N N 309 
TRP CA  CB   sing N N 310 
TRP CA  HA   sing N N 311 
TRP C   O    doub N N 312 
TRP C   OXT  sing N N 313 
TRP CB  CG   sing N N 314 
TRP CB  HB2  sing N N 315 
TRP CB  HB3  sing N N 316 
TRP CG  CD1  doub Y N 317 
TRP CG  CD2  sing Y N 318 
TRP CD1 NE1  sing Y N 319 
TRP CD1 HD1  sing N N 320 
TRP CD2 CE2  doub Y N 321 
TRP CD2 CE3  sing Y N 322 
TRP NE1 CE2  sing Y N 323 
TRP NE1 HE1  sing N N 324 
TRP CE2 CZ2  sing Y N 325 
TRP CE3 CZ3  doub Y N 326 
TRP CE3 HE3  sing N N 327 
TRP CZ2 CH2  doub Y N 328 
TRP CZ2 HZ2  sing N N 329 
TRP CZ3 CH2  sing Y N 330 
TRP CZ3 HZ3  sing N N 331 
TRP CH2 HH2  sing N N 332 
TRP OXT HXT  sing N N 333 
TYR N   CA   sing N N 334 
TYR N   H    sing N N 335 
TYR N   H2   sing N N 336 
TYR CA  C    sing N N 337 
TYR CA  CB   sing N N 338 
TYR CA  HA   sing N N 339 
TYR C   O    doub N N 340 
TYR C   OXT  sing N N 341 
TYR CB  CG   sing N N 342 
TYR CB  HB2  sing N N 343 
TYR CB  HB3  sing N N 344 
TYR CG  CD1  doub Y N 345 
TYR CG  CD2  sing Y N 346 
TYR CD1 CE1  sing Y N 347 
TYR CD1 HD1  sing N N 348 
TYR CD2 CE2  doub Y N 349 
TYR CD2 HD2  sing N N 350 
TYR CE1 CZ   doub Y N 351 
TYR CE1 HE1  sing N N 352 
TYR CE2 CZ   sing Y N 353 
TYR CE2 HE2  sing N N 354 
TYR CZ  OH   sing N N 355 
TYR OH  HH   sing N N 356 
TYR OXT HXT  sing N N 357 
VAL N   CA   sing N N 358 
VAL N   H    sing N N 359 
VAL N   H2   sing N N 360 
VAL CA  C    sing N N 361 
VAL CA  CB   sing N N 362 
VAL CA  HA   sing N N 363 
VAL C   O    doub N N 364 
VAL C   OXT  sing N N 365 
VAL CB  CG1  sing N N 366 
VAL CB  CG2  sing N N 367 
VAL CB  HB   sing N N 368 
VAL CG1 HG11 sing N N 369 
VAL CG1 HG12 sing N N 370 
VAL CG1 HG13 sing N N 371 
VAL CG2 HG21 sing N N 372 
VAL CG2 HG22 sing N N 373 
VAL CG2 HG23 sing N N 374 
VAL OXT HXT  sing N N 375 
# 
_pdbx_audit_support.funding_organization   'National Natural Science Foundation of China' 
_pdbx_audit_support.country                China 
_pdbx_audit_support.grant_number           00402354011009 
_pdbx_audit_support.ordinal                1 
# 
_atom_sites.entry_id                    5XUO 
_atom_sites.fract_transf_matrix[1][1]   0.00363398 
_atom_sites.fract_transf_matrix[1][2]   0.00026427 
_atom_sites.fract_transf_matrix[1][3]   -0.01167043 
_atom_sites.fract_transf_matrix[2][1]   0.00612734 
_atom_sites.fract_transf_matrix[2][2]   -0.00947319 
_atom_sites.fract_transf_matrix[2][3]   -0.00471057 
_atom_sites.fract_transf_matrix[3][1]   -0.00890616 
_atom_sites.fract_transf_matrix[3][2]   -0.00433279 
_atom_sites.fract_transf_matrix[3][3]   -0.00287134 
_atom_sites.fract_transf_vector[1]      0.186683 
_atom_sites.fract_transf_vector[2]      0.147890 
_atom_sites.fract_transf_vector[3]      0.373535 
# 
loop_
_atom_type.symbol 
C 
N 
O 
S 
# 
loop_
_atom_site.group_PDB 
_atom_site.id 
_atom_site.type_symbol 
_atom_site.label_atom_id 
_atom_site.label_alt_id 
_atom_site.label_comp_id 
_atom_site.label_asym_id 
_atom_site.label_entity_id 
_atom_site.label_seq_id 
_atom_site.pdbx_PDB_ins_code 
_atom_site.Cartn_x 
_atom_site.Cartn_y 
_atom_site.Cartn_z 
_atom_site.occupancy 
_atom_site.B_iso_or_equiv 
_atom_site.pdbx_formal_charge 
_atom_site.auth_seq_id 
_atom_site.auth_comp_id 
_atom_site.auth_asym_id 
_atom_site.auth_atom_id 
_atom_site.pdbx_PDB_model_num 
ATOM   1   N N   . ALA A 1 1   ? 6.099   -9.654  10.453  1.00 84.99  ? 717 ALA A N   1 
ATOM   2   C CA  . ALA A 1 1   ? 4.958   -9.676  11.355  1.00 71.32  ? 717 ALA A CA  1 
ATOM   3   C C   . ALA A 1 1   ? 4.690   -8.310  11.967  1.00 63.79  ? 717 ALA A C   1 
ATOM   4   O O   . ALA A 1 1   ? 5.066   -7.274  11.416  1.00 88.75  ? 717 ALA A O   1 
ATOM   5   C CB  . ALA A 1 1   ? 5.162   -10.710 12.451  1.00 85.55  ? 717 ALA A CB  1 
ATOM   6   N N   . GLY A 1 2   ? 4.049   -8.329  13.130  1.00 67.89  ? 718 GLY A N   1 
ATOM   7   C CA  . GLY A 1 2   ? 3.446   -7.134  13.677  1.00 73.14  ? 718 GLY A CA  1 
ATOM   8   C C   . GLY A 1 2   ? 2.074   -6.896  13.082  1.00 68.08  ? 718 GLY A C   1 
ATOM   9   O O   . GLY A 1 2   ? 1.398   -7.833  12.642  1.00 70.93  ? 718 GLY A O   1 
ATOM   10  N N   . PHE A 1 3   ? 1.657   -5.636  13.049  1.00 67.74  ? 719 PHE A N   1 
ATOM   11  C CA  . PHE A 1 3   ? 0.403   -5.297  12.396  1.00 66.35  ? 719 PHE A CA  1 
ATOM   12  C C   . PHE A 1 3   ? 0.574   -5.406  10.887  1.00 52.48  ? 719 PHE A C   1 
ATOM   13  O O   . PHE A 1 3   ? 1.609   -5.028  10.334  1.00 77.81  ? 719 PHE A O   1 
ATOM   14  C CB  . PHE A 1 3   ? -0.040  -3.887  12.778  1.00 44.59  ? 719 PHE A CB  1 
ATOM   15  C CG  . PHE A 1 3   ? -0.067  -3.636  14.259  1.00 53.44  ? 719 PHE A CG  1 
ATOM   16  C CD1 . PHE A 1 3   ? -0.377  -4.649  15.150  1.00 51.42  ? 719 PHE A CD1 1 
ATOM   17  C CD2 . PHE A 1 3   ? 0.218   -2.376  14.759  1.00 55.81  ? 719 PHE A CD2 1 
ATOM   18  C CE1 . PHE A 1 3   ? -0.397  -4.409  16.509  1.00 52.71  ? 719 PHE A CE1 1 
ATOM   19  C CE2 . PHE A 1 3   ? 0.195   -2.131  16.118  1.00 61.95  ? 719 PHE A CE2 1 
ATOM   20  C CZ  . PHE A 1 3   ? -0.114  -3.151  16.993  1.00 48.67  ? 719 PHE A CZ  1 
ATOM   21  N N   . GLY A 1 4   ? -0.441  -5.945  10.220  1.00 56.13  ? 720 GLY A N   1 
ATOM   22  C CA  . GLY A 1 4   ? -0.355  -6.087  8.780   1.00 86.97  ? 720 GLY A CA  1 
ATOM   23  C C   . GLY A 1 4   ? 0.640   -7.128  8.321   1.00 71.56  ? 720 GLY A C   1 
ATOM   24  O O   . GLY A 1 4   ? 1.252   -6.967  7.262   1.00 65.83  ? 720 GLY A O   1 
ATOM   25  N N   . ALA A 1 5   ? 0.838   -8.186  9.110   1.00 87.45  ? 721 ALA A N   1 
ATOM   26  C CA  . ALA A 1 5   ? 1.628   -9.318  8.638   1.00 72.27  ? 721 ALA A CA  1 
ATOM   27  C C   . ALA A 1 5   ? 0.935   -10.015 7.477   1.00 57.95  ? 721 ALA A C   1 
ATOM   28  O O   . ALA A 1 5   ? 1.575   -10.370 6.478   1.00 53.35  ? 721 ALA A O   1 
ATOM   29  C CB  . ALA A 1 5   ? 1.867   -10.302 9.780   1.00 51.52  ? 721 ALA A CB  1 
ATOM   30  N N   . GLN A 1 6   ? -0.380  -10.222 7.596   1.00 54.77  ? 722 GLN A N   1 
ATOM   31  C CA  . GLN A 1 6   ? -1.152  -10.816 6.510   1.00 50.97  ? 722 GLN A CA  1 
ATOM   32  C C   . GLN A 1 6   ? -1.131  -9.932  5.269   1.00 46.58  ? 722 GLN A C   1 
ATOM   33  O O   . GLN A 1 6   ? -1.040  -10.436 4.143   1.00 67.74  ? 722 GLN A O   1 
ATOM   34  C CB  . GLN A 1 6   ? -2.586  -11.064 6.972   1.00 52.86  ? 722 GLN A CB  1 
ATOM   35  C CG  . GLN A 1 6   ? -2.669  -11.717 8.342   1.00 44.90  ? 722 GLN A CG  1 
ATOM   36  C CD  . GLN A 1 6   ? -1.960  -13.055 8.394   1.00 59.36  ? 722 GLN A CD  1 
ATOM   37  O OE1 . GLN A 1 6   ? -0.774  -13.130 8.716   1.00 71.86  ? 722 GLN A OE1 1 
ATOM   38  N NE2 . GLN A 1 6   ? -2.684  -14.120 8.076   1.00 64.75  ? 722 GLN A NE2 1 
ATOM   39  N N   . HIS A 1 7   ? -1.202  -8.611  5.458   1.00 46.02  ? 723 HIS A N   1 
ATOM   40  C CA  . HIS A 1 7   ? -1.057  -7.701  4.328   1.00 58.73  ? 723 HIS A CA  1 
ATOM   41  C C   . HIS A 1 7   ? 0.274   -7.899  3.616   1.00 61.59  ? 723 HIS A C   1 
ATOM   42  O O   . HIS A 1 7   ? 0.354   -7.743  2.392   1.00 64.82  ? 723 HIS A O   1 
ATOM   43  C CB  . HIS A 1 7   ? -1.187  -6.245  4.787   1.00 49.53  ? 723 HIS A CB  1 
ATOM   44  C CG  . HIS A 1 7   ? -2.557  -5.872  5.261   1.00 52.50  ? 723 HIS A CG  1 
ATOM   45  N ND1 . HIS A 1 7   ? -2.954  -6.009  6.574   1.00 65.13  ? 723 HIS A ND1 1 
ATOM   46  C CD2 . HIS A 1 7   ? -3.617  -5.350  4.600   1.00 49.05  ? 723 HIS A CD2 1 
ATOM   47  C CE1 . HIS A 1 7   ? -4.202  -5.597  6.698   1.00 58.04  ? 723 HIS A CE1 1 
ATOM   48  N NE2 . HIS A 1 7   ? -4.628  -5.193  5.514   1.00 46.03  ? 723 HIS A NE2 1 
ATOM   49  N N   . ARG A 1 8   ? 1.332   -8.226  4.362   1.00 64.04  ? 724 ARG A N   1 
ATOM   50  C CA  . ARG A 1 8   ? 2.644   -8.381  3.747   1.00 59.11  ? 724 ARG A CA  1 
ATOM   51  C C   . ARG A 1 8   ? 2.778   -9.726  3.046   1.00 56.59  ? 724 ARG A C   1 
ATOM   52  O O   . ARG A 1 8   ? 3.352   -9.798  1.955   1.00 57.04  ? 724 ARG A O   1 
ATOM   53  C CB  . ARG A 1 8   ? 3.741   -8.210  4.796   1.00 42.09  ? 724 ARG A CB  1 
ATOM   54  C CG  . ARG A 1 8   ? 5.023   -7.616  4.231   1.00 67.34  ? 724 ARG A CG  1 
ATOM   55  C CD  . ARG A 1 8   ? 6.130   -7.526  5.272   1.00 66.80  ? 724 ARG A CD  1 
ATOM   56  N NE  . ARG A 1 8   ? 5.642   -7.071  6.570   1.00 73.73  ? 724 ARG A NE  1 
ATOM   57  C CZ  . ARG A 1 8   ? 5.481   -7.866  7.622   1.00 71.63  ? 724 ARG A CZ  1 
ATOM   58  N NH1 . ARG A 1 8   ? 5.772   -9.157  7.527   1.00 54.89  ? 724 ARG A NH1 1 
ATOM   59  N NH2 . ARG A 1 8   ? 5.030   -7.372  8.766   1.00 81.33  ? 724 ARG A NH2 1 
ATOM   60  N N   . LYS A 1 9   ? 2.274   -10.802 3.658   1.00 53.35  ? 725 LYS A N   1 
ATOM   61  C CA  . LYS A 1 9   ? 2.257   -12.097 2.984   1.00 61.12  ? 725 LYS A CA  1 
ATOM   62  C C   . LYS A 1 9   ? 1.467   -12.017 1.682   1.00 72.52  ? 725 LYS A C   1 
ATOM   63  O O   . LYS A 1 9   ? 1.978   -12.335 0.597   1.00 68.82  ? 725 LYS A O   1 
ATOM   64  C CB  . LYS A 1 9   ? 1.657   -13.162 3.907   1.00 51.78  ? 725 LYS A CB  1 
ATOM   65  C CG  . LYS A 1 9   ? 2.434   -13.418 5.189   1.00 81.43  ? 725 LYS A CG  1 
ATOM   66  C CD  . LYS A 1 9   ? 1.814   -14.563 5.982   1.00 86.83  ? 725 LYS A CD  1 
ATOM   67  C CE  . LYS A 1 9   ? 2.627   -14.896 7.225   1.00 90.58  ? 725 LYS A CE  1 
ATOM   68  N NZ  . LYS A 1 9   ? 2.068   -16.069 7.955   1.00 80.63  ? 725 LYS A NZ  1 
ATOM   69  N N   . MET A 1 10  ? 0.207   -11.584 1.782   1.00 64.62  ? 726 MET A N   1 
ATOM   70  C CA  . MET A 1 10  ? -0.647  -11.427 0.609   1.00 58.60  ? 726 MET A CA  1 
ATOM   71  C C   . MET A 1 10  ? -0.010  -10.506 -0.423  1.00 63.08  ? 726 MET A C   1 
ATOM   72  O O   . MET A 1 10  ? -0.060  -10.777 -1.628  1.00 63.69  ? 726 MET A O   1 
ATOM   73  C CB  . MET A 1 10  ? -2.009  -10.881 1.036   1.00 58.18  ? 726 MET A CB  1 
ATOM   74  C CG  . MET A 1 10  ? -2.961  -10.586 -0.104  1.00 77.03  ? 726 MET A CG  1 
ATOM   75  S SD  . MET A 1 10  ? -4.381  -9.639  0.467   1.00 63.59  ? 726 MET A SD  1 
ATOM   76  C CE  . MET A 1 10  ? -3.593  -8.115  0.963   1.00 53.20  ? 726 MET A CE  1 
ATOM   77  N N   . GLY A 1 11  ? 0.598   -9.409  0.035   1.00 64.42  ? 727 GLY A N   1 
ATOM   78  C CA  . GLY A 1 11  ? 1.200   -8.464  -0.887  1.00 61.37  ? 727 GLY A CA  1 
ATOM   79  C C   . GLY A 1 11  ? 2.413   -9.015  -1.608  1.00 64.91  ? 727 GLY A C   1 
ATOM   80  O O   . GLY A 1 11  ? 2.649   -8.683  -2.774  1.00 65.81  ? 727 GLY A O   1 
ATOM   81  N N   . LYS A 1 12  ? 3.206   -9.844  -0.930  1.00 72.46  ? 728 LYS A N   1 
ATOM   82  C CA  . LYS A 1 12  ? 4.353   -10.463 -1.586  1.00 73.19  ? 728 LYS A CA  1 
ATOM   83  C C   . LYS A 1 12  ? 3.898   -11.498 -2.608  1.00 69.67  ? 728 LYS A C   1 
ATOM   84  O O   . LYS A 1 12  ? 4.312   -11.459 -3.778  1.00 69.27  ? 728 LYS A O   1 
ATOM   85  C CB  . LYS A 1 12  ? 5.283   -11.100 -0.551  1.00 74.57  ? 728 LYS A CB  1 
ATOM   86  C CG  . LYS A 1 12  ? 6.623   -11.543 -1.125  1.00 72.86  ? 728 LYS A CG  1 
ATOM   87  C CD  . LYS A 1 12  ? 7.008   -12.949 -0.682  1.00 59.91  ? 728 LYS A CD  1 
ATOM   88  C CE  . LYS A 1 12  ? 7.249   -13.024 0.815   1.00 60.40  ? 728 LYS A CE  1 
ATOM   89  N NZ  . LYS A 1 12  ? 7.617   -14.404 1.241   1.00 60.37  ? 728 LYS A NZ  1 
ATOM   90  N N   . SER A 1 13  ? 3.022   -12.421 -2.190  1.00 66.31  ? 729 SER A N   1 
ATOM   91  C CA  . SER A 1 13  ? 2.542   -13.442 -3.117  1.00 65.59  ? 729 SER A CA  1 
ATOM   92  C C   . SER A 1 13  ? 1.826   -12.824 -4.310  1.00 72.98  ? 729 SER A C   1 
ATOM   93  O O   . SER A 1 13  ? 1.908   -13.352 -5.425  1.00 76.13  ? 729 SER A O   1 
ATOM   94  C CB  . SER A 1 13  ? 1.623   -14.427 -2.393  1.00 62.56  ? 729 SER A CB  1 
ATOM   95  O OG  . SER A 1 13  ? 1.178   -15.451 -3.268  1.00 52.15  ? 729 SER A OG  1 
ATOM   96  N N   . LEU A 1 14  ? 1.130   -11.705 -4.102  1.00 70.32  ? 730 LEU A N   1 
ATOM   97  C CA  . LEU A 1 14  ? 0.478   -11.022 -5.213  1.00 62.41  ? 730 LEU A CA  1 
ATOM   98  C C   . LEU A 1 14  ? 1.468   -10.246 -6.071  1.00 63.39  ? 730 LEU A C   1 
ATOM   99  O O   . LEU A 1 14  ? 1.280   -10.149 -7.288  1.00 74.21  ? 730 LEU A O   1 
ATOM   100 C CB  . LEU A 1 14  ? -0.612  -10.086 -4.692  1.00 61.10  ? 730 LEU A CB  1 
ATOM   101 C CG  . LEU A 1 14  ? -2.008  -10.685 -4.535  1.00 56.88  ? 730 LEU A CG  1 
ATOM   102 C CD1 . LEU A 1 14  ? -2.931  -9.721  -3.811  1.00 70.69  ? 730 LEU A CD1 1 
ATOM   103 C CD2 . LEU A 1 14  ? -2.576  -11.052 -5.898  1.00 59.41  ? 730 LEU A CD2 1 
ATOM   104 N N   . TYR A 1 15  ? 2.516   -9.681  -5.467  1.00 61.58  ? 731 TYR A N   1 
ATOM   105 C CA  . TYR A 1 15  ? 3.529   -8.994  -6.262  1.00 71.71  ? 731 TYR A CA  1 
ATOM   106 C C   . TYR A 1 15  ? 4.229   -9.964  -7.200  1.00 69.31  ? 731 TYR A C   1 
ATOM   107 O O   . TYR A 1 15  ? 4.514   -9.627  -8.354  1.00 63.28  ? 731 TYR A O   1 
ATOM   108 C CB  . TYR A 1 15  ? 4.554   -8.300  -5.360  1.00 65.75  ? 731 TYR A CB  1 
ATOM   109 C CG  . TYR A 1 15  ? 5.612   -7.537  -6.138  1.00 66.42  ? 731 TYR A CG  1 
ATOM   110 C CD1 . TYR A 1 15  ? 5.421   -6.206  -6.478  1.00 67.97  ? 731 TYR A CD1 1 
ATOM   111 C CD2 . TYR A 1 15  ? 6.794   -8.152  -6.541  1.00 60.85  ? 731 TYR A CD2 1 
ATOM   112 C CE1 . TYR A 1 15  ? 6.372   -5.505  -7.199  1.00 69.55  ? 731 TYR A CE1 1 
ATOM   113 C CE2 . TYR A 1 15  ? 7.752   -7.458  -7.263  1.00 54.59  ? 731 TYR A CE2 1 
ATOM   114 C CZ  . TYR A 1 15  ? 7.536   -6.134  -7.588  1.00 69.63  ? 731 TYR A CZ  1 
ATOM   115 O OH  . TYR A 1 15  ? 8.480   -5.433  -8.303  1.00 64.50  ? 731 TYR A OH  1 
ATOM   116 N N   . LEU A 1 16  ? 4.516   -11.174 -6.720  1.00 61.39  ? 732 LEU A N   1 
ATOM   117 C CA  . LEU A 1 16  ? 5.228   -12.136 -7.555  1.00 73.13  ? 732 LEU A CA  1 
ATOM   118 C C   . LEU A 1 16  ? 4.344   -12.658 -8.683  1.00 80.42  ? 732 LEU A C   1 
ATOM   119 O O   . LEU A 1 16  ? 4.772   -12.718 -9.842  1.00 73.51  ? 732 LEU A O   1 
ATOM   120 C CB  . LEU A 1 16  ? 5.745   -13.291 -6.697  1.00 71.75  ? 732 LEU A CB  1 
ATOM   121 C CG  . LEU A 1 16  ? 6.629   -12.913 -5.510  1.00 65.51  ? 732 LEU A CG  1 
ATOM   122 C CD1 . LEU A 1 16  ? 7.216   -14.156 -4.855  1.00 68.34  ? 732 LEU A CD1 1 
ATOM   123 C CD2 . LEU A 1 16  ? 7.725   -11.954 -5.939  1.00 52.14  ? 732 LEU A CD2 1 
ATOM   124 N N   . ARG A 1 17  ? 3.101   -13.030 -8.366  1.00 77.25  ? 733 ARG A N   1 
ATOM   125 C CA  . ARG A 1 17  ? 2.246   -13.777 -9.282  1.00 60.44  ? 733 ARG A CA  1 
ATOM   126 C C   . ARG A 1 17  ? 1.098   -12.939 -9.844  1.00 61.87  ? 733 ARG A C   1 
ATOM   127 O O   . ARG A 1 17  ? 0.026   -13.473 -10.144 1.00 79.65  ? 733 ARG A O   1 
ATOM   128 C CB  . ARG A 1 17  ? 1.704   -15.022 -8.582  1.00 61.79  ? 733 ARG A CB  1 
ATOM   129 C CG  . ARG A 1 17  ? 2.791   -15.921 -8.016  1.00 55.93  ? 733 ARG A CG  1 
ATOM   130 C CD  . ARG A 1 17  ? 2.216   -16.961 -7.070  1.00 65.81  ? 733 ARG A CD  1 
ATOM   131 N NE  . ARG A 1 17  ? 2.643   -16.743 -5.690  1.00 89.74  ? 733 ARG A NE  1 
ATOM   132 C CZ  . ARG A 1 17  ? 3.595   -17.444 -5.081  1.00 86.96  ? 733 ARG A CZ  1 
ATOM   133 N NH1 . ARG A 1 17  ? 4.220   -18.420 -5.726  1.00 83.14  ? 733 ARG A NH1 1 
ATOM   134 N NH2 . ARG A 1 17  ? 3.916   -17.175 -3.824  1.00 76.97  ? 733 ARG A NH2 1 
ATOM   135 N N   . ASN A 1 18  ? 1.307   -11.633 -10.004 1.00 58.35  ? 734 ASN A N   1 
ATOM   136 C CA  . ASN A 1 18  ? 0.304   -10.764 -10.620 1.00 49.25  ? 734 ASN A CA  1 
ATOM   137 C C   . ASN A 1 18  ? 0.996   -9.495  -11.087 1.00 65.57  ? 734 ASN A C   1 
ATOM   138 O O   . ASN A 1 18  ? 1.615   -8.796  -10.278 1.00 73.54  ? 734 ASN A O   1 
ATOM   139 C CB  . ASN A 1 18  ? -0.833  -10.436 -9.645  1.00 71.65  ? 734 ASN A CB  1 
ATOM   140 C CG  . ASN A 1 18  ? -2.013  -9.760  -10.328 1.00 62.95  ? 734 ASN A CG  1 
ATOM   141 O OD1 . ASN A 1 18  ? -1.972  -8.566  -10.636 1.00 59.00  ? 734 ASN A OD1 1 
ATOM   142 N ND2 . ASN A 1 18  ? -3.075  -10.522 -10.562 1.00 42.37  ? 734 ASN A ND2 1 
ATOM   143 N N   . GLU A 1 19  ? 0.880   -9.190  -12.380 1.00 62.74  ? 735 GLU A N   1 
ATOM   144 C CA  . GLU A 1 19  ? 1.631   -8.085  -12.966 1.00 70.05  ? 735 GLU A CA  1 
ATOM   145 C C   . GLU A 1 19  ? 0.978   -6.732  -12.711 1.00 72.79  ? 735 GLU A C   1 
ATOM   146 O O   . GLU A 1 19  ? 1.680   -5.718  -12.640 1.00 76.38  ? 735 GLU A O   1 
ATOM   147 C CB  . GLU A 1 19  ? 1.805   -8.306  -14.472 1.00 86.28  ? 735 GLU A CB  1 
ATOM   148 C CG  . GLU A 1 19  ? 0.508   -8.306  -15.274 1.00 103.60 ? 735 GLU A CG  1 
ATOM   149 C CD  . GLU A 1 19  ? -0.310  -9.572  -15.083 1.00 105.24 ? 735 GLU A CD  1 
ATOM   150 O OE1 . GLU A 1 19  ? 0.282   -10.617 -14.741 1.00 109.56 ? 735 GLU A OE1 1 
ATOM   151 O OE2 . GLU A 1 19  ? -1.545  -9.520  -15.267 1.00 104.95 ? 735 GLU A OE2 1 
ATOM   152 N N   . VAL A 1 20  ? -0.350  -6.688  -12.580 1.00 71.17  ? 736 VAL A N   1 
ATOM   153 C CA  . VAL A 1 20  ? -1.025  -5.429  -12.271 1.00 67.77  ? 736 VAL A CA  1 
ATOM   154 C C   . VAL A 1 20  ? -0.710  -5.001  -10.841 1.00 71.13  ? 736 VAL A C   1 
ATOM   155 O O   . VAL A 1 20  ? -0.268  -3.869  -10.589 1.00 65.52  ? 736 VAL A O   1 
ATOM   156 C CB  . VAL A 1 20  ? -2.540  -5.568  -12.498 1.00 64.16  ? 736 VAL A CB  1 
ATOM   157 C CG1 . VAL A 1 20  ? -3.214  -4.212  -12.429 1.00 54.92  ? 736 VAL A CG1 1 
ATOM   158 C CG2 . VAL A 1 20  ? -2.821  -6.251  -13.832 1.00 70.15  ? 736 VAL A CG2 1 
ATOM   159 N N   . PHE A 1 21  ? -0.937  -5.909  -9.887  1.00 56.83  ? 737 PHE A N   1 
ATOM   160 C CA  . PHE A 1 21  ? -0.588  -5.662  -8.491  1.00 69.17  ? 737 PHE A CA  1 
ATOM   161 C C   . PHE A 1 21  ? 0.865   -5.227  -8.363  1.00 70.97  ? 737 PHE A C   1 
ATOM   162 O O   . PHE A 1 21  ? 1.180   -4.262  -7.657  1.00 65.15  ? 737 PHE A O   1 
ATOM   163 C CB  . PHE A 1 21  ? -0.845  -6.927  -7.667  1.00 62.19  ? 737 PHE A CB  1 
ATOM   164 C CG  . PHE A 1 21  ? -0.815  -6.710  -6.180  1.00 65.67  ? 737 PHE A CG  1 
ATOM   165 C CD1 . PHE A 1 21  ? 0.374   -6.787  -5.476  1.00 61.47  ? 737 PHE A CD1 1 
ATOM   166 C CD2 . PHE A 1 21  ? -1.984  -6.448  -5.484  1.00 72.93  ? 737 PHE A CD2 1 
ATOM   167 C CE1 . PHE A 1 21  ? 0.400   -6.595  -4.105  1.00 66.97  ? 737 PHE A CE1 1 
ATOM   168 C CE2 . PHE A 1 21  ? -1.965  -6.256  -4.114  1.00 71.32  ? 737 PHE A CE2 1 
ATOM   169 C CZ  . PHE A 1 21  ? -0.771  -6.329  -3.425  1.00 66.32  ? 737 PHE A CZ  1 
ATOM   170 N N   . ALA A 1 22  ? 1.767   -5.927  -9.055  1.00 73.64  ? 738 ALA A N   1 
ATOM   171 C CA  . ALA A 1 22  ? 3.181   -5.572  -9.002  1.00 71.55  ? 738 ALA A CA  1 
ATOM   172 C C   . ALA A 1 22  ? 3.426   -4.190  -9.591  1.00 64.21  ? 738 ALA A C   1 
ATOM   173 O O   . ALA A 1 22  ? 4.243   -3.419  -9.070  1.00 60.59  ? 738 ALA A O   1 
ATOM   174 C CB  . ALA A 1 22  ? 4.019   -6.617  -9.737  1.00 61.16  ? 738 ALA A CB  1 
ATOM   175 N N   . ALA A 1 23  ? 2.730   -3.860  -10.682 1.00 58.62  ? 739 ALA A N   1 
ATOM   176 C CA  . ALA A 1 23  ? 2.864   -2.531  -11.269 1.00 57.26  ? 739 ALA A CA  1 
ATOM   177 C C   . ALA A 1 23  ? 2.485   -1.447  -10.272 1.00 61.31  ? 739 ALA A C   1 
ATOM   178 O O   . ALA A 1 23  ? 3.179   -0.428  -10.154 1.00 64.30  ? 739 ALA A O   1 
ATOM   179 C CB  . ALA A 1 23  ? 2.002   -2.417  -12.525 1.00 69.13  ? 739 ALA A CB  1 
ATOM   180 N N   . TRP A 1 24  ? 1.397   -1.651  -9.531  1.00 66.97  ? 740 TRP A N   1 
ATOM   181 C CA  . TRP A 1 24  ? 1.019   -0.639  -8.551  1.00 69.88  ? 740 TRP A CA  1 
ATOM   182 C C   . TRP A 1 24  ? 1.955   -0.619  -7.348  1.00 67.17  ? 740 TRP A C   1 
ATOM   183 O O   . TRP A 1 24  ? 2.230   0.459   -6.803  1.00 56.74  ? 740 TRP A O   1 
ATOM   184 C CB  . TRP A 1 24  ? -0.431  -0.843  -8.114  1.00 61.41  ? 740 TRP A CB  1 
ATOM   185 C CG  . TRP A 1 24  ? -1.386  -0.297  -9.129  1.00 50.72  ? 740 TRP A CG  1 
ATOM   186 C CD1 . TRP A 1 24  ? -2.065  -1.001  -10.079 1.00 43.92  ? 740 TRP A CD1 1 
ATOM   187 C CD2 . TRP A 1 24  ? -1.736  1.080   -9.321  1.00 48.03  ? 740 TRP A CD2 1 
ATOM   188 N NE1 . TRP A 1 24  ? -2.832  -0.148  -10.841 1.00 46.60  ? 740 TRP A NE1 1 
ATOM   189 C CE2 . TRP A 1 24  ? -2.644  1.134   -10.397 1.00 35.08  ? 740 TRP A CE2 1 
ATOM   190 C CE3 . TRP A 1 24  ? -1.374  2.271   -8.682  1.00 47.66  ? 740 TRP A CE3 1 
ATOM   191 C CZ2 . TRP A 1 24  ? -3.199  2.332   -10.845 1.00 47.65  ? 740 TRP A CZ2 1 
ATOM   192 C CZ3 . TRP A 1 24  ? -1.926  3.462   -9.132  1.00 56.91  ? 740 TRP A CZ3 1 
ATOM   193 C CH2 . TRP A 1 24  ? -2.827  3.482   -10.202 1.00 37.58  ? 740 TRP A CH2 1 
ATOM   194 N N   . ILE A 1 25  ? 2.467   -1.778  -6.928  1.00 69.27  ? 741 ILE A N   1 
ATOM   195 C CA  . ILE A 1 25  ? 3.435   -1.800  -5.834  1.00 60.30  ? 741 ILE A CA  1 
ATOM   196 C C   . ILE A 1 25  ? 4.684   -1.013  -6.214  1.00 70.81  ? 741 ILE A C   1 
ATOM   197 O O   . ILE A 1 25  ? 5.229   -0.258  -5.401  1.00 63.91  ? 741 ILE A O   1 
ATOM   198 C CB  . ILE A 1 25  ? 3.776   -3.247  -5.438  1.00 61.46  ? 741 ILE A CB  1 
ATOM   199 C CG1 . ILE A 1 25  ? 2.580   -3.904  -4.751  1.00 54.80  ? 741 ILE A CG1 1 
ATOM   200 C CG2 . ILE A 1 25  ? 4.976   -3.277  -4.512  1.00 56.73  ? 741 ILE A CG2 1 
ATOM   201 C CD1 . ILE A 1 25  ? 2.252   -3.291  -3.401  1.00 61.29  ? 741 ILE A CD1 1 
ATOM   202 N N   . GLU A 1 26  ? 5.153   -1.174  -7.452  1.00 75.87  ? 742 GLU A N   1 
ATOM   203 C CA  . GLU A 1 26  ? 6.283   -0.375  -7.919  1.00 60.57  ? 742 GLU A CA  1 
ATOM   204 C C   . GLU A 1 26  ? 5.919   1.104   -7.965  1.00 62.13  ? 742 GLU A C   1 
ATOM   205 O O   . GLU A 1 26  ? 6.694   1.964   -7.520  1.00 69.50  ? 742 GLU A O   1 
ATOM   206 C CB  . GLU A 1 26  ? 6.735   -0.863  -9.296  1.00 55.47  ? 742 GLU A CB  1 
ATOM   207 N N   . LYS A 1 27  ? 4.734   1.416   -8.503  1.00 71.12  ? 743 LYS A N   1 
ATOM   208 C CA  . LYS A 1 27  ? 4.279   2.803   -8.591  1.00 74.66  ? 743 LYS A CA  1 
ATOM   209 C C   . LYS A 1 27  ? 4.313   3.492   -7.232  1.00 79.02  ? 743 LYS A C   1 
ATOM   210 O O   . LYS A 1 27  ? 4.757   4.640   -7.119  1.00 66.89  ? 743 LYS A O   1 
ATOM   211 C CB  . LYS A 1 27  ? 2.867   2.848   -9.178  1.00 70.46  ? 743 LYS A CB  1 
ATOM   212 C CG  . LYS A 1 27  ? 2.164   4.198   -9.066  1.00 78.61  ? 743 LYS A CG  1 
ATOM   213 C CD  . LYS A 1 27  ? 2.786   5.248   -9.980  1.00 88.86  ? 743 LYS A CD  1 
ATOM   214 C CE  . LYS A 1 27  ? 1.973   6.538   -9.976  1.00 100.96 ? 743 LYS A CE  1 
ATOM   215 N NZ  . LYS A 1 27  ? 2.527   7.568   -10.900 1.00 103.03 ? 743 LYS A NZ  1 
ATOM   216 N N   . VAL A 1 28  ? 3.857   2.805   -6.186  1.00 76.44  ? 744 VAL A N   1 
ATOM   217 C CA  . VAL A 1 28  ? 3.875   3.403   -4.855  1.00 66.51  ? 744 VAL A CA  1 
ATOM   218 C C   . VAL A 1 28  ? 5.288   3.414   -4.283  1.00 78.61  ? 744 VAL A C   1 
ATOM   219 O O   . VAL A 1 28  ? 5.694   4.374   -3.614  1.00 69.31  ? 744 VAL A O   1 
ATOM   220 C CB  . VAL A 1 28  ? 2.893   2.659   -3.932  1.00 64.90  ? 744 VAL A CB  1 
ATOM   221 C CG1 . VAL A 1 28  ? 2.981   3.195   -2.515  1.00 56.28  ? 744 VAL A CG1 1 
ATOM   222 C CG2 . VAL A 1 28  ? 1.472   2.783   -4.458  1.00 62.31  ? 744 VAL A CG2 1 
ATOM   223 N N   . ASP A 1 29  ? 6.064   2.363   -4.558  1.00 79.72  ? 745 ASP A N   1 
ATOM   224 C CA  . ASP A 1 29  ? 7.406   2.259   -3.995  1.00 66.70  ? 745 ASP A CA  1 
ATOM   225 C C   . ASP A 1 29  ? 8.294   3.402   -4.466  1.00 74.10  ? 745 ASP A C   1 
ATOM   226 O O   . ASP A 1 29  ? 9.130   3.903   -3.702  1.00 82.99  ? 745 ASP A O   1 
ATOM   227 C CB  . ASP A 1 29  ? 8.025   0.910   -4.359  1.00 68.20  ? 745 ASP A CB  1 
ATOM   228 C CG  . ASP A 1 29  ? 9.422   0.742   -3.799  1.00 83.52  ? 745 ASP A CG  1 
ATOM   229 O OD1 . ASP A 1 29  ? 9.564   0.641   -2.562  1.00 85.34  ? 745 ASP A OD1 1 
ATOM   230 O OD2 . ASP A 1 29  ? 10.382  0.712   -4.597  1.00 96.00  ? 745 ASP A OD2 1 
ATOM   231 N N   . ALA A 1 30  ? 8.135   3.827   -5.723  1.00 66.08  ? 746 ALA A N   1 
ATOM   232 C CA  . ALA A 1 30  ? 8.888   4.985   -6.193  1.00 66.61  ? 746 ALA A CA  1 
ATOM   233 C C   . ALA A 1 30  ? 8.481   6.247   -5.441  1.00 68.02  ? 746 ALA A C   1 
ATOM   234 O O   . ALA A 1 30  ? 9.333   7.068   -5.084  1.00 73.10  ? 746 ALA A O   1 
ATOM   235 C CB  . ALA A 1 30  ? 8.694   5.171   -7.698  1.00 62.70  ? 746 ALA A CB  1 
ATOM   236 N N   . LEU A 1 31  ? 7.180   6.410   -5.180  1.00 85.20  ? 747 LEU A N   1 
ATOM   237 C CA  . LEU A 1 31  ? 6.702   7.605   -4.489  1.00 73.24  ? 747 LEU A CA  1 
ATOM   238 C C   . LEU A 1 31  ? 7.218   7.668   -3.056  1.00 70.37  ? 747 LEU A C   1 
ATOM   239 O O   . LEU A 1 31  ? 7.687   8.721   -2.607  1.00 64.19  ? 747 LEU A O   1 
ATOM   240 C CB  . LEU A 1 31  ? 5.175   7.644   -4.513  1.00 74.23  ? 747 LEU A CB  1 
ATOM   241 C CG  . LEU A 1 31  ? 4.526   8.733   -5.367  1.00 80.67  ? 747 LEU A CG  1 
ATOM   242 C CD1 . LEU A 1 31  ? 5.045   8.677   -6.793  1.00 95.48  ? 747 LEU A CD1 1 
ATOM   243 C CD2 . LEU A 1 31  ? 3.012   8.597   -5.340  1.00 76.08  ? 747 LEU A CD2 1 
ATOM   244 N N   . VAL A 1 32  ? 7.133   6.558   -2.318  1.00 74.58  ? 748 VAL A N   1 
ATOM   245 C CA  . VAL A 1 32  ? 7.653   6.553   -0.954  1.00 73.36  ? 748 VAL A CA  1 
ATOM   246 C C   . VAL A 1 32  ? 9.167   6.715   -0.961  1.00 82.70  ? 748 VAL A C   1 
ATOM   247 O O   . VAL A 1 32  ? 9.739   7.387   -0.093  1.00 77.94  ? 748 VAL A O   1 
ATOM   248 C CB  . VAL A 1 32  ? 7.224   5.273   -0.214  1.00 63.53  ? 748 VAL A CB  1 
ATOM   249 C CG1 . VAL A 1 32  ? 7.760   5.274   1.209   1.00 71.65  ? 748 VAL A CG1 1 
ATOM   250 C CG2 . VAL A 1 32  ? 5.710   5.139   -0.217  1.00 64.29  ? 748 VAL A CG2 1 
ATOM   251 N N   . GLN A 1 33  ? 9.842   6.108   -1.941  1.00 80.49  ? 749 GLN A N   1 
ATOM   252 C CA  . GLN A 1 33  ? 11.283  6.290   -2.070  1.00 80.48  ? 749 GLN A CA  1 
ATOM   253 C C   . GLN A 1 33  ? 11.648  7.730   -2.408  1.00 73.21  ? 749 GLN A C   1 
ATOM   254 O O   . GLN A 1 33  ? 12.796  8.136   -2.195  1.00 86.37  ? 749 GLN A O   1 
ATOM   255 C CB  . GLN A 1 33  ? 11.837  5.342   -3.134  1.00 88.03  ? 749 GLN A CB  1 
ATOM   256 C CG  . GLN A 1 33  ? 13.120  4.632   -2.734  1.00 84.67  ? 749 GLN A CG  1 
ATOM   257 C CD  . GLN A 1 33  ? 13.519  3.561   -3.731  1.00 101.34 ? 749 GLN A CD  1 
ATOM   258 O OE1 . GLN A 1 33  ? 14.289  2.654   -3.412  1.00 112.33 ? 749 GLN A OE1 1 
ATOM   259 N NE2 . GLN A 1 33  ? 12.993  3.659   -4.947  1.00 91.14  ? 749 GLN A NE2 1 
ATOM   260 N N   . ASP A 1 34  ? 10.700  8.508   -2.937  1.00 81.22  ? 750 ASP A N   1 
ATOM   261 C CA  . ASP A 1 34  ? 10.936  9.933   -3.139  1.00 74.48  ? 750 ASP A CA  1 
ATOM   262 C C   . ASP A 1 34  ? 10.638  10.734  -1.876  1.00 83.93  ? 750 ASP A C   1 
ATOM   263 O O   . ASP A 1 34  ? 11.375  11.668  -1.543  1.00 83.22  ? 750 ASP A O   1 
ATOM   264 C CB  . ASP A 1 34  ? 10.090  10.449  -4.304  1.00 81.58  ? 750 ASP A CB  1 
ATOM   265 C CG  . ASP A 1 34  ? 10.327  11.921  -4.588  1.00 99.00  ? 750 ASP A CG  1 
ATOM   266 O OD1 . ASP A 1 34  ? 11.457  12.276  -4.987  1.00 101.63 ? 750 ASP A OD1 1 
ATOM   267 O OD2 . ASP A 1 34  ? 9.385   12.722  -4.417  1.00 112.00 ? 750 ASP A OD2 1 
ATOM   268 N N   . GLU A 1 35  ? 9.566   10.383  -1.161  1.00 87.15  ? 751 GLU A N   1 
ATOM   269 C CA  . GLU A 1 35  ? 9.201   11.119  0.043   1.00 87.36  ? 751 GLU A CA  1 
ATOM   270 C C   . GLU A 1 35  ? 10.007  10.673  1.257   1.00 86.79  ? 751 GLU A C   1 
ATOM   271 O O   . GLU A 1 35  ? 10.232  11.472  2.172   1.00 83.02  ? 751 GLU A O   1 
ATOM   272 C CB  . GLU A 1 35  ? 7.701   10.969  0.320   1.00 80.63  ? 751 GLU A CB  1 
ATOM   273 C CG  . GLU A 1 35  ? 6.802   11.334  -0.859  1.00 89.13  ? 751 GLU A CG  1 
ATOM   274 C CD  . GLU A 1 35  ? 6.907   12.795  -1.264  1.00 97.16  ? 751 GLU A CD  1 
ATOM   275 O OE1 . GLU A 1 35  ? 7.238   13.635  -0.401  1.00 103.06 ? 751 GLU A OE1 1 
ATOM   276 O OE2 . GLU A 1 35  ? 6.658   13.101  -2.450  1.00 99.19  ? 751 GLU A OE2 1 
ATOM   277 N N   . LEU A 1 36  ? 10.448  9.416   1.287   1.00 92.34  ? 752 LEU A N   1 
ATOM   278 C CA  . LEU A 1 36  ? 11.271  8.884   2.364   1.00 82.09  ? 752 LEU A CA  1 
ATOM   279 C C   . LEU A 1 36  ? 12.543  8.291   1.771   1.00 94.63  ? 752 LEU A C   1 
ATOM   280 O O   . LEU A 1 36  ? 12.783  8.360   0.562   1.00 100.74 ? 752 LEU A O   1 
ATOM   281 C CB  . LEU A 1 36  ? 10.507  7.835   3.183   1.00 88.98  ? 752 LEU A CB  1 
ATOM   282 C CG  . LEU A 1 36  ? 9.258   8.328   3.913   1.00 90.20  ? 752 LEU A CG  1 
ATOM   283 C CD1 . LEU A 1 36  ? 8.498   7.163   4.526   1.00 98.82  ? 752 LEU A CD1 1 
ATOM   284 C CD2 . LEU A 1 36  ? 9.621   9.349   4.979   1.00 82.89  ? 752 LEU A CD2 1 
ATOM   285 N N   . GLY A 1 37  ? 13.363  7.697   2.631   1.00 87.17  ? 753 GLY A N   1 
ATOM   286 C CA  . GLY A 1 37  ? 14.624  7.136   2.191   1.00 90.75  ? 753 GLY A CA  1 
ATOM   287 C C   . GLY A 1 37  ? 14.532  5.687   1.760   1.00 87.95  ? 753 GLY A C   1 
ATOM   288 O O   . GLY A 1 37  ? 15.129  5.294   0.753   1.00 94.92  ? 753 GLY A O   1 
ATOM   289 N N   . TYR A 1 38  ? 13.778  4.885   2.506   1.00 87.65  ? 754 TYR A N   1 
ATOM   290 C CA  . TYR A 1 38  ? 13.740  3.446   2.287   1.00 70.91  ? 754 TYR A CA  1 
ATOM   291 C C   . TYR A 1 38  ? 12.780  3.107   1.147   1.00 76.63  ? 754 TYR A C   1 
ATOM   292 O O   . TYR A 1 38  ? 12.242  3.984   0.466   1.00 79.83  ? 754 TYR A O   1 
ATOM   293 C CB  . TYR A 1 38  ? 13.372  2.727   3.584   1.00 80.83  ? 754 TYR A CB  1 
ATOM   294 C CG  . TYR A 1 38  ? 12.031  3.119   4.166   1.00 84.84  ? 754 TYR A CG  1 
ATOM   295 C CD1 . TYR A 1 38  ? 11.905  4.233   4.986   1.00 84.41  ? 754 TYR A CD1 1 
ATOM   296 C CD2 . TYR A 1 38  ? 10.893  2.365   3.906   1.00 80.73  ? 754 TYR A CD2 1 
ATOM   297 C CE1 . TYR A 1 38  ? 10.685  4.590   5.522   1.00 88.07  ? 754 TYR A CE1 1 
ATOM   298 C CE2 . TYR A 1 38  ? 9.666   2.716   4.439   1.00 75.43  ? 754 TYR A CE2 1 
ATOM   299 C CZ  . TYR A 1 38  ? 9.568   3.829   5.246   1.00 75.86  ? 754 TYR A CZ  1 
ATOM   300 O OH  . TYR A 1 38  ? 8.353   4.182   5.782   1.00 76.77  ? 754 TYR A OH  1 
ATOM   301 N N   . SER A 1 39  ? 12.561  1.811   0.930   1.00 82.50  ? 755 SER A N   1 
ATOM   302 C CA  . SER A 1 39  ? 11.748  1.305   -0.168  1.00 69.37  ? 755 SER A CA  1 
ATOM   303 C C   . SER A 1 39  ? 10.736  0.308   0.370   1.00 70.20  ? 755 SER A C   1 
ATOM   304 O O   . SER A 1 39  ? 11.105  -0.634  1.078   1.00 71.40  ? 755 SER A O   1 
ATOM   305 C CB  . SER A 1 39  ? 12.623  0.645   -1.238  1.00 63.76  ? 755 SER A CB  1 
ATOM   306 O OG  . SER A 1 39  ? 11.895  -0.339  -1.952  1.00 84.68  ? 755 SER A OG  1 
ATOM   307 N N   . VAL A 1 40  ? 9.462   0.509   0.021   1.00 61.94  ? 756 VAL A N   1 
ATOM   308 C CA  . VAL A 1 40  ? 8.411   -0.368  0.530   1.00 55.87  ? 756 VAL A CA  1 
ATOM   309 C C   . VAL A 1 40  ? 8.495   -1.745  -0.112  1.00 65.16  ? 756 VAL A C   1 
ATOM   310 O O   . VAL A 1 40  ? 8.157   -2.752  0.522   1.00 56.70  ? 756 VAL A O   1 
ATOM   311 C CB  . VAL A 1 40  ? 7.026   0.263   0.305   1.00 65.43  ? 756 VAL A CB  1 
ATOM   312 C CG1 . VAL A 1 40  ? 6.016   -0.306  1.291   1.00 59.40  ? 756 VAL A CG1 1 
ATOM   313 C CG2 . VAL A 1 40  ? 7.110   1.768   0.418   1.00 79.03  ? 756 VAL A CG2 1 
ATOM   314 N N   . LEU A 1 41  ? 8.933   -1.818  -1.371  1.00 54.52  ? 757 LEU A N   1 
ATOM   315 C CA  . LEU A 1 41  ? 9.028   -3.108  -2.048  1.00 66.23  ? 757 LEU A CA  1 
ATOM   316 C C   . LEU A 1 41  ? 10.041  -4.018  -1.364  1.00 70.93  ? 757 LEU A C   1 
ATOM   317 O O   . LEU A 1 41  ? 9.816   -5.230  -1.242  1.00 44.54  ? 757 LEU A O   1 
ATOM   318 C CB  . LEU A 1 41  ? 9.387   -2.897  -3.519  1.00 76.66  ? 757 LEU A CB  1 
ATOM   319 C CG  . LEU A 1 41  ? 9.479   -4.154  -4.386  1.00 57.89  ? 757 LEU A CG  1 
ATOM   320 C CD1 . LEU A 1 41  ? 8.237   -5.012  -4.223  1.00 53.43  ? 757 LEU A CD1 1 
ATOM   321 C CD2 . LEU A 1 41  ? 9.678   -3.772  -5.841  1.00 71.99  ? 757 LEU A CD2 1 
ATOM   322 N N   . GLU A 1 42  ? 11.166  -3.453  -0.910  1.00 48.04  ? 758 GLU A N   1 
ATOM   323 C CA  . GLU A 1 42  ? 12.114  -4.221  -0.108  1.00 67.10  ? 758 GLU A CA  1 
ATOM   324 C C   . GLU A 1 42  ? 11.441  -4.796  1.131   1.00 64.25  ? 758 GLU A C   1 
ATOM   325 O O   . GLU A 1 42  ? 11.612  -5.977  1.453   1.00 63.53  ? 758 GLU A O   1 
ATOM   326 C CB  . GLU A 1 42  ? 13.304  -3.347  0.296   1.00 81.57  ? 758 GLU A CB  1 
ATOM   327 C CG  . GLU A 1 42  ? 14.488  -3.387  -0.651  1.00 71.94  ? 758 GLU A CG  1 
ATOM   328 C CD  . GLU A 1 42  ? 15.732  -2.775  -0.033  1.00 83.13  ? 758 GLU A CD  1 
ATOM   329 O OE1 . GLU A 1 42  ? 15.913  -2.909  1.197   1.00 85.87  ? 758 GLU A OE1 1 
ATOM   330 O OE2 . GLU A 1 42  ? 16.525  -2.153  -0.770  1.00 93.25  ? 758 GLU A OE2 1 
ATOM   331 N N   . LEU A 1 43  ? 10.661  -3.973  1.834   1.00 63.05  ? 759 LEU A N   1 
ATOM   332 C CA  . LEU A 1 43  ? 10.014  -4.425  3.061   1.00 63.37  ? 759 LEU A CA  1 
ATOM   333 C C   . LEU A 1 43  ? 8.985   -5.514  2.781   1.00 63.01  ? 759 LEU A C   1 
ATOM   334 O O   . LEU A 1 43  ? 8.837   -6.453  3.570   1.00 66.95  ? 759 LEU A O   1 
ATOM   335 C CB  . LEU A 1 43  ? 9.363   -3.238  3.774   1.00 54.59  ? 759 LEU A CB  1 
ATOM   336 C CG  . LEU A 1 43  ? 10.212  -2.381  4.724   1.00 63.29  ? 759 LEU A CG  1 
ATOM   337 C CD1 . LEU A 1 43  ? 11.525  -1.938  4.096   1.00 68.16  ? 759 LEU A CD1 1 
ATOM   338 C CD2 . LEU A 1 43  ? 9.415   -1.171  5.191   1.00 56.25  ? 759 LEU A CD2 1 
ATOM   339 N N   . ILE A 1 44  ? 8.264   -5.403  1.663   1.00 63.60  ? 760 ILE A N   1 
ATOM   340 C CA  . ILE A 1 44  ? 7.249   -6.397  1.326   1.00 59.51  ? 760 ILE A CA  1 
ATOM   341 C C   . ILE A 1 44  ? 7.904   -7.719  0.950   1.00 56.12  ? 760 ILE A C   1 
ATOM   342 O O   . ILE A 1 44  ? 7.558   -8.778  1.489   1.00 56.06  ? 760 ILE A O   1 
ATOM   343 C CB  . ILE A 1 44  ? 6.344   -5.875  0.196   1.00 60.16  ? 760 ILE A CB  1 
ATOM   344 C CG1 . ILE A 1 44  ? 5.595   -4.621  0.643   1.00 54.51  ? 760 ILE A CG1 1 
ATOM   345 C CG2 . ILE A 1 44  ? 5.361   -6.950  -0.238  1.00 48.71  ? 760 ILE A CG2 1 
ATOM   346 C CD1 . ILE A 1 44  ? 4.989   -3.840  -0.501  1.00 54.95  ? 760 ILE A CD1 1 
ATOM   347 N N   . LEU A 1 45  ? 8.859   -7.680  0.018   1.00 55.42  ? 761 LEU A N   1 
ATOM   348 C CA  . LEU A 1 45  ? 9.519   -8.904  -0.424  1.00 73.80  ? 761 LEU A CA  1 
ATOM   349 C C   . LEU A 1 45  ? 10.307  -9.543  0.715   1.00 69.72  ? 761 LEU A C   1 
ATOM   350 O O   . LEU A 1 45  ? 10.091  -10.711 1.061   1.00 66.04  ? 761 LEU A O   1 
ATOM   351 C CB  . LEU A 1 45  ? 10.424  -8.607  -1.621  1.00 64.16  ? 761 LEU A CB  1 
ATOM   352 C CG  . LEU A 1 45  ? 9.680   -8.210  -2.898  1.00 65.58  ? 761 LEU A CG  1 
ATOM   353 C CD1 . LEU A 1 45  ? 10.647  -7.946  -4.042  1.00 60.66  ? 761 LEU A CD1 1 
ATOM   354 C CD2 . LEU A 1 45  ? 8.674   -9.283  -3.285  1.00 68.89  ? 761 LEU A CD2 1 
ATOM   355 N N   . ASP A 1 46  ? 11.230  -8.790  1.312   1.00 76.46  ? 762 ASP A N   1 
ATOM   356 C CA  . ASP A 1 46  ? 11.930  -9.265  2.499   1.00 79.25  ? 762 ASP A CA  1 
ATOM   357 C C   . ASP A 1 46  ? 10.938  -9.326  3.655   1.00 78.91  ? 762 ASP A C   1 
ATOM   358 O O   . ASP A 1 46  ? 10.833  -8.383  4.446   1.00 98.27  ? 762 ASP A O   1 
ATOM   359 C CB  . ASP A 1 46  ? 13.120  -8.360  2.828   1.00 74.31  ? 762 ASP A CB  1 
ATOM   360 C CG  . ASP A 1 46  ? 14.061  -8.977  3.840   1.00 100.73 ? 762 ASP A CG  1 
ATOM   361 O OD1 . ASP A 1 46  ? 14.623  -10.054 3.549   1.00 102.70 ? 762 ASP A OD1 1 
ATOM   362 O OD2 . ASP A 1 46  ? 14.242  -8.381  4.923   1.00 99.54  ? 762 ASP A OD2 1 
ATOM   363 N N   . ASP A 1 47  ? 10.202  -10.433 3.752   1.00 68.88  ? 763 ASP A N   1 
ATOM   364 C CA  . ASP A 1 47  ? 9.083   -10.562 4.679   1.00 68.07  ? 763 ASP A CA  1 
ATOM   365 C C   . ASP A 1 47  ? 9.546   -10.562 6.132   1.00 73.87  ? 763 ASP A C   1 
ATOM   366 O O   . ASP A 1 47  ? 9.300   -11.522 6.869   1.00 78.51  ? 763 ASP A O   1 
ATOM   367 C CB  . ASP A 1 47  ? 8.297   -11.842 4.367   1.00 78.72  ? 763 ASP A CB  1 
ATOM   368 C CG  . ASP A 1 47  ? 6.905   -11.841 4.974   1.00 84.51  ? 763 ASP A CG  1 
ATOM   369 O OD1 . ASP A 1 47  ? 6.420   -10.756 5.358   1.00 90.03  ? 763 ASP A OD1 1 
ATOM   370 O OD2 . ASP A 1 47  ? 6.293   -12.927 5.064   1.00 81.83  ? 763 ASP A OD2 1 
ATOM   371 N N   . ALA A 1 48  ? 10.214  -9.489  6.548   1.00 80.35  ? 764 ALA A N   1 
ATOM   372 C CA  . ALA A 1 48  ? 10.747  -9.367  7.896   1.00 71.91  ? 764 ALA A CA  1 
ATOM   373 C C   . ALA A 1 48  ? 9.687   -8.819  8.844   1.00 75.38  ? 764 ALA A C   1 
ATOM   374 O O   . ALA A 1 48  ? 8.732   -8.157  8.433   1.00 73.04  ? 764 ALA A O   1 
ATOM   375 C CB  . ALA A 1 48  ? 11.978  -8.460  7.907   1.00 60.54  ? 764 ALA A CB  1 
ATOM   376 N N   . GLN A 1 49  ? 9.866   -9.108  10.130  1.00 84.63  ? 765 GLN A N   1 
ATOM   377 C CA  . GLN A 1 49  ? 8.969   -8.562  11.139  1.00 68.69  ? 765 GLN A CA  1 
ATOM   378 C C   . GLN A 1 49  ? 9.177   -7.061  11.273  1.00 74.49  ? 765 GLN A C   1 
ATOM   379 O O   . GLN A 1 49  ? 10.303  -6.562  11.194  1.00 77.58  ? 765 GLN A O   1 
ATOM   380 C CB  . GLN A 1 49  ? 9.184   -9.248  12.487  1.00 71.97  ? 765 GLN A CB  1 
ATOM   381 C CG  . GLN A 1 49  ? 8.734   -10.696 12.523  1.00 83.62  ? 765 GLN A CG  1 
ATOM   382 C CD  . GLN A 1 49  ? 8.531   -11.202 13.937  1.00 96.65  ? 765 GLN A CD  1 
ATOM   383 O OE1 . GLN A 1 49  ? 7.585   -11.940 14.215  1.00 87.69  ? 765 GLN A OE1 1 
ATOM   384 N NE2 . GLN A 1 49  ? 9.420   -10.807 14.841  1.00 105.00 ? 765 GLN A NE2 1 
ATOM   385 N N   . ASP A 1 50  ? 8.078   -6.337  11.477  1.00 56.11  ? 766 ASP A N   1 
ATOM   386 C CA  . ASP A 1 50  ? 8.115   -4.877  11.514  1.00 69.60  ? 766 ASP A CA  1 
ATOM   387 C C   . ASP A 1 50  ? 7.244   -4.396  12.665  1.00 74.61  ? 766 ASP A C   1 
ATOM   388 O O   . ASP A 1 50  ? 6.016   -4.500  12.604  1.00 80.77  ? 766 ASP A O   1 
ATOM   389 C CB  . ASP A 1 50  ? 7.642   -4.285  10.187  1.00 53.22  ? 766 ASP A CB  1 
ATOM   390 C CG  . ASP A 1 50  ? 7.940   -2.803  10.068  1.00 62.13  ? 766 ASP A CG  1 
ATOM   391 O OD1 . ASP A 1 50  ? 8.525   -2.227  11.008  1.00 69.97  ? 766 ASP A OD1 1 
ATOM   392 O OD2 . ASP A 1 50  ? 7.590   -2.213  9.025   1.00 72.62  ? 766 ASP A OD2 1 
ATOM   393 N N   . TYR A 1 51  ? 7.881   -3.872  13.711  1.00 57.48  ? 767 TYR A N   1 
ATOM   394 C CA  . TYR A 1 51  ? 7.169   -3.244  14.815  1.00 54.32  ? 767 TYR A CA  1 
ATOM   395 C C   . TYR A 1 51  ? 7.166   -1.725  14.723  1.00 57.21  ? 767 TYR A C   1 
ATOM   396 O O   . TYR A 1 51  ? 6.484   -1.074  15.521  1.00 56.86  ? 767 TYR A O   1 
ATOM   397 C CB  . TYR A 1 51  ? 7.775   -3.678  16.154  1.00 67.48  ? 767 TYR A CB  1 
ATOM   398 C CG  . TYR A 1 51  ? 7.743   -5.172  16.369  1.00 72.79  ? 767 TYR A CG  1 
ATOM   399 C CD1 . TYR A 1 51  ? 6.599   -5.800  16.838  1.00 65.61  ? 767 TYR A CD1 1 
ATOM   400 C CD2 . TYR A 1 51  ? 8.855   -5.956  16.096  1.00 83.62  ? 767 TYR A CD2 1 
ATOM   401 C CE1 . TYR A 1 51  ? 6.563   -7.164  17.031  1.00 68.31  ? 767 TYR A CE1 1 
ATOM   402 C CE2 . TYR A 1 51  ? 8.830   -7.323  16.288  1.00 80.10  ? 767 TYR A CE2 1 
ATOM   403 C CZ  . TYR A 1 51  ? 7.680   -7.922  16.754  1.00 82.16  ? 767 TYR A CZ  1 
ATOM   404 O OH  . TYR A 1 51  ? 7.646   -9.283  16.951  1.00 87.80  ? 767 TYR A OH  1 
ATOM   405 N N   . GLY A 1 52  ? 7.908   -1.153  13.777  1.00 65.77  ? 768 GLY A N   1 
ATOM   406 C CA  . GLY A 1 52  ? 7.879   0.276   13.554  1.00 70.26  ? 768 GLY A CA  1 
ATOM   407 C C   . GLY A 1 52  ? 6.521   0.732   13.068  1.00 68.93  ? 768 GLY A C   1 
ATOM   408 O O   . GLY A 1 52  ? 5.971   0.159   12.122  1.00 71.09  ? 768 GLY A O   1 
ATOM   409 N N   . ILE A 1 53  ? 5.967   1.759   13.712  1.00 53.65  ? 769 ILE A N   1 
ATOM   410 C CA  . ILE A 1 53  ? 4.615   2.203   13.386  1.00 60.76  ? 769 ILE A CA  1 
ATOM   411 C C   . ILE A 1 53  ? 4.562   2.746   11.964  1.00 61.52  ? 769 ILE A C   1 
ATOM   412 O O   . ILE A 1 53  ? 3.704   2.356   11.160  1.00 71.47  ? 769 ILE A O   1 
ATOM   413 C CB  . ILE A 1 53  ? 4.138   3.248   14.408  1.00 64.83  ? 769 ILE A CB  1 
ATOM   414 C CG1 . ILE A 1 53  ? 4.375   2.736   15.831  1.00 63.42  ? 769 ILE A CG1 1 
ATOM   415 C CG2 . ILE A 1 53  ? 2.672   3.575   14.185  1.00 68.43  ? 769 ILE A CG2 1 
ATOM   416 C CD1 . ILE A 1 53  ? 4.004   3.728   16.907  1.00 88.63  ? 769 ILE A CD1 1 
ATOM   417 N N   . GLU A 1 54  ? 5.492   3.644   11.628  1.00 49.97  ? 770 GLU A N   1 
ATOM   418 C CA  . GLU A 1 54  ? 5.451   4.307   10.327  1.00 64.36  ? 770 GLU A CA  1 
ATOM   419 C C   . GLU A 1 54  ? 5.630   3.310   9.188   1.00 59.24  ? 770 GLU A C   1 
ATOM   420 O O   . GLU A 1 54  ? 4.834   3.287   8.242   1.00 68.23  ? 770 GLU A O   1 
ATOM   421 C CB  . GLU A 1 54  ? 6.518   5.401   10.258  1.00 62.87  ? 770 GLU A CB  1 
ATOM   422 C CG  . GLU A 1 54  ? 6.570   6.111   8.915   1.00 91.56  ? 770 GLU A CG  1 
ATOM   423 C CD  . GLU A 1 54  ? 7.697   7.116   8.833   1.00 98.68  ? 770 GLU A CD  1 
ATOM   424 O OE1 . GLU A 1 54  ? 7.684   8.095   9.611   1.00 107.58 ? 770 GLU A OE1 1 
ATOM   425 O OE2 . GLU A 1 54  ? 8.601   6.923   7.991   1.00 86.10  ? 770 GLU A OE2 1 
ATOM   426 N N   . THR A 1 55  ? 6.671   2.474   9.259   1.00 59.38  ? 771 THR A N   1 
ATOM   427 C CA  . THR A 1 55  ? 6.935   1.537   8.170   1.00 68.04  ? 771 THR A CA  1 
ATOM   428 C C   . THR A 1 55  ? 5.809   0.521   8.010   1.00 57.54  ? 771 THR A C   1 
ATOM   429 O O   . THR A 1 55  ? 5.505   0.102   6.885   1.00 60.12  ? 771 THR A O   1 
ATOM   430 C CB  . THR A 1 55  ? 8.271   0.825   8.395   1.00 64.99  ? 771 THR A CB  1 
ATOM   431 O OG1 . THR A 1 55  ? 8.282   0.231   9.699   1.00 60.53  ? 771 THR A OG1 1 
ATOM   432 C CG2 . THR A 1 55  ? 9.425   1.808   8.277   1.00 48.39  ? 771 THR A CG2 1 
ATOM   433 N N   . THR A 1 56  ? 5.183   0.111   9.116   1.00 60.03  ? 772 THR A N   1 
ATOM   434 C CA  . THR A 1 56  ? 4.020   -0.768  9.028   1.00 60.44  ? 772 THR A CA  1 
ATOM   435 C C   . THR A 1 56  ? 2.865   -0.068  8.323   1.00 55.92  ? 772 THR A C   1 
ATOM   436 O O   . THR A 1 56  ? 2.229   -0.639  7.427   1.00 55.27  ? 772 THR A O   1 
ATOM   437 C CB  . THR A 1 56  ? 3.602   -1.231  10.424  1.00 52.74  ? 772 THR A CB  1 
ATOM   438 O OG1 . THR A 1 56  ? 4.556   -2.176  10.924  1.00 63.08  ? 772 THR A OG1 1 
ATOM   439 C CG2 . THR A 1 56  ? 2.224   -1.875  10.392  1.00 46.70  ? 772 THR A CG2 1 
ATOM   440 N N   . GLN A 1 57  ? 2.586   1.181   8.714   1.00 54.67  ? 773 GLN A N   1 
ATOM   441 C CA  . GLN A 1 57  ? 1.534   1.948   8.053   1.00 51.69  ? 773 GLN A CA  1 
ATOM   442 C C   . GLN A 1 57  ? 1.806   2.095   6.561   1.00 56.62  ? 773 GLN A C   1 
ATOM   443 O O   . GLN A 1 57  ? 0.881   2.016   5.745   1.00 50.55  ? 773 GLN A O   1 
ATOM   444 C CB  . GLN A 1 57  ? 1.392   3.323   8.709   1.00 58.79  ? 773 GLN A CB  1 
ATOM   445 C CG  . GLN A 1 57  ? 0.846   3.288   10.128  1.00 81.77  ? 773 GLN A CG  1 
ATOM   446 C CD  . GLN A 1 57  ? -0.563  2.733   10.199  1.00 91.99  ? 773 GLN A CD  1 
ATOM   447 O OE1 . GLN A 1 57  ? -0.762  1.533   10.394  1.00 82.04  ? 773 GLN A OE1 1 
ATOM   448 N NE2 . GLN A 1 57  ? -1.551  3.607   10.043  1.00 110.04 ? 773 GLN A NE2 1 
ATOM   449 N N   . VAL A 1 58  ? 3.071   2.303   6.185   1.00 55.63  ? 774 VAL A N   1 
ATOM   450 C CA  . VAL A 1 58  ? 3.414   2.450   4.775   1.00 52.17  ? 774 VAL A CA  1 
ATOM   451 C C   . VAL A 1 58  ? 3.217   1.133   4.036   1.00 58.18  ? 774 VAL A C   1 
ATOM   452 O O   . VAL A 1 58  ? 2.684   1.107   2.920   1.00 63.93  ? 774 VAL A O   1 
ATOM   453 C CB  . VAL A 1 58  ? 4.854   2.973   4.622   1.00 57.33  ? 774 VAL A CB  1 
ATOM   454 C CG1 . VAL A 1 58  ? 5.222   3.075   3.153   1.00 63.68  ? 774 VAL A CG1 1 
ATOM   455 C CG2 . VAL A 1 58  ? 5.010   4.322   5.299   1.00 58.66  ? 774 VAL A CG2 1 
ATOM   456 N N   . THR A 1 59  ? 3.644   0.021   4.639   1.00 54.30  ? 775 THR A N   1 
ATOM   457 C CA  . THR A 1 59  ? 3.476   -1.278  3.996   1.00 56.01  ? 775 THR A CA  1 
ATOM   458 C C   . THR A 1 59  ? 2.002   -1.580  3.755   1.00 55.89  ? 775 THR A C   1 
ATOM   459 O O   . THR A 1 59  ? 1.595   -1.893  2.626   1.00 54.73  ? 775 THR A O   1 
ATOM   460 C CB  . THR A 1 59  ? 4.120   -2.375  4.847   1.00 39.81  ? 775 THR A CB  1 
ATOM   461 O OG1 . THR A 1 59  ? 5.544   -2.209  4.850   1.00 55.76  ? 775 THR A OG1 1 
ATOM   462 C CG2 . THR A 1 59  ? 3.778   -3.748  4.293   1.00 53.32  ? 775 THR A CG2 1 
ATOM   463 N N   . ILE A 1 60  ? 1.182   -1.484  4.808   1.00 56.06  ? 776 ILE A N   1 
ATOM   464 C CA  . ILE A 1 60  ? -0.254  -1.704  4.653   1.00 39.15  ? 776 ILE A CA  1 
ATOM   465 C C   . ILE A 1 60  ? -0.831  -0.750  3.614   1.00 41.43  ? 776 ILE A C   1 
ATOM   466 O O   . ILE A 1 60  ? -1.699  -1.128  2.817   1.00 44.34  ? 776 ILE A O   1 
ATOM   467 C CB  . ILE A 1 60  ? -0.966  -1.563  6.010   1.00 48.25  ? 776 ILE A CB  1 
ATOM   468 C CG1 . ILE A 1 60  ? -0.398  -2.560  7.020   1.00 53.61  ? 776 ILE A CG1 1 
ATOM   469 C CG2 . ILE A 1 60  ? -2.463  -1.773  5.850   1.00 43.35  ? 776 ILE A CG2 1 
ATOM   470 C CD1 . ILE A 1 60  ? -1.006  -2.435  8.407   1.00 32.07  ? 776 ILE A CD1 1 
ATOM   471 N N   . PHE A 1 61  ? -0.343  0.493   3.590   1.00 43.03  ? 777 PHE A N   1 
ATOM   472 C CA  . PHE A 1 61  ? -0.831  1.472   2.624   1.00 35.37  ? 777 PHE A CA  1 
ATOM   473 C C   . PHE A 1 61  ? -0.580  1.011   1.192   1.00 57.37  ? 777 PHE A C   1 
ATOM   474 O O   . PHE A 1 61  ? -1.510  0.927   0.383   1.00 58.13  ? 777 PHE A O   1 
ATOM   475 C CB  . PHE A 1 61  ? -0.176  2.831   2.873   1.00 43.15  ? 777 PHE A CB  1 
ATOM   476 C CG  . PHE A 1 61  ? -0.468  3.849   1.805   1.00 57.18  ? 777 PHE A CG  1 
ATOM   477 C CD1 . PHE A 1 61  ? -1.713  4.447   1.725   1.00 58.93  ? 777 PHE A CD1 1 
ATOM   478 C CD2 . PHE A 1 61  ? 0.502   4.210   0.886   1.00 57.00  ? 777 PHE A CD2 1 
ATOM   479 C CE1 . PHE A 1 61  ? -1.987  5.386   0.748   1.00 56.35  ? 777 PHE A CE1 1 
ATOM   480 C CE2 . PHE A 1 61  ? 0.236   5.148   -0.092  1.00 62.41  ? 777 PHE A CE2 1 
ATOM   481 C CZ  . PHE A 1 61  ? -1.011  5.737   -0.162  1.00 65.74  ? 777 PHE A CZ  1 
ATOM   482 N N   . ALA A 1 62  ? 0.680   0.713   0.861   1.00 57.08  ? 778 ALA A N   1 
ATOM   483 C CA  . ALA A 1 62  ? 1.003   0.275   -0.494  1.00 56.67  ? 778 ALA A CA  1 
ATOM   484 C C   . ALA A 1 62  ? 0.226   -0.981  -0.869  1.00 56.58  ? 778 ALA A C   1 
ATOM   485 O O   . ALA A 1 62  ? -0.307  -1.081  -1.984  1.00 47.24  ? 778 ALA A O   1 
ATOM   486 C CB  . ALA A 1 62  ? 2.507   0.036   -0.625  1.00 44.35  ? 778 ALA A CB  1 
ATOM   487 N N   . ILE A 1 63  ? 0.138   -1.944  0.054   1.00 45.10  ? 779 ILE A N   1 
ATOM   488 C CA  . ILE A 1 63  ? -0.591  -3.178  -0.234  1.00 46.39  ? 779 ILE A CA  1 
ATOM   489 C C   . ILE A 1 63  ? -2.050  -2.878  -0.557  1.00 56.62  ? 779 ILE A C   1 
ATOM   490 O O   . ILE A 1 63  ? -2.622  -3.442  -1.498  1.00 44.49  ? 779 ILE A O   1 
ATOM   491 C CB  . ILE A 1 63  ? -0.462  -4.164  0.940   1.00 54.42  ? 779 ILE A CB  1 
ATOM   492 C CG1 . ILE A 1 63  ? 0.996   -4.589  1.121   1.00 62.67  ? 779 ILE A CG1 1 
ATOM   493 C CG2 . ILE A 1 63  ? -1.343  -5.378  0.717   1.00 44.26  ? 779 ILE A CG2 1 
ATOM   494 C CD1 . ILE A 1 63  ? 1.643   -5.068  -0.149  1.00 63.13  ? 779 ILE A CD1 1 
ATOM   495 N N   . GLN A 1 64  ? -2.673  -1.978  0.209   1.00 52.08  ? 780 GLN A N   1 
ATOM   496 C CA  . GLN A 1 64  ? -4.084  -1.675  -0.017  1.00 60.14  ? 780 GLN A CA  1 
ATOM   497 C C   . GLN A 1 64  ? -4.290  -0.886  -1.304  1.00 56.87  ? 780 GLN A C   1 
ATOM   498 O O   . GLN A 1 64  ? -5.310  -1.061  -1.983  1.00 44.15  ? 780 GLN A O   1 
ATOM   499 C CB  . GLN A 1 64  ? -4.659  -0.920  1.178   1.00 38.01  ? 780 GLN A CB  1 
ATOM   500 C CG  . GLN A 1 64  ? -4.861  -1.791  2.395   1.00 34.32  ? 780 GLN A CG  1 
ATOM   501 C CD  . GLN A 1 64  ? -5.386  -1.012  3.575   1.00 46.65  ? 780 GLN A CD  1 
ATOM   502 O OE1 . GLN A 1 64  ? -5.211  0.203   3.654   1.00 47.25  ? 780 GLN A OE1 1 
ATOM   503 N NE2 . GLN A 1 64  ? -6.046  -1.705  4.499   1.00 35.39  ? 780 GLN A NE2 1 
ATOM   504 N N   . ILE A 1 65  ? -3.345  -0.007  -1.655  1.00 47.42  ? 781 ILE A N   1 
ATOM   505 C CA  . ILE A 1 65  ? -3.433  0.707   -2.927  1.00 40.35  ? 781 ILE A CA  1 
ATOM   506 C C   . ILE A 1 65  ? -3.361  -0.276  -4.087  1.00 47.86  ? 781 ILE A C   1 
ATOM   507 O O   . ILE A 1 65  ? -4.143  -0.190  -5.042  1.00 59.46  ? 781 ILE A O   1 
ATOM   508 C CB  . ILE A 1 65  ? -2.329  1.777   -3.028  1.00 51.36  ? 781 ILE A CB  1 
ATOM   509 C CG1 . ILE A 1 65  ? -2.462  2.807   -1.906  1.00 44.90  ? 781 ILE A CG1 1 
ATOM   510 C CG2 . ILE A 1 65  ? -2.387  2.473   -4.382  1.00 56.88  ? 781 ILE A CG2 1 
ATOM   511 C CD1 . ILE A 1 65  ? -3.741  3.601   -1.951  1.00 43.12  ? 781 ILE A CD1 1 
ATOM   512 N N   . ALA A 1 66  ? -2.438  -1.241  -4.011  1.00 55.90  ? 782 ALA A N   1 
ATOM   513 C CA  . ALA A 1 66  ? -2.282  -2.190  -5.109  1.00 56.70  ? 782 ALA A CA  1 
ATOM   514 C C   . ALA A 1 66  ? -3.469  -3.143  -5.200  1.00 47.16  ? 782 ALA A C   1 
ATOM   515 O O   . ALA A 1 66  ? -3.922  -3.468  -6.303  1.00 50.48  ? 782 ALA A O   1 
ATOM   516 C CB  . ALA A 1 66  ? -0.978  -2.969  -4.953  1.00 55.13  ? 782 ALA A CB  1 
ATOM   517 N N   . LEU A 1 67  ? -3.980  -3.611  -4.057  1.00 44.83  ? 783 LEU A N   1 
ATOM   518 C CA  . LEU A 1 67  ? -5.150  -4.486  -4.082  1.00 45.91  ? 783 LEU A CA  1 
ATOM   519 C C   . LEU A 1 67  ? -6.380  -3.748  -4.597  1.00 58.43  ? 783 LEU A C   1 
ATOM   520 O O   . LEU A 1 67  ? -7.152  -4.292  -5.396  1.00 49.17  ? 783 LEU A O   1 
ATOM   521 C CB  . LEU A 1 67  ? -5.412  -5.056  -2.689  1.00 38.62  ? 783 LEU A CB  1 
ATOM   522 C CG  . LEU A 1 67  ? -6.701  -5.861  -2.497  1.00 54.11  ? 783 LEU A CG  1 
ATOM   523 C CD1 . LEU A 1 67  ? -6.641  -7.202  -3.220  1.00 43.52  ? 783 LEU A CD1 1 
ATOM   524 C CD2 . LEU A 1 67  ? -7.001  -6.056  -1.019  1.00 43.29  ? 783 LEU A CD2 1 
ATOM   525 N N   . GLY A 1 68  ? -6.573  -2.505  -4.153  1.00 49.30  ? 784 GLY A N   1 
ATOM   526 C CA  . GLY A 1 68  ? -7.715  -1.736  -4.615  1.00 50.73  ? 784 GLY A CA  1 
ATOM   527 C C   . GLY A 1 68  ? -7.651  -1.419  -6.095  1.00 56.89  ? 784 GLY A C   1 
ATOM   528 O O   . GLY A 1 68  ? -8.669  -1.465  -6.792  1.00 55.82  ? 784 GLY A O   1 
ATOM   529 N N   . GLU A 1 69  ? -6.459  -1.080  -6.595  1.00 63.74  ? 785 GLU A N   1 
ATOM   530 C CA  . GLU A 1 69  ? -6.325  -0.805  -8.020  1.00 50.76  ? 785 GLU A CA  1 
ATOM   531 C C   . GLU A 1 69  ? -6.402  -2.083  -8.842  1.00 49.37  ? 785 GLU A C   1 
ATOM   532 O O   . GLU A 1 69  ? -6.785  -2.040  -10.017 1.00 59.56  ? 785 GLU A O   1 
ATOM   533 C CB  . GLU A 1 69  ? -5.019  -0.060  -8.294  1.00 40.64  ? 785 GLU A CB  1 
ATOM   534 C CG  . GLU A 1 69  ? -5.009  1.375   -7.795  1.00 51.01  ? 785 GLU A CG  1 
ATOM   535 C CD  . GLU A 1 69  ? -5.850  2.316   -8.643  1.00 60.92  ? 785 GLU A CD  1 
ATOM   536 O OE1 . GLU A 1 69  ? -6.418  1.868   -9.664  1.00 58.56  ? 785 GLU A OE1 1 
ATOM   537 O OE2 . GLU A 1 69  ? -5.937  3.513   -8.285  1.00 47.17  ? 785 GLU A OE2 1 
ATOM   538 N N   . LEU A 1 70  ? -6.041  -3.226  -8.255  1.00 47.88  ? 786 LEU A N   1 
ATOM   539 C CA  . LEU A 1 70  ? -6.282  -4.499  -8.926  1.00 54.97  ? 786 LEU A CA  1 
ATOM   540 C C   . LEU A 1 70  ? -7.774  -4.783  -9.028  1.00 66.01  ? 786 LEU A C   1 
ATOM   541 O O   . LEU A 1 70  ? -8.249  -5.296  -10.049 1.00 63.74  ? 786 LEU A O   1 
ATOM   542 C CB  . LEU A 1 70  ? -5.570  -5.633  -8.186  1.00 47.78  ? 786 LEU A CB  1 
ATOM   543 C CG  . LEU A 1 70  ? -5.846  -7.044  -8.709  1.00 44.87  ? 786 LEU A CG  1 
ATOM   544 C CD1 . LEU A 1 70  ? -5.324  -7.202  -10.127 1.00 53.58  ? 786 LEU A CD1 1 
ATOM   545 C CD2 . LEU A 1 70  ? -5.242  -8.090  -7.788  1.00 45.13  ? 786 LEU A CD2 1 
ATOM   546 N N   . LEU A 1 71  ? -8.552  -4.379  -8.052  1.00 59.34  ? 787 LEU A N   1 
ATOM   547 C CA  . LEU A 1 71  ? -9.968  -4.575  -8.149  1.00 59.99  ? 787 LEU A CA  1 
ATOM   548 C C   . LEU A 1 71  ? -10.537 -3.613  -9.118  1.00 47.43  ? 787 LEU A C   1 
ATOM   549 O O   . LEU A 1 71  ? -11.419 -3.922  -9.805  1.00 52.04  ? 787 LEU A O   1 
ATOM   550 C CB  . LEU A 1 71  ? -10.644 -4.416  -6.820  1.00 54.61  ? 787 LEU A CB  1 
ATOM   551 C CG  . LEU A 1 71  ? -10.277 -5.491  -5.853  1.00 63.19  ? 787 LEU A CG  1 
ATOM   552 C CD1 . LEU A 1 71  ? -11.020 -5.432  -4.563  1.00 58.05  ? 787 LEU A CD1 1 
ATOM   553 C CD2 . LEU A 1 71  ? -10.287 -6.854  -6.454  1.00 52.73  ? 787 LEU A CD2 1 
ATOM   554 N N   . ARG A 1 72  ? -10.018 -2.422  -9.162  1.00 56.44  ? 788 ARG A N   1 
ATOM   555 C CA  . ARG A 1 72  ? -10.495 -1.461  -10.151 1.00 46.73  ? 788 ARG A CA  1 
ATOM   556 C C   . ARG A 1 72  ? -10.163 -1.906  -11.570 1.00 64.57  ? 788 ARG A C   1 
ATOM   557 O O   . ARG A 1 72  ? -10.918 -1.610  -12.503 1.00 59.14  ? 788 ARG A O   1 
ATOM   558 C CB  . ARG A 1 72  ? -9.895  -0.083  -9.875  1.00 36.00  ? 788 ARG A CB  1 
ATOM   559 C CG  . ARG A 1 72  ? -10.638 1.053   -10.548 1.00 44.00  ? 788 ARG A CG  1 
ATOM   560 C CD  . ARG A 1 72  ? -9.755  2.268   -10.752 1.00 41.15  ? 788 ARG A CD  1 
ATOM   561 N NE  . ARG A 1 72  ? -9.177  2.773   -9.510  1.00 65.20  ? 788 ARG A NE  1 
ATOM   562 C CZ  . ARG A 1 72  ? -9.755  3.678   -8.728  1.00 64.79  ? 788 ARG A CZ  1 
ATOM   563 N NH1 . ARG A 1 72  ? -10.940 4.178   -9.049  1.00 77.04  ? 788 ARG A NH1 1 
ATOM   564 N NH2 . ARG A 1 72  ? -9.147  4.085   -7.621  1.00 56.06  ? 788 ARG A NH2 1 
ATOM   565 N N   . HIS A 1 73  ? -9.038  -2.605  -11.752 1.00 61.64  ? 789 HIS A N   1 
ATOM   566 C CA  . HIS A 1 73  ? -8.694  -3.140  -13.065 1.00 56.19  ? 789 HIS A CA  1 
ATOM   567 C C   . HIS A 1 73  ? -9.732  -4.144  -13.547 1.00 65.26  ? 789 HIS A C   1 
ATOM   568 O O   . HIS A 1 73  ? -9.902  -4.332  -14.758 1.00 75.19  ? 789 HIS A O   1 
ATOM   569 C CB  . HIS A 1 73  ? -7.303  -3.779  -13.013 1.00 69.25  ? 789 HIS A CB  1 
ATOM   570 C CG  . HIS A 1 73  ? -6.923  -4.524  -14.256 1.00 68.33  ? 789 HIS A CG  1 
ATOM   571 N ND1 . HIS A 1 73  ? -7.080  -5.889  -14.382 1.00 58.54  ? 789 HIS A ND1 1 
ATOM   572 C CD2 . HIS A 1 73  ? -6.376  -4.100  -15.420 1.00 50.74  ? 789 HIS A CD2 1 
ATOM   573 C CE1 . HIS A 1 73  ? -6.655  -6.271  -15.573 1.00 55.89  ? 789 HIS A CE1 1 
ATOM   574 N NE2 . HIS A 1 73  ? -6.224  -5.205  -16.223 1.00 65.63  ? 789 HIS A NE2 1 
ATOM   575 N N   . HIS A 1 74  ? -10.436 -4.794  -12.622 1.00 49.28  ? 790 HIS A N   1 
ATOM   576 C CA  . HIS A 1 74  ? -11.512 -5.711  -12.963 1.00 59.24  ? 790 HIS A CA  1 
ATOM   577 C C   . HIS A 1 74  ? -12.881 -5.033  -12.962 1.00 57.17  ? 790 HIS A C   1 
ATOM   578 O O   . HIS A 1 74  ? -13.906 -5.724  -12.941 1.00 62.04  ? 790 HIS A O   1 
ATOM   579 C CB  . HIS A 1 74  ? -11.498 -6.911  -12.015 1.00 50.64  ? 790 HIS A CB  1 
ATOM   580 C CG  . HIS A 1 74  ? -10.345 -7.836  -12.240 1.00 56.05  ? 790 HIS A CG  1 
ATOM   581 N ND1 . HIS A 1 74  ? -9.031  -7.432  -12.116 1.00 77.98  ? 790 HIS A ND1 1 
ATOM   582 C CD2 . HIS A 1 74  ? -10.301 -9.142  -12.595 1.00 73.45  ? 790 HIS A CD2 1 
ATOM   583 C CE1 . HIS A 1 74  ? -8.231  -8.449  -12.377 1.00 66.36  ? 790 HIS A CE1 1 
ATOM   584 N NE2 . HIS A 1 74  ? -8.978  -9.501  -12.669 1.00 63.66  ? 790 HIS A NE2 1 
ATOM   585 N N   . GLY A 1 75  ? -12.916 -3.704  -12.981 1.00 56.61  ? 791 GLY A N   1 
ATOM   586 C CA  . GLY A 1 75  ? -14.139 -2.975  -13.250 1.00 63.27  ? 791 GLY A CA  1 
ATOM   587 C C   . GLY A 1 75  ? -15.022 -2.665  -12.063 1.00 70.25  ? 791 GLY A C   1 
ATOM   588 O O   . GLY A 1 75  ? -16.225 -2.449  -12.252 1.00 86.92  ? 791 GLY A O   1 
ATOM   589 N N   . ALA A 1 76  ? -14.475 -2.618  -10.852 1.00 61.71  ? 792 ALA A N   1 
ATOM   590 C CA  . ALA A 1 76  ? -15.258 -2.326  -9.660  1.00 67.41  ? 792 ALA A CA  1 
ATOM   591 C C   . ALA A 1 76  ? -14.647 -1.150  -8.915  1.00 60.50  ? 792 ALA A C   1 
ATOM   592 O O   . ALA A 1 76  ? -13.425 -1.076  -8.750  1.00 71.25  ? 792 ALA A O   1 
ATOM   593 C CB  . ALA A 1 76  ? -15.341 -3.542  -8.735  1.00 61.47  ? 792 ALA A CB  1 
ATOM   594 N N   . LYS A 1 77  ? -15.500 -0.230  -8.480  1.00 58.16  ? 793 LYS A N   1 
ATOM   595 C CA  . LYS A 1 77  ? -15.056 0.863   -7.628  1.00 63.37  ? 793 LYS A CA  1 
ATOM   596 C C   . LYS A 1 77  ? -14.530 0.287   -6.322  1.00 57.53  ? 793 LYS A C   1 
ATOM   597 O O   . LYS A 1 77  ? -15.286 -0.381  -5.596  1.00 58.14  ? 793 LYS A O   1 
ATOM   598 C CB  . LYS A 1 77  ? -16.196 1.843   -7.366  1.00 62.93  ? 793 LYS A CB  1 
ATOM   599 C CG  . LYS A 1 77  ? -16.697 2.565   -8.609  1.00 70.64  ? 793 LYS A CG  1 
ATOM   600 C CD  . LYS A 1 77  ? -17.867 3.480   -8.281  1.00 66.79  ? 793 LYS A CD  1 
ATOM   601 C CE  . LYS A 1 77  ? -18.609 3.917   -9.538  1.00 74.39  ? 793 LYS A CE  1 
ATOM   602 N NZ  . LYS A 1 77  ? -17.737 4.668   -10.483 1.00 90.53  ? 793 LYS A NZ  1 
ATOM   603 N N   . PRO A 1 78  ? -13.256 0.497   -5.980  1.00 61.63  ? 794 PRO A N   1 
ATOM   604 C CA  . PRO A 1 78  ? -12.682 -0.194  -4.815  1.00 60.42  ? 794 PRO A CA  1 
ATOM   605 C C   . PRO A 1 78  ? -13.352 0.168   -3.500  1.00 57.12  ? 794 PRO A C   1 
ATOM   606 O O   . PRO A 1 78  ? -13.542 -0.707  -2.646  1.00 52.21  ? 794 PRO A O   1 
ATOM   607 C CB  . PRO A 1 78  ? -11.209 0.239   -4.841  1.00 74.78  ? 794 PRO A CB  1 
ATOM   608 C CG  . PRO A 1 78  ? -10.965 0.699   -6.250  1.00 81.12  ? 794 PRO A CG  1 
ATOM   609 C CD  . PRO A 1 78  ? -12.254 1.304   -6.700  1.00 69.78  ? 794 PRO A CD  1 
ATOM   610 N N   . ALA A 1 79  ? -13.725 1.436   -3.313  1.00 47.04  ? 795 ALA A N   1 
ATOM   611 C CA  . ALA A 1 79  ? -14.385 1.848   -2.080  1.00 41.41  ? 795 ALA A CA  1 
ATOM   612 C C   . ALA A 1 79  ? -15.746 1.191   -1.892  1.00 58.08  ? 795 ALA A C   1 
ATOM   613 O O   . ALA A 1 79  ? -16.323 1.304   -0.805  1.00 64.46  ? 795 ALA A O   1 
ATOM   614 C CB  . ALA A 1 79  ? -14.539 3.369   -2.048  1.00 45.30  ? 795 ALA A CB  1 
ATOM   615 N N   . ALA A 1 80  ? -16.266 0.507   -2.911  1.00 40.57  ? 796 ALA A N   1 
ATOM   616 C CA  . ALA A 1 80  ? -17.565 -0.141  -2.830  1.00 34.51  ? 796 ALA A CA  1 
ATOM   617 C C   . ALA A 1 80  ? -17.483 -1.617  -2.465  1.00 32.97  ? 796 ALA A C   1 
ATOM   618 O O   . ALA A 1 80  ? -18.511 -2.208  -2.123  1.00 48.37  ? 796 ALA A O   1 
ATOM   619 C CB  . ALA A 1 80  ? -18.313 0.008   -4.161  1.00 37.49  ? 796 ALA A CB  1 
ATOM   620 N N   . VAL A 1 81  ? -16.300 -2.226  -2.524  1.00 39.25  ? 797 VAL A N   1 
ATOM   621 C CA  . VAL A 1 81  ? -16.177 -3.660  -2.278  1.00 50.66  ? 797 VAL A CA  1 
ATOM   622 C C   . VAL A 1 81  ? -15.263 -3.930  -1.087  1.00 41.33  ? 797 VAL A C   1 
ATOM   623 O O   . VAL A 1 81  ? -15.420 -4.943  -0.396  1.00 46.70  ? 797 VAL A O   1 
ATOM   624 C CB  . VAL A 1 81  ? -15.676 -4.394  -3.536  1.00 49.45  ? 797 VAL A CB  1 
ATOM   625 C CG1 . VAL A 1 81  ? -16.691 -4.272  -4.661  1.00 48.22  ? 797 VAL A CG1 1 
ATOM   626 C CG2 . VAL A 1 81  ? -14.326 -3.848  -3.974  1.00 58.62  ? 797 VAL A CG2 1 
ATOM   627 N N   . ILE A 1 82  ? -14.302 -3.039  -0.839  1.00 25.56  ? 798 ILE A N   1 
ATOM   628 C CA  . ILE A 1 82  ? -13.389 -3.193  0.291   1.00 51.23  ? 798 ILE A CA  1 
ATOM   629 C C   . ILE A 1 82  ? -13.231 -1.860  1.014   1.00 50.54  ? 798 ILE A C   1 
ATOM   630 O O   . ILE A 1 82  ? -12.246 -1.649  1.729   1.00 55.03  ? 798 ILE A O   1 
ATOM   631 C CB  . ILE A 1 82  ? -12.014 -3.730  -0.155  1.00 41.31  ? 798 ILE A CB  1 
ATOM   632 C CG1 . ILE A 1 82  ? -11.351 -2.750  -1.125  1.00 33.57  ? 798 ILE A CG1 1 
ATOM   633 C CG2 . ILE A 1 82  ? -12.139 -5.126  -0.761  1.00 25.55  ? 798 ILE A CG2 1 
ATOM   634 C CD1 . ILE A 1 82  ? -9.880  -2.998  -1.324  1.00 44.07  ? 798 ILE A CD1 1 
ATOM   635 N N   . GLY A 1 83  ? -14.198 -0.954  0.833   1.00 50.65  ? 799 GLY A N   1 
ATOM   636 C CA  . GLY A 1 83  ? -14.080 0.372   1.420   1.00 49.32  ? 799 GLY A CA  1 
ATOM   637 C C   . GLY A 1 83  ? -13.949 0.350   2.932   1.00 47.62  ? 799 GLY A C   1 
ATOM   638 O O   . GLY A 1 83  ? -13.227 1.164   3.510   1.00 47.41  ? 799 GLY A O   1 
ATOM   639 N N   . GLN A 1 84  ? -14.642 -0.582  3.591   1.00 47.75  ? 800 GLN A N   1 
ATOM   640 C CA  . GLN A 1 84  ? -14.600 -0.650  5.047   1.00 40.40  ? 800 GLN A CA  1 
ATOM   641 C C   . GLN A 1 84  ? -13.275 -1.196  5.564   1.00 40.89  ? 800 GLN A C   1 
ATOM   642 O O   . GLN A 1 84  ? -12.925 -0.941  6.719   1.00 48.02  ? 800 GLN A O   1 
ATOM   643 C CB  . GLN A 1 84  ? -15.752 -1.514  5.569   1.00 46.17  ? 800 GLN A CB  1 
ATOM   644 C CG  . GLN A 1 84  ? -17.107 -1.243  4.918   1.00 68.68  ? 800 GLN A CG  1 
ATOM   645 C CD  . GLN A 1 84  ? -17.312 -2.017  3.622   1.00 80.65  ? 800 GLN A CD  1 
ATOM   646 O OE1 . GLN A 1 84  ? -16.352 -2.453  2.983   1.00 73.24  ? 800 GLN A OE1 1 
ATOM   647 N NE2 . GLN A 1 84  ? -18.571 -2.193  3.231   1.00 79.12  ? 800 GLN A NE2 1 
ATOM   648 N N   . SER A 1 85  ? -12.537 -1.937  4.744   1.00 47.69  ? 801 SER A N   1 
ATOM   649 C CA  . SER A 1 85  ? -11.285 -2.550  5.164   1.00 44.46  ? 801 SER A CA  1 
ATOM   650 C C   . SER A 1 85  ? -10.074 -1.668  4.900   1.00 45.40  ? 801 SER A C   1 
ATOM   651 O O   . SER A 1 85  ? -8.948  -2.084  5.186   1.00 56.23  ? 801 SER A O   1 
ATOM   652 C CB  . SER A 1 85  ? -11.095 -3.898  4.460   1.00 39.80  ? 801 SER A CB  1 
ATOM   653 O OG  . SER A 1 85  ? -12.192 -4.762  4.709   1.00 50.23  ? 801 SER A OG  1 
ATOM   654 N N   . LEU A 1 86  ? -10.271 -0.469  4.364   1.00 45.08  ? 802 LEU A N   1 
ATOM   655 C CA  . LEU A 1 86  ? -9.152  0.387   4.009   1.00 43.46  ? 802 LEU A CA  1 
ATOM   656 C C   . LEU A 1 86  ? -8.670  1.181   5.217   1.00 41.09  ? 802 LEU A C   1 
ATOM   657 O O   . LEU A 1 86  ? -9.451  1.559   6.094   1.00 46.43  ? 802 LEU A O   1 
ATOM   658 C CB  . LEU A 1 86  ? -9.549  1.343   2.883   1.00 45.41  ? 802 LEU A CB  1 
ATOM   659 C CG  . LEU A 1 86  ? -9.898  0.700   1.539   1.00 44.78  ? 802 LEU A CG  1 
ATOM   660 C CD1 . LEU A 1 86  ? -10.316 1.765   0.537   1.00 46.00  ? 802 LEU A CD1 1 
ATOM   661 C CD2 . LEU A 1 86  ? -8.727  -0.116  1.008   1.00 37.12  ? 802 LEU A CD2 1 
ATOM   662 N N   . GLY A 1 87  ? -7.366  1.427   5.256   1.00 45.76  ? 803 GLY A N   1 
ATOM   663 C CA  . GLY A 1 87  ? -6.802  2.319   6.243   1.00 29.10  ? 803 GLY A CA  1 
ATOM   664 C C   . GLY A 1 87  ? -7.183  3.757   5.950   1.00 44.75  ? 803 GLY A C   1 
ATOM   665 O O   . GLY A 1 87  ? -7.796  4.082   4.933   1.00 44.81  ? 803 GLY A O   1 
ATOM   666 N N   . GLU A 1 88  ? -6.800  4.641   6.875   1.00 40.20  ? 804 GLU A N   1 
ATOM   667 C CA  . GLU A 1 88  ? -7.130  6.058   6.732   1.00 53.63  ? 804 GLU A CA  1 
ATOM   668 C C   . GLU A 1 88  ? -6.607  6.625   5.418   1.00 53.66  ? 804 GLU A C   1 
ATOM   669 O O   . GLU A 1 88  ? -7.308  7.382   4.736   1.00 62.70  ? 804 GLU A O   1 
ATOM   670 C CB  . GLU A 1 88  ? -6.568  6.845   7.916   1.00 46.68  ? 804 GLU A CB  1 
ATOM   671 C CG  . GLU A 1 88  ? -7.087  8.268   8.025   1.00 75.05  ? 804 GLU A CG  1 
ATOM   672 C CD  . GLU A 1 88  ? -6.576  8.970   9.267   1.00 88.98  ? 804 GLU A CD  1 
ATOM   673 O OE1 . GLU A 1 88  ? -5.615  8.461   9.883   1.00 98.89  ? 804 GLU A OE1 1 
ATOM   674 O OE2 . GLU A 1 88  ? -7.133  10.027  9.631   1.00 83.91  ? 804 GLU A OE2 1 
ATOM   675 N N   . ALA A 1 89  ? -5.387  6.252   5.035   1.00 46.27  ? 805 ALA A N   1 
ATOM   676 C CA  . ALA A 1 89  ? -4.766  6.802   3.835   1.00 54.69  ? 805 ALA A CA  1 
ATOM   677 C C   . ALA A 1 89  ? -5.320  6.176   2.560   1.00 50.17  ? 805 ALA A C   1 
ATOM   678 O O   . ALA A 1 89  ? -5.665  6.892   1.612   1.00 60.19  ? 805 ALA A O   1 
ATOM   679 C CB  . ALA A 1 89  ? -3.259  6.607   3.904   1.00 38.12  ? 805 ALA A CB  1 
ATOM   680 N N   . ALA A 1 90  ? -5.397  4.843   2.517   1.00 45.18  ? 806 ALA A N   1 
ATOM   681 C CA  . ALA A 1 90  ? -5.957  4.175   1.346   1.00 40.88  ? 806 ALA A CA  1 
ATOM   682 C C   . ALA A 1 90  ? -7.411  4.577   1.129   1.00 49.98  ? 806 ALA A C   1 
ATOM   683 O O   . ALA A 1 90  ? -7.860  4.709   -0.015  1.00 53.10  ? 806 ALA A O   1 
ATOM   684 C CB  . ALA A 1 90  ? -5.829  2.657   1.484   1.00 39.39  ? 806 ALA A CB  1 
ATOM   685 N N   . SER A 1 91  ? -8.165  4.785   2.213   1.00 52.50  ? 807 SER A N   1 
ATOM   686 C CA  . SER A 1 91  ? -9.541  5.252   2.059   1.00 60.29  ? 807 SER A CA  1 
ATOM   687 C C   . SER A 1 91  ? -9.575  6.713   1.633   1.00 58.34  ? 807 SER A C   1 
ATOM   688 O O   . SER A 1 91  ? -10.453 7.123   0.864   1.00 45.15  ? 807 SER A O   1 
ATOM   689 C CB  . SER A 1 91  ? -10.323 5.060   3.357   1.00 39.29  ? 807 SER A CB  1 
ATOM   690 O OG  . SER A 1 91  ? -9.831  5.914   4.372   1.00 60.47  ? 807 SER A OG  1 
ATOM   691 N N   . ALA A 1 92  ? -8.640  7.518   2.142   1.00 47.87  ? 808 ALA A N   1 
ATOM   692 C CA  . ALA A 1 92  ? -8.530  8.896   1.679   1.00 47.06  ? 808 ALA A CA  1 
ATOM   693 C C   . ALA A 1 92  ? -8.234  8.957   0.187   1.00 53.82  ? 808 ALA A C   1 
ATOM   694 O O   . ALA A 1 92  ? -8.645  9.905   -0.489  1.00 58.74  ? 808 ALA A O   1 
ATOM   695 C CB  . ALA A 1 92  ? -7.449  9.630   2.469   1.00 45.63  ? 808 ALA A CB  1 
ATOM   696 N N   . TYR A 1 93  ? -7.537  7.949   -0.343  1.00 54.92  ? 809 TYR A N   1 
ATOM   697 C CA  . TYR A 1 93  ? -7.219  7.903   -1.766  1.00 50.91  ? 809 TYR A CA  1 
ATOM   698 C C   . TYR A 1 93  ? -8.385  7.366   -2.588  1.00 46.96  ? 809 TYR A C   1 
ATOM   699 O O   . TYR A 1 93  ? -8.680  7.894   -3.666  1.00 67.68  ? 809 TYR A O   1 
ATOM   700 C CB  . TYR A 1 93  ? -5.971  7.044   -1.987  1.00 59.44  ? 809 TYR A CB  1 
ATOM   701 C CG  . TYR A 1 93  ? -5.702  6.671   -3.430  1.00 51.97  ? 809 TYR A CG  1 
ATOM   702 C CD1 . TYR A 1 93  ? -5.123  7.581   -4.304  1.00 49.09  ? 809 TYR A CD1 1 
ATOM   703 C CD2 . TYR A 1 93  ? -6.009  5.402   -3.914  1.00 34.92  ? 809 TYR A CD2 1 
ATOM   704 C CE1 . TYR A 1 93  ? -4.869  7.248   -5.619  1.00 36.42  ? 809 TYR A CE1 1 
ATOM   705 C CE2 . TYR A 1 93  ? -5.755  5.059   -5.229  1.00 45.99  ? 809 TYR A CE2 1 
ATOM   706 C CZ  . TYR A 1 93  ? -5.185  5.987   -6.077  1.00 46.34  ? 809 TYR A CZ  1 
ATOM   707 O OH  . TYR A 1 93  ? -4.929  5.657   -7.389  1.00 47.36  ? 809 TYR A OH  1 
ATOM   708 N N   . PHE A 1 94  ? -9.055  6.316   -2.101  1.00 49.56  ? 810 PHE A N   1 
ATOM   709 C CA  . PHE A 1 94  ? -10.117 5.683   -2.875  1.00 48.71  ? 810 PHE A CA  1 
ATOM   710 C C   . PHE A 1 94  ? -11.468 6.365   -2.680  1.00 55.73  ? 810 PHE A C   1 
ATOM   711 O O   . PHE A 1 94  ? -12.297 6.353   -3.597  1.00 60.74  ? 810 PHE A O   1 
ATOM   712 C CB  . PHE A 1 94  ? -10.224 4.198   -2.512  1.00 50.46  ? 810 PHE A CB  1 
ATOM   713 C CG  . PHE A 1 94  ? -9.144  3.345   -3.113  1.00 59.51  ? 810 PHE A CG  1 
ATOM   714 C CD1 . PHE A 1 94  ? -9.080  3.154   -4.480  1.00 52.45  ? 810 PHE A CD1 1 
ATOM   715 C CD2 . PHE A 1 94  ? -8.198  2.728   -2.311  1.00 53.17  ? 810 PHE A CD2 1 
ATOM   716 C CE1 . PHE A 1 94  ? -8.091  2.372   -5.040  1.00 57.81  ? 810 PHE A CE1 1 
ATOM   717 C CE2 . PHE A 1 94  ? -7.206  1.941   -2.868  1.00 48.03  ? 810 PHE A CE2 1 
ATOM   718 C CZ  . PHE A 1 94  ? -7.155  1.764   -4.232  1.00 45.18  ? 810 PHE A CZ  1 
ATOM   719 N N   . ALA A 1 95  ? -11.713 6.960   -1.512  1.00 52.28  ? 811 ALA A N   1 
ATOM   720 C CA  . ALA A 1 95  ? -12.992 7.596   -1.223  1.00 49.56  ? 811 ALA A CA  1 
ATOM   721 C C   . ALA A 1 95  ? -12.917 9.110   -1.121  1.00 47.01  ? 811 ALA A C   1 
ATOM   722 O O   . ALA A 1 95  ? -13.897 9.782   -1.444  1.00 53.29  ? 811 ALA A O   1 
ATOM   723 C CB  . ALA A 1 95  ? -13.582 7.044   0.081   1.00 37.64  ? 811 ALA A CB  1 
ATOM   724 N N   . GLY A 1 96  ? -11.792 9.656   -0.670  1.00 45.64  ? 812 GLY A N   1 
ATOM   725 C CA  . GLY A 1 96  ? -11.626 11.086  -0.528  1.00 47.66  ? 812 GLY A CA  1 
ATOM   726 C C   . GLY A 1 96  ? -10.993 11.786  -1.706  1.00 46.55  ? 812 GLY A C   1 
ATOM   727 O O   . GLY A 1 96  ? -10.738 12.993  -1.633  1.00 56.73  ? 812 GLY A O   1 
ATOM   728 N N   . GLY A 1 97  ? -10.726 11.066  -2.793  1.00 45.78  ? 813 GLY A N   1 
ATOM   729 C CA  . GLY A 1 97  ? -10.120 11.670  -3.964  1.00 63.04  ? 813 GLY A CA  1 
ATOM   730 C C   . GLY A 1 97  ? -8.734  12.232  -3.745  1.00 65.13  ? 813 GLY A C   1 
ATOM   731 O O   . GLY A 1 97  ? -8.264  13.028  -4.563  1.00 76.62  ? 813 GLY A O   1 
ATOM   732 N N   . LEU A 1 98  ? -8.065  11.846  -2.662  1.00 58.58  ? 814 LEU A N   1 
ATOM   733 C CA  . LEU A 1 98  ? -6.726  12.346  -2.389  1.00 55.26  ? 814 LEU A CA  1 
ATOM   734 C C   . LEU A 1 98  ? -5.721  11.721  -3.348  1.00 65.29  ? 814 LEU A C   1 
ATOM   735 O O   . LEU A 1 98  ? -5.746  10.514  -3.602  1.00 62.77  ? 814 LEU A O   1 
ATOM   736 C CB  . LEU A 1 98  ? -6.328  12.044  -0.944  1.00 48.34  ? 814 LEU A CB  1 
ATOM   737 C CG  . LEU A 1 98  ? -5.076  12.732  -0.400  1.00 63.56  ? 814 LEU A CG  1 
ATOM   738 C CD1 . LEU A 1 98  ? -5.303  14.231  -0.286  1.00 53.26  ? 814 LEU A CD1 1 
ATOM   739 C CD2 . LEU A 1 98  ? -4.673  12.143  0.944   1.00 48.08  ? 814 LEU A CD2 1 
ATOM   740 N N   . SER A 1 99  ? -4.834  12.557  -3.880  1.00 63.07  ? 815 SER A N   1 
ATOM   741 C CA  . SER A 1 99  ? -3.826  12.086  -4.817  1.00 65.75  ? 815 SER A CA  1 
ATOM   742 C C   . SER A 1 99  ? -2.854  11.138  -4.124  1.00 56.82  ? 815 SER A C   1 
ATOM   743 O O   . SER A 1 99  ? -2.591  11.247  -2.923  1.00 55.14  ? 815 SER A O   1 
ATOM   744 C CB  . SER A 1 99  ? -3.067  13.269  -5.423  1.00 72.65  ? 815 SER A CB  1 
ATOM   745 O OG  . SER A 1 99  ? -2.317  13.963  -4.436  1.00 69.24  ? 815 SER A OG  1 
ATOM   746 N N   . LEU A 1 100 ? -2.323  10.188  -4.899  1.00 58.58  ? 816 LEU A N   1 
ATOM   747 C CA  . LEU A 1 100 ? -1.392  9.214   -4.338  1.00 68.03  ? 816 LEU A CA  1 
ATOM   748 C C   . LEU A 1 100 ? -0.166  9.891   -3.739  1.00 67.07  ? 816 LEU A C   1 
ATOM   749 O O   . LEU A 1 100 ? 0.365   9.429   -2.722  1.00 68.61  ? 816 LEU A O   1 
ATOM   750 C CB  . LEU A 1 100 ? -0.971  8.210   -5.410  1.00 44.55  ? 816 LEU A CB  1 
ATOM   751 C CG  . LEU A 1 100 ? -0.413  6.872   -4.925  1.00 56.84  ? 816 LEU A CG  1 
ATOM   752 C CD1 . LEU A 1 100 ? -1.471  6.118   -4.134  1.00 65.41  ? 816 LEU A CD1 1 
ATOM   753 C CD2 . LEU A 1 100 ? 0.073   6.039   -6.099  1.00 57.23  ? 816 LEU A CD2 1 
ATOM   754 N N   . ARG A 1 101 ? 0.218   11.002  -4.290  1.00 56.54  ? 817 ARG A N   1 
ATOM   755 C CA  . ARG A 1 101 ? 1.310   11.718  -3.767  1.00 74.76  ? 817 ARG A CA  1 
ATOM   756 C C   . ARG A 1 101 ? 1.020   12.239  -2.390  1.00 73.89  ? 817 ARG A C   1 
ATOM   757 O O   . ARG A 1 101 ? 1.712   11.926  -1.472  1.00 75.45  ? 817 ARG A O   1 
ATOM   758 C CB  . ARG A 1 101 ? 1.621   12.867  -4.697  1.00 87.22  ? 817 ARG A CB  1 
ATOM   759 C CG  . ARG A 1 101 ? 3.092   13.188  -4.826  1.00 94.56  ? 817 ARG A CG  1 
ATOM   760 C CD  . ARG A 1 101 ? 3.636   12.838  -6.198  1.00 119.05 ? 817 ARG A CD  1 
ATOM   761 N NE  . ARG A 1 101 ? 4.908   12.127  -6.111  1.00 130.27 ? 817 ARG A NE  1 
ATOM   762 C CZ  . ARG A 1 101 ? 6.075   12.633  -6.473  1.00 121.07 ? 817 ARG A CZ  1 
ATOM   763 N NH1 . ARG A 1 101 ? 6.140   13.854  -6.958  1.00 109.71 ? 817 ARG A NH1 1 
ATOM   764 N NH2 . ARG A 1 101 ? 7.173   11.920  -6.356  1.00 118.93 ? 817 ARG A NH2 1 
ATOM   765 N N   . ASP A 1 102 ? -0.003  13.052  -2.251  1.00 71.14  ? 818 ASP A N   1 
ATOM   766 C CA  . ASP A 1 102 ? -0.373  13.624  -0.961  1.00 73.07  ? 818 ASP A CA  1 
ATOM   767 C C   . ASP A 1 102 ? -0.701  12.549  0.066   1.00 64.68  ? 818 ASP A C   1 
ATOM   768 O O   . ASP A 1 102 ? -0.468  12.744  1.265   1.00 70.22  ? 818 ASP A O   1 
ATOM   769 C CB  . ASP A 1 102 ? -1.564  14.570  -1.128  1.00 79.74  ? 818 ASP A CB  1 
ATOM   770 C CG  . ASP A 1 102 ? -1.271  15.709  -2.084  1.00 95.69  ? 818 ASP A CG  1 
ATOM   771 O OD1 . ASP A 1 102 ? -0.157  15.735  -2.655  1.00 94.18  ? 818 ASP A OD1 1 
ATOM   772 O OD2 . ASP A 1 102 ? -2.152  16.580  -2.264  1.00 98.53  ? 818 ASP A OD2 1 
ATOM   773 N N   . ALA A 1 103 ? -1.249  11.416  -0.377  1.00 58.48  ? 819 ALA A N   1 
ATOM   774 C CA  . ALA A 1 103 ? -1.479  10.308  0.544   1.00 63.66  ? 819 ALA A CA  1 
ATOM   775 C C   . ALA A 1 103 ? -0.157  9.744   1.053   1.00 70.45  ? 819 ALA A C   1 
ATOM   776 O O   . ALA A 1 103 ? 0.023   9.552   2.262   1.00 74.22  ? 819 ALA A O   1 
ATOM   777 C CB  . ALA A 1 103 ? -2.306  9.216   -0.133  1.00 51.29  ? 819 ALA A CB  1 
ATOM   778 N N   . THR A 1 104 ? 0.788   9.494   0.139   1.00 75.77  ? 820 THR A N   1 
ATOM   779 C CA  . THR A 1 104 ? 2.083   8.944   0.533   1.00 64.99  ? 820 THR A CA  1 
ATOM   780 C C   . THR A 1 104 ? 2.787   9.853   1.530   1.00 64.38  ? 820 THR A C   1 
ATOM   781 O O   . THR A 1 104 ? 3.216   9.404   2.598   1.00 73.43  ? 820 THR A O   1 
ATOM   782 C CB  . THR A 1 104 ? 2.968   8.717   -0.694  1.00 78.69  ? 820 THR A CB  1 
ATOM   783 O OG1 . THR A 1 104 ? 2.918   9.871   -1.542  1.00 99.89  ? 820 THR A OG1 1 
ATOM   784 C CG2 . THR A 1 104 ? 2.513   7.486   -1.466  1.00 64.90  ? 820 THR A CG2 1 
ATOM   785 N N   . ARG A 1 105 ? 2.906   11.144  1.208   1.00 62.27  ? 821 ARG A N   1 
ATOM   786 C CA  . ARG A 1 105 ? 3.538   12.049  2.162   1.00 77.88  ? 821 ARG A CA  1 
ATOM   787 C C   . ARG A 1 105 ? 2.658   12.311  3.381   1.00 74.58  ? 821 ARG A C   1 
ATOM   788 O O   . ARG A 1 105 ? 3.148   12.846  4.382   1.00 82.07  ? 821 ARG A O   1 
ATOM   789 C CB  . ARG A 1 105 ? 3.924   13.364  1.479   1.00 73.19  ? 821 ARG A CB  1 
ATOM   790 C CG  . ARG A 1 105 ? 2.844   13.981  0.613   1.00 84.78  ? 821 ARG A CG  1 
ATOM   791 C CD  . ARG A 1 105 ? 3.152   15.448  0.333   1.00 95.32  ? 821 ARG A CD  1 
ATOM   792 N NE  . ARG A 1 105 ? 3.955   15.668  -0.867  1.00 97.57  ? 821 ARG A NE  1 
ATOM   793 C CZ  . ARG A 1 105 ? 4.546   16.823  -1.156  1.00 112.04 ? 821 ARG A CZ  1 
ATOM   794 N NH1 . ARG A 1 105 ? 4.434   17.854  -0.325  1.00 113.46 ? 821 ARG A NH1 1 
ATOM   795 N NH2 . ARG A 1 105 ? 5.258   16.948  -2.270  1.00 115.80 ? 821 ARG A NH2 1 
ATOM   796 N N   . ALA A 1 106 ? 1.379   11.926  3.327   1.00 73.75  ? 822 ALA A N   1 
ATOM   797 C CA  . ALA A 1 106 ? 0.517   12.056  4.495   1.00 64.62  ? 822 ALA A CA  1 
ATOM   798 C C   . ALA A 1 106 ? 0.769   10.931  5.490   1.00 67.44  ? 822 ALA A C   1 
ATOM   799 O O   . ALA A 1 106 ? 0.703   11.144  6.706   1.00 65.76  ? 822 ALA A O   1 
ATOM   800 C CB  . ALA A 1 106 ? -0.954  12.084  4.068   1.00 63.61  ? 822 ALA A CB  1 
ATOM   801 N N   . ILE A 1 107 ? 1.129   9.762   5.030   1.00 65.21  ? 823 ILE A N   1 
ATOM   802 C CA  . ILE A 1 107 ? 1.407   8.724   5.988   1.00 70.37  ? 823 ILE A CA  1 
ATOM   803 C C   . ILE A 1 107 ? 2.827   8.774   6.449   1.00 80.19  ? 823 ILE A C   1 
ATOM   804 O O   . ILE A 1 107 ? 3.183   8.147   7.402   1.00 69.60  ? 823 ILE A O   1 
ATOM   805 C CB  . ILE A 1 107 ? 1.209   7.312   5.491   1.00 62.42  ? 823 ILE A CB  1 
ATOM   806 C CG1 . ILE A 1 107 ? -0.193  6.992   5.183   1.00 92.65  ? 823 ILE A CG1 1 
ATOM   807 C CG2 . ILE A 1 107 ? 1.665   6.315   6.508   1.00 67.25  ? 823 ILE A CG2 1 
ATOM   808 C CD1 . ILE A 1 107 ? -0.198  5.697   4.464   1.00 86.21  ? 823 ILE A CD1 1 
ATOM   809 N N   . CYS A 1 108 ? 3.643   9.596   5.834   1.00 86.33  ? 824 CYS A N   1 
ATOM   810 C CA  . CYS A 1 108 ? 4.996   9.734   6.289   1.00 96.76  ? 824 CYS A CA  1 
ATOM   811 C C   . CYS A 1 108 ? 4.994   10.928  7.171   1.00 105.64 ? 824 CYS A C   1 
ATOM   812 O O   . CYS A 1 108 ? 4.559   11.954  6.748   1.00 107.64 ? 824 CYS A O   1 
ATOM   813 C CB  . CYS A 1 108 ? 5.920   10.055  5.137   1.00 93.30  ? 824 CYS A CB  1 
ATOM   814 S SG  . CYS A 1 108 ? 5.802   8.996   3.703   1.00 108.98 ? 824 CYS A SG  1 
ATOM   815 N N   . SER A 1 109 ? 5.478   10.826  8.391   1.00 102.69 ? 825 SER A N   1 
ATOM   816 C CA  . SER A 1 109 ? 5.532   11.967  9.274   1.00 114.82 ? 825 SER A CA  1 
ATOM   817 C C   . SER A 1 109 ? 5.852   11.470  10.641  1.00 115.87 ? 825 SER A C   1 
ATOM   818 O O   . SER A 1 109 ? 5.117   10.640  11.125  1.00 105.42 ? 825 SER A O   1 
ATOM   819 C CB  . SER A 1 109 ? 4.188   12.644  9.315   1.00 116.09 ? 825 SER A CB  1 
ATOM   820 O OG  . SER A 1 109 ? 3.889   13.219  8.074   1.00 83.09  ? 825 SER A OG  1 
ATOM   821 N N   . ARG A 1 110 ? 6.912   11.932  11.303  1.00 112.30 ? 826 ARG A N   1 
ATOM   822 C CA  . ARG A 1 110 ? 7.892   12.914  10.846  1.00 115.61 ? 826 ARG A CA  1 
ATOM   823 C C   . ARG A 1 110 ? 7.485   14.363  11.084  1.00 118.14 ? 826 ARG A C   1 
ATOM   824 O O   . ARG A 1 110 ? 8.233   15.280  10.840  1.00 117.85 ? 826 ARG A O   1 
ATOM   825 C CB  . ARG A 1 110 ? 8.282   12.680  9.394   1.00 121.89 ? 826 ARG A CB  1 
ATOM   826 C CG  . ARG A 1 110 ? 8.966   11.357  9.126   1.00 101.73 ? 826 ARG A CG  1 
ATOM   827 C CD  . ARG A 1 110 ? 9.971   11.034  10.197  1.00 101.94 ? 826 ARG A CD  1 
ATOM   828 N NE  . ARG A 1 110 ? 11.215  10.561  9.626   1.00 107.09 ? 826 ARG A NE  1 
ATOM   829 C CZ  . ARG A 1 110 ? 11.335  9.433   8.957   1.00 102.57 ? 826 ARG A CZ  1 
ATOM   830 N NH1 . ARG A 1 110 ? 10.287  8.659   8.777   1.00 95.70  ? 826 ARG A NH1 1 
ATOM   831 N NH2 . ARG A 1 110 ? 12.499  9.082   8.473   1.00 98.01  ? 826 ARG A NH2 1 
ATOM   832 N N   . SER A 1 111 ? 6.280   14.528  11.579  1.00 124.22 ? 827 SER A N   1 
ATOM   833 C CA  . SER A 1 111 ? 5.621   15.796  11.890  1.00 115.04 ? 827 SER A CA  1 
ATOM   834 C C   . SER A 1 111 ? 4.221   15.515  12.421  1.00 99.63  ? 827 SER A C   1 
ATOM   835 O O   . SER A 1 111 ? 3.792   16.100  13.416  1.00 91.58  ? 827 SER A O   1 
ATOM   836 C CB  . SER A 1 111 ? 5.541   16.715  10.664  1.00 114.40 ? 827 SER A CB  1 
ATOM   837 O OG  . SER A 1 111 ? 4.744   16.152  9.639   1.00 110.36 ? 827 SER A OG  1 
HETATM 838 O O   . HOH B 2 .   ? -16.880 -0.572  -11.760 1.00 60.07  ? 901 HOH A O   1 
HETATM 839 O O   . HOH B 2 .   ? 3.833   -4.343  12.162  1.00 30.00  ? 902 HOH A O   1 
HETATM 840 O O   . HOH B 2 .   ? -4.789  15.252  -4.087  1.00 58.62  ? 903 HOH A O   1 
HETATM 841 O O   . HOH B 2 .   ? -6.754  3.758   -11.918 1.00 59.52  ? 904 HOH A O   1 
# 
